data_9QH3
#
_entry.id   9QH3
#
_cell.length_a   1.00
_cell.length_b   1.00
_cell.length_c   1.00
_cell.angle_alpha   90.00
_cell.angle_beta   90.00
_cell.angle_gamma   90.00
#
_symmetry.space_group_name_H-M   'P 1'
#
loop_
_entity.id
_entity.type
_entity.pdbx_description
1 polymer 'Polyribonucleotide nucleotidyltransferase'
2 polymer 'Ribonuclease E'
3 non-polymer "ADENOSINE-5'-MONOPHOSPHATE"
4 water water
#
loop_
_entity_poly.entity_id
_entity_poly.type
_entity_poly.pdbx_seq_one_letter_code
_entity_poly.pdbx_strand_id
1 'polypeptide(L)'
;MNPVTKQFQFGQSTVTLETGRIARQATGAVLVTMDDVSVLVTVVGAKSPAEGRDFFPLSVHYQEKTYAAGRIPGGFFKRE
GRPSEKETLTSRLIDRPIRPLFPEGFMNEVQVVCTVVSTNKKSDPDIAAMIGTSAALAISGIPFAGPIGAARVGFHPEIG
YILNPTYEQLQSSSLDMVVAGTEDAVLMVESEADELTEDQMLGAVLFAHDEFQAVIRAVKELAAEAGKPAWDWKAPAENT
VLVNAIKAELGEAISQAYTITIKQDRYNRLGELRDQAVALFAGEEEGKFPASEVKDVFGLLEYRTVRENIVNGKPRIDGR
DTRTVRPLRIEVGVLGKTHGSALFTRGETQALVVATLGTARDAQLLDTLEGERKDAFMLHYNFPPFSVGECGRMGSPGRR
EIGHGRLARRGVAAMLPTQDEFPYTIRVVSEITESNGSSSMASVCGASLALMDAGVPVKAPVAGIAMGLVKEGEKFAVLT
DILGDEDHLGDMDFKVAGTDKGVTALQMDIKINGITEEIMEIALGQALEARLNILGQMNQVIAKPRAELSENAP
;
A,B,C
2 'polypeptide(L)' VPANATGRALNDPREKRRLQREAER D
#
# COMPACT_ATOMS: atom_id res chain seq x y z
N ASN A 2 -39.00 10.86 13.31
CA ASN A 2 -37.77 11.40 12.73
C ASN A 2 -37.46 10.73 11.39
N PRO A 3 -37.52 9.40 11.31
CA PRO A 3 -37.34 8.73 10.01
C PRO A 3 -38.34 9.25 8.98
N VAL A 4 -37.79 9.88 7.93
CA VAL A 4 -38.57 10.42 6.82
C VAL A 4 -38.39 9.50 5.63
N THR A 5 -39.43 8.75 5.28
CA THR A 5 -39.39 7.79 4.19
C THR A 5 -40.16 8.36 3.01
N LYS A 6 -39.62 8.18 1.81
CA LYS A 6 -40.26 8.63 0.58
C LYS A 6 -40.35 7.46 -0.38
N GLN A 7 -41.51 7.26 -1.00
CA GLN A 7 -41.70 6.19 -1.96
C GLN A 7 -42.11 6.75 -3.32
N PHE A 8 -41.51 6.22 -4.38
CA PHE A 8 -41.87 6.67 -5.72
C PHE A 8 -41.76 5.50 -6.68
N GLN A 9 -42.29 5.69 -7.89
CA GLN A 9 -42.29 4.66 -8.93
C GLN A 9 -41.29 5.03 -10.02
N PHE A 10 -40.23 4.25 -10.13
CA PHE A 10 -39.21 4.41 -11.16
C PHE A 10 -39.46 3.30 -12.17
N GLY A 11 -40.18 3.63 -13.24
CA GLY A 11 -40.55 2.60 -14.19
C GLY A 11 -41.72 1.85 -13.60
N GLN A 12 -41.54 0.55 -13.43
CA GLN A 12 -42.48 -0.29 -12.71
C GLN A 12 -41.94 -0.71 -11.36
N SER A 13 -40.83 -0.12 -10.91
CA SER A 13 -40.18 -0.54 -9.67
C SER A 13 -40.46 0.49 -8.58
N THR A 14 -40.85 0.02 -7.40
CA THR A 14 -41.06 0.92 -6.27
C THR A 14 -39.72 1.18 -5.61
N VAL A 15 -39.34 2.45 -5.50
CA VAL A 15 -38.10 2.85 -4.86
C VAL A 15 -38.44 3.52 -3.55
N THR A 16 -37.76 3.11 -2.48
CA THR A 16 -37.94 3.65 -1.14
C THR A 16 -36.66 4.35 -0.71
N LEU A 17 -36.79 5.62 -0.33
CA LEU A 17 -35.68 6.47 0.09
C LEU A 17 -35.91 6.85 1.54
N GLU A 18 -35.24 6.17 2.47
CA GLU A 18 -35.43 6.44 3.89
C GLU A 18 -34.25 7.21 4.44
N THR A 19 -34.53 8.28 5.19
CA THR A 19 -33.50 9.07 5.84
C THR A 19 -33.89 9.27 7.30
N GLY A 20 -32.92 9.56 8.15
CA GLY A 20 -33.19 9.92 9.53
C GLY A 20 -32.80 8.87 10.56
N ARG A 21 -32.77 7.59 10.16
CA ARG A 21 -32.54 6.50 11.10
C ARG A 21 -31.10 6.02 11.13
N ILE A 22 -30.51 5.73 9.98
CA ILE A 22 -29.17 5.14 9.91
C ILE A 22 -28.18 6.24 9.56
N ALA A 23 -27.01 6.20 10.19
CA ALA A 23 -25.93 7.14 9.91
C ALA A 23 -26.40 8.59 10.03
N ARG A 24 -26.61 9.00 11.28
CA ARG A 24 -27.12 10.34 11.57
C ARG A 24 -26.01 11.34 11.89
N GLN A 25 -24.74 10.93 11.79
CA GLN A 25 -23.63 11.83 12.01
C GLN A 25 -22.93 12.23 10.71
N ALA A 26 -23.29 11.60 9.60
CA ALA A 26 -22.80 11.99 8.29
C ALA A 26 -23.57 13.22 7.82
N THR A 27 -23.00 13.94 6.86
CA THR A 27 -23.69 15.13 6.37
C THR A 27 -24.99 14.75 5.70
N GLY A 28 -24.99 13.67 4.93
CA GLY A 28 -26.21 13.12 4.38
C GLY A 28 -26.12 11.61 4.37
N ALA A 29 -27.26 10.95 4.60
CA ALA A 29 -27.28 9.50 4.54
C ALA A 29 -28.68 9.01 4.19
N VAL A 30 -28.79 8.23 3.13
CA VAL A 30 -30.07 7.70 2.68
C VAL A 30 -29.94 6.19 2.47
N LEU A 31 -31.01 5.47 2.78
CA LEU A 31 -31.11 4.04 2.48
C LEU A 31 -32.08 3.88 1.31
N VAL A 32 -31.58 3.41 0.18
CA VAL A 32 -32.37 3.22 -1.03
C VAL A 32 -32.69 1.75 -1.20
N THR A 33 -33.97 1.44 -1.35
CA THR A 33 -34.46 0.08 -1.59
C THR A 33 -35.19 0.08 -2.93
N MET A 34 -34.56 -0.53 -3.94
CA MET A 34 -35.11 -0.65 -5.28
C MET A 34 -35.10 -2.10 -5.72
N ASP A 35 -36.27 -2.73 -5.81
CA ASP A 35 -36.40 -4.09 -6.34
C ASP A 35 -35.67 -5.07 -5.43
N ASP A 36 -35.87 -4.94 -4.13
CA ASP A 36 -35.29 -5.85 -3.15
C ASP A 36 -33.78 -5.68 -3.07
N VAL A 37 -33.25 -4.57 -3.60
CA VAL A 37 -31.84 -4.25 -3.47
C VAL A 37 -31.74 -2.99 -2.62
N SER A 38 -31.15 -3.13 -1.43
CA SER A 38 -30.98 -2.04 -0.49
C SER A 38 -29.51 -1.65 -0.40
N VAL A 39 -29.26 -0.34 -0.54
CA VAL A 39 -27.93 0.26 -0.48
C VAL A 39 -27.98 1.45 0.45
N LEU A 40 -27.00 1.56 1.35
CA LEU A 40 -26.89 2.70 2.25
C LEU A 40 -25.82 3.64 1.72
N VAL A 41 -26.24 4.84 1.29
CA VAL A 41 -25.33 5.82 0.71
C VAL A 41 -25.13 6.96 1.70
N THR A 42 -23.88 7.29 1.98
CA THR A 42 -23.54 8.36 2.90
C THR A 42 -22.62 9.35 2.21
N VAL A 43 -22.74 10.62 2.58
CA VAL A 43 -21.92 11.70 2.06
C VAL A 43 -21.45 12.54 3.23
N VAL A 44 -20.14 12.61 3.43
CA VAL A 44 -19.54 13.47 4.45
C VAL A 44 -18.73 14.54 3.74
N GLY A 45 -18.94 15.80 4.13
CA GLY A 45 -18.19 16.90 3.57
C GLY A 45 -17.40 17.60 4.64
N ALA A 46 -16.10 17.83 4.38
CA ALA A 46 -15.28 18.58 5.30
C ALA A 46 -15.82 19.98 5.51
N LYS A 47 -15.74 20.46 6.75
CA LYS A 47 -16.36 21.71 7.14
C LYS A 47 -15.49 22.93 6.84
N SER A 48 -14.17 22.73 6.75
CA SER A 48 -13.21 23.74 6.40
C SER A 48 -12.37 23.28 5.22
N PRO A 49 -11.95 24.16 4.32
CA PRO A 49 -11.03 23.74 3.26
C PRO A 49 -9.63 23.64 3.83
N ALA A 50 -8.90 22.62 3.39
CA ALA A 50 -7.52 22.48 3.84
C ALA A 50 -6.66 23.65 3.36
N GLU A 51 -5.68 24.02 4.19
CA GLU A 51 -4.77 25.09 3.83
C GLU A 51 -3.85 24.64 2.71
N GLY A 52 -3.79 25.42 1.63
CA GLY A 52 -3.00 25.07 0.49
C GLY A 52 -3.68 24.13 -0.49
N ARG A 53 -4.91 23.70 -0.20
CA ARG A 53 -5.65 22.84 -1.11
C ARG A 53 -5.91 23.56 -2.43
N ASP A 54 -5.29 23.07 -3.50
CA ASP A 54 -5.45 23.65 -4.82
C ASP A 54 -6.30 22.79 -5.75
N PHE A 55 -6.83 21.67 -5.26
CA PHE A 55 -7.66 20.79 -6.05
C PHE A 55 -8.83 20.32 -5.19
N PHE A 56 -9.89 19.87 -5.86
CA PHE A 56 -11.09 19.42 -5.17
C PHE A 56 -10.97 17.94 -4.83
N PRO A 57 -10.82 17.57 -3.55
CA PRO A 57 -10.65 16.14 -3.20
C PRO A 57 -11.96 15.36 -3.02
N LEU A 58 -12.53 14.91 -4.14
CA LEU A 58 -13.76 14.13 -4.12
C LEU A 58 -13.41 12.64 -4.19
N SER A 59 -14.05 11.84 -3.35
CA SER A 59 -13.83 10.41 -3.31
C SER A 59 -15.17 9.68 -3.30
N VAL A 60 -15.27 8.61 -4.09
CA VAL A 60 -16.48 7.78 -4.14
C VAL A 60 -16.06 6.32 -3.92
N HIS A 61 -16.70 5.66 -2.96
CA HIS A 61 -16.37 4.29 -2.60
C HIS A 61 -17.64 3.43 -2.61
N TYR A 62 -17.86 2.71 -3.71
CA TYR A 62 -18.94 1.74 -3.80
C TYR A 62 -18.41 0.41 -3.26
N GLN A 63 -19.17 -0.21 -2.36
CA GLN A 63 -18.79 -1.47 -1.73
C GLN A 63 -19.94 -2.46 -1.78
N GLU A 64 -19.64 -3.70 -2.14
CA GLU A 64 -20.63 -4.78 -2.17
C GLU A 64 -20.32 -5.77 -1.07
N LYS A 65 -21.07 -5.72 0.03
CA LYS A 65 -20.83 -6.62 1.14
C LYS A 65 -21.47 -7.97 0.83
N THR A 66 -20.73 -9.06 1.07
CA THR A 66 -21.21 -10.37 0.65
C THR A 66 -22.38 -10.84 1.50
N TYR A 67 -22.52 -10.33 2.72
CA TYR A 67 -23.65 -10.72 3.55
C TYR A 67 -24.97 -10.26 2.96
N ALA A 68 -24.93 -9.28 2.05
CA ALA A 68 -26.14 -8.84 1.39
C ALA A 68 -26.73 -9.96 0.55
N ALA A 69 -25.90 -10.89 0.09
CA ALA A 69 -26.35 -12.01 -0.74
C ALA A 69 -26.50 -13.29 0.07
N GLY A 70 -26.33 -13.23 1.38
CA GLY A 70 -26.41 -14.43 2.20
C GLY A 70 -25.24 -15.36 2.01
N ARG A 71 -24.03 -14.81 1.87
CA ARG A 71 -22.84 -15.60 1.61
C ARG A 71 -21.71 -15.13 2.51
N ILE A 72 -20.77 -16.05 2.75
CA ILE A 72 -19.57 -15.73 3.52
C ILE A 72 -18.46 -15.48 2.50
N PRO A 73 -17.63 -14.45 2.67
CA PRO A 73 -16.67 -14.11 1.62
C PRO A 73 -15.73 -15.27 1.30
N GLY A 74 -15.43 -15.42 0.01
CA GLY A 74 -14.43 -16.38 -0.39
C GLY A 74 -13.03 -15.85 -0.18
N GLY A 75 -12.08 -16.76 -0.13
CA GLY A 75 -10.69 -16.41 0.10
C GLY A 75 -10.18 -16.95 1.42
N PHE A 76 -8.88 -16.80 1.61
CA PHE A 76 -8.23 -17.35 2.80
C PHE A 76 -8.67 -16.64 4.07
N PHE A 77 -8.98 -15.35 3.99
CA PHE A 77 -9.30 -14.56 5.17
C PHE A 77 -10.79 -14.40 5.41
N LYS A 78 -11.64 -14.82 4.48
CA LYS A 78 -13.08 -14.80 4.66
C LYS A 78 -13.59 -13.42 5.04
N ARG A 79 -12.94 -12.38 4.50
CA ARG A 79 -13.39 -11.01 4.71
C ARG A 79 -13.27 -10.26 3.39
N GLU A 80 -14.15 -9.29 3.18
CA GLU A 80 -14.06 -8.49 1.97
C GLU A 80 -12.77 -7.69 2.00
N GLY A 81 -12.11 -7.56 0.84
CA GLY A 81 -10.80 -6.94 0.83
C GLY A 81 -10.74 -5.78 -0.15
N ARG A 82 -9.60 -5.67 -0.81
CA ARG A 82 -9.39 -4.59 -1.76
C ARG A 82 -10.53 -4.56 -2.79
N PRO A 83 -10.98 -3.38 -3.20
CA PRO A 83 -12.06 -3.31 -4.20
C PRO A 83 -11.83 -4.23 -5.38
N SER A 84 -12.88 -4.93 -5.78
CA SER A 84 -12.87 -5.75 -6.97
C SER A 84 -12.92 -4.82 -8.19
N GLU A 85 -13.03 -5.40 -9.39
CA GLU A 85 -13.08 -4.58 -10.59
C GLU A 85 -14.47 -4.00 -10.80
N LYS A 86 -15.51 -4.71 -10.38
CA LYS A 86 -16.85 -4.17 -10.54
C LYS A 86 -17.09 -3.03 -9.57
N GLU A 87 -16.46 -3.08 -8.40
CA GLU A 87 -16.65 -2.02 -7.42
C GLU A 87 -15.84 -0.79 -7.78
N THR A 88 -14.75 -0.96 -8.53
CA THR A 88 -13.96 0.17 -8.97
C THR A 88 -14.62 0.83 -10.16
N LEU A 89 -15.25 0.02 -11.01
CA LEU A 89 -15.94 0.58 -12.16
C LEU A 89 -17.20 1.29 -11.70
N THR A 90 -17.92 0.74 -10.73
CA THR A 90 -19.08 1.43 -10.19
C THR A 90 -18.66 2.71 -9.47
N SER A 91 -17.56 2.65 -8.70
CA SER A 91 -17.08 3.85 -8.05
C SER A 91 -16.82 4.95 -9.06
N ARG A 92 -16.37 4.59 -10.26
CA ARG A 92 -16.04 5.62 -11.25
C ARG A 92 -17.25 6.00 -12.07
N LEU A 93 -18.27 5.15 -12.08
CA LEU A 93 -19.51 5.47 -12.76
C LEU A 93 -20.34 6.42 -11.91
N ILE A 94 -20.18 6.35 -10.59
CA ILE A 94 -20.84 7.30 -9.72
C ILE A 94 -20.03 8.59 -9.65
N ASP A 95 -18.69 8.47 -9.67
CA ASP A 95 -17.84 9.64 -9.55
C ASP A 95 -17.96 10.54 -10.78
N ARG A 96 -18.08 9.97 -11.97
CA ARG A 96 -18.04 10.78 -13.18
C ARG A 96 -19.15 11.81 -13.27
N PRO A 97 -20.42 11.48 -13.03
CA PRO A 97 -21.47 12.50 -13.14
C PRO A 97 -21.39 13.60 -12.09
N ILE A 98 -21.07 13.26 -10.84
CA ILE A 98 -21.24 14.22 -9.76
C ILE A 98 -20.13 15.25 -9.71
N ARG A 99 -18.91 14.89 -10.11
CA ARG A 99 -17.79 15.82 -9.99
C ARG A 99 -18.02 17.10 -10.78
N PRO A 100 -18.47 17.06 -12.04
CA PRO A 100 -18.77 18.30 -12.76
C PRO A 100 -19.82 19.19 -12.12
N LEU A 101 -20.54 18.72 -11.11
CA LEU A 101 -21.68 19.46 -10.59
C LEU A 101 -21.38 20.19 -9.28
N PHE A 102 -20.22 20.00 -8.71
CA PHE A 102 -19.85 20.81 -7.57
C PHE A 102 -19.39 22.19 -8.06
N PRO A 103 -19.76 23.26 -7.37
CA PRO A 103 -19.48 24.59 -7.90
C PRO A 103 -17.99 24.84 -7.99
N GLU A 104 -17.62 25.71 -8.93
CA GLU A 104 -16.21 25.99 -9.18
C GLU A 104 -15.62 26.78 -8.03
N GLY A 105 -14.45 26.35 -7.57
CA GLY A 105 -13.80 26.94 -6.42
C GLY A 105 -14.08 26.21 -5.11
N PHE A 106 -14.99 25.24 -5.12
CA PHE A 106 -15.24 24.42 -3.95
C PHE A 106 -14.05 23.50 -3.73
N MET A 107 -13.42 23.59 -2.56
CA MET A 107 -12.24 22.78 -2.26
C MET A 107 -12.37 22.00 -0.96
N ASN A 108 -13.53 21.96 -0.33
CA ASN A 108 -13.70 21.12 0.84
C ASN A 108 -13.78 19.67 0.42
N GLU A 109 -13.20 18.79 1.23
CA GLU A 109 -13.18 17.38 0.90
C GLU A 109 -14.59 16.81 0.96
N VAL A 110 -14.88 15.89 0.05
CA VAL A 110 -16.17 15.18 0.01
C VAL A 110 -15.89 13.71 -0.19
N GLN A 111 -16.60 12.87 0.56
CA GLN A 111 -16.48 11.42 0.44
C GLN A 111 -17.86 10.79 0.43
N VAL A 112 -18.21 10.16 -0.68
CA VAL A 112 -19.45 9.41 -0.82
C VAL A 112 -19.10 7.94 -0.63
N VAL A 113 -19.91 7.23 0.16
CA VAL A 113 -19.67 5.82 0.46
C VAL A 113 -20.99 5.08 0.29
N CYS A 114 -21.09 4.27 -0.76
CA CYS A 114 -22.28 3.49 -1.05
C CYS A 114 -22.01 2.05 -0.64
N THR A 115 -22.85 1.48 0.21
CA THR A 115 -22.67 0.10 0.68
C THR A 115 -23.90 -0.73 0.38
N VAL A 116 -23.77 -1.71 -0.50
CA VAL A 116 -24.86 -2.63 -0.79
C VAL A 116 -25.07 -3.52 0.43
N VAL A 117 -26.25 -3.45 1.04
CA VAL A 117 -26.53 -4.19 2.26
C VAL A 117 -27.55 -5.30 2.06
N SER A 118 -28.35 -5.26 1.00
CA SER A 118 -29.24 -6.39 0.73
C SER A 118 -29.47 -6.52 -0.77
N THR A 119 -29.54 -7.75 -1.26
CA THR A 119 -29.76 -7.99 -2.67
C THR A 119 -30.44 -9.34 -2.87
N ASN A 120 -31.36 -9.39 -3.83
CA ASN A 120 -31.98 -10.65 -4.22
C ASN A 120 -31.20 -11.34 -5.32
N LYS A 121 -30.15 -10.70 -5.84
CA LYS A 121 -29.24 -11.24 -6.85
C LYS A 121 -29.84 -11.26 -8.24
N LYS A 122 -30.90 -10.47 -8.48
CA LYS A 122 -31.61 -10.49 -9.75
C LYS A 122 -31.37 -9.23 -10.58
N SER A 123 -30.75 -8.19 -10.01
CA SER A 123 -30.57 -6.93 -10.71
C SER A 123 -29.29 -6.28 -10.19
N ASP A 124 -28.68 -5.46 -11.02
CA ASP A 124 -27.42 -4.83 -10.63
C ASP A 124 -27.69 -3.80 -9.53
N PRO A 125 -26.84 -3.75 -8.49
CA PRO A 125 -27.11 -2.84 -7.37
C PRO A 125 -26.60 -1.42 -7.54
N ASP A 126 -26.35 -0.98 -8.77
CA ASP A 126 -25.63 0.28 -8.97
C ASP A 126 -26.52 1.45 -9.34
N ILE A 127 -27.68 1.22 -9.98
CA ILE A 127 -28.57 2.35 -10.21
C ILE A 127 -29.20 2.79 -8.90
N ALA A 128 -29.19 1.91 -7.91
CA ALA A 128 -29.72 2.26 -6.60
C ALA A 128 -28.67 3.03 -5.83
N ALA A 129 -27.40 2.73 -6.05
CA ALA A 129 -26.34 3.51 -5.43
C ALA A 129 -26.27 4.89 -6.06
N MET A 130 -26.59 5.02 -7.35
CA MET A 130 -26.62 6.35 -7.95
C MET A 130 -27.81 7.16 -7.44
N ILE A 131 -28.97 6.51 -7.29
CA ILE A 131 -30.12 7.21 -6.72
C ILE A 131 -29.81 7.63 -5.27
N GLY A 132 -29.11 6.77 -4.54
CA GLY A 132 -28.77 7.09 -3.16
C GLY A 132 -27.76 8.21 -3.06
N THR A 133 -26.81 8.26 -4.01
CA THR A 133 -25.86 9.37 -4.00
C THR A 133 -26.56 10.68 -4.31
N SER A 134 -27.51 10.64 -5.24
CA SER A 134 -28.27 11.85 -5.55
C SER A 134 -29.06 12.32 -4.33
N ALA A 135 -29.70 11.39 -3.63
CA ALA A 135 -30.54 11.79 -2.49
C ALA A 135 -29.68 12.26 -1.32
N ALA A 136 -28.54 11.61 -1.09
CA ALA A 136 -27.66 12.04 -0.02
C ALA A 136 -27.09 13.42 -0.29
N LEU A 137 -26.65 13.69 -1.53
CA LEU A 137 -26.15 15.02 -1.83
C LEU A 137 -27.25 16.06 -1.87
N ALA A 138 -28.51 15.66 -2.01
CA ALA A 138 -29.58 16.64 -1.91
C ALA A 138 -29.88 16.99 -0.46
N ILE A 139 -29.95 16.02 0.44
CA ILE A 139 -30.32 16.25 1.87
C ILE A 139 -29.10 16.74 2.67
N SER A 140 -27.91 16.75 2.11
CA SER A 140 -26.67 17.12 2.83
C SER A 140 -26.54 18.63 3.04
N GLY A 141 -26.90 19.45 2.07
CA GLY A 141 -26.71 20.90 2.16
C GLY A 141 -25.44 21.32 1.45
N ILE A 142 -24.52 20.39 1.20
CA ILE A 142 -23.21 20.69 0.58
C ILE A 142 -23.49 21.40 -0.76
N PRO A 143 -22.74 22.43 -1.17
CA PRO A 143 -22.89 23.05 -2.49
C PRO A 143 -22.76 22.05 -3.62
N PHE A 144 -23.89 21.72 -4.24
CA PHE A 144 -23.96 20.77 -5.32
C PHE A 144 -25.08 21.26 -6.24
N ALA A 145 -24.97 20.99 -7.52
CA ALA A 145 -25.88 21.58 -8.51
C ALA A 145 -26.95 20.59 -8.92
N GLY A 146 -28.10 20.66 -8.26
CA GLY A 146 -29.29 19.96 -8.68
C GLY A 146 -29.24 18.48 -8.41
N PRO A 147 -30.40 17.86 -8.21
CA PRO A 147 -30.42 16.39 -8.09
C PRO A 147 -30.10 15.76 -9.43
N ILE A 148 -29.32 14.69 -9.40
CA ILE A 148 -29.04 13.93 -10.59
C ILE A 148 -29.94 12.69 -10.59
N GLY A 149 -30.02 12.07 -11.76
CA GLY A 149 -30.72 10.80 -11.89
C GLY A 149 -29.88 9.88 -12.75
N ALA A 150 -30.19 8.59 -12.66
CA ALA A 150 -29.47 7.58 -13.41
C ALA A 150 -30.44 6.48 -13.82
N ALA A 151 -30.08 5.78 -14.89
CA ALA A 151 -30.89 4.67 -15.35
C ALA A 151 -30.08 3.81 -16.29
N ARG A 152 -30.30 2.50 -16.22
CA ARG A 152 -29.70 1.56 -17.16
C ARG A 152 -30.76 1.22 -18.21
N VAL A 153 -30.34 1.24 -19.47
CA VAL A 153 -31.21 0.92 -20.60
C VAL A 153 -30.69 -0.30 -21.32
N GLY A 154 -31.63 -1.15 -21.76
CA GLY A 154 -31.35 -2.29 -22.59
C GLY A 154 -32.17 -2.15 -23.86
N PHE A 155 -32.05 -3.16 -24.73
CA PHE A 155 -32.76 -3.11 -26.00
C PHE A 155 -32.95 -4.50 -26.54
N HIS A 156 -34.20 -4.89 -26.75
CA HIS A 156 -34.51 -6.14 -27.44
C HIS A 156 -35.34 -5.78 -28.67
N PRO A 157 -35.03 -6.30 -29.85
CA PRO A 157 -35.72 -5.81 -31.06
C PRO A 157 -37.24 -5.81 -30.97
N GLU A 158 -37.84 -6.77 -30.26
CA GLU A 158 -39.30 -6.84 -30.17
C GLU A 158 -39.87 -5.89 -29.13
N ILE A 159 -39.36 -5.96 -27.90
CA ILE A 159 -39.87 -5.10 -26.82
C ILE A 159 -39.55 -3.64 -27.09
N GLY A 160 -38.32 -3.36 -27.51
CA GLY A 160 -37.83 -2.00 -27.65
C GLY A 160 -36.81 -1.73 -26.57
N TYR A 161 -36.76 -0.49 -26.08
CA TYR A 161 -35.87 -0.18 -24.97
C TYR A 161 -36.46 -0.73 -23.68
N ILE A 162 -35.58 -1.14 -22.77
CA ILE A 162 -35.98 -1.71 -21.48
C ILE A 162 -35.34 -0.88 -20.38
N LEU A 163 -36.17 -0.36 -19.48
CA LEU A 163 -35.65 0.46 -18.39
C LEU A 163 -35.18 -0.44 -17.25
N ASN A 164 -33.99 -0.14 -16.73
CA ASN A 164 -33.41 -0.86 -15.58
C ASN A 164 -33.49 -2.37 -15.77
N PRO A 165 -32.85 -2.91 -16.81
CA PRO A 165 -32.96 -4.35 -17.07
C PRO A 165 -32.31 -5.19 -15.98
N THR A 166 -32.93 -6.33 -15.70
CA THR A 166 -32.43 -7.29 -14.72
C THR A 166 -31.31 -8.11 -15.34
N TYR A 167 -30.71 -9.01 -14.55
CA TYR A 167 -29.58 -9.77 -15.07
C TYR A 167 -30.04 -10.81 -16.08
N GLU A 168 -31.32 -11.19 -16.04
CA GLU A 168 -31.85 -12.16 -16.99
C GLU A 168 -32.38 -11.46 -18.23
N GLN A 169 -32.81 -10.20 -18.09
CA GLN A 169 -33.23 -9.41 -19.23
C GLN A 169 -32.03 -8.93 -20.04
N LEU A 170 -30.85 -8.87 -19.43
CA LEU A 170 -29.65 -8.37 -20.08
C LEU A 170 -28.88 -9.47 -20.79
N GLN A 171 -29.38 -10.71 -20.72
CA GLN A 171 -28.74 -11.84 -21.38
C GLN A 171 -29.22 -12.00 -22.80
N SER A 172 -30.31 -11.33 -23.17
CA SER A 172 -30.92 -11.43 -24.49
C SER A 172 -31.09 -10.05 -25.13
N SER A 173 -30.50 -9.01 -24.55
CA SER A 173 -30.60 -7.66 -25.07
C SER A 173 -29.37 -7.32 -25.88
N SER A 174 -29.52 -6.34 -26.77
CA SER A 174 -28.44 -5.90 -27.64
C SER A 174 -27.82 -4.59 -27.18
N LEU A 175 -28.22 -4.09 -26.00
CA LEU A 175 -27.63 -2.89 -25.44
C LEU A 175 -27.49 -3.04 -23.93
N ASP A 176 -26.46 -2.39 -23.39
CA ASP A 176 -26.24 -2.28 -21.95
C ASP A 176 -25.70 -0.87 -21.70
N MET A 177 -26.61 0.10 -21.58
CA MET A 177 -26.26 1.51 -21.47
C MET A 177 -26.55 1.97 -20.06
N VAL A 178 -25.72 2.87 -19.53
CA VAL A 178 -25.96 3.52 -18.25
C VAL A 178 -25.89 5.02 -18.51
N VAL A 179 -27.02 5.69 -18.36
CA VAL A 179 -27.12 7.14 -18.59
C VAL A 179 -27.39 7.82 -17.26
N ALA A 180 -26.62 8.87 -16.98
CA ALA A 180 -26.83 9.71 -15.80
C ALA A 180 -26.89 11.16 -16.26
N GLY A 181 -27.75 11.94 -15.61
CA GLY A 181 -27.87 13.33 -15.99
C GLY A 181 -28.75 14.10 -15.02
N THR A 182 -28.87 15.39 -15.28
CA THR A 182 -29.68 16.28 -14.45
C THR A 182 -31.04 16.47 -15.11
N GLU A 183 -31.79 17.47 -14.67
CA GLU A 183 -33.16 17.63 -15.17
C GLU A 183 -33.20 18.19 -16.58
N ASP A 184 -32.11 18.81 -17.04
CA ASP A 184 -32.11 19.48 -18.33
C ASP A 184 -30.90 19.12 -19.19
N ALA A 185 -30.08 18.17 -18.76
CA ALA A 185 -28.92 17.77 -19.55
C ALA A 185 -28.49 16.37 -19.14
N VAL A 186 -27.94 15.64 -20.11
CA VAL A 186 -27.33 14.35 -19.87
C VAL A 186 -25.86 14.59 -19.55
N LEU A 187 -25.36 13.97 -18.48
CA LEU A 187 -24.02 14.24 -18.00
C LEU A 187 -23.06 13.08 -18.16
N MET A 188 -23.55 11.87 -18.41
CA MET A 188 -22.68 10.71 -18.48
C MET A 188 -23.38 9.60 -19.23
N VAL A 189 -22.64 8.94 -20.12
CA VAL A 189 -23.17 7.78 -20.84
C VAL A 189 -22.05 6.76 -20.93
N GLU A 190 -22.29 5.55 -20.43
CA GLU A 190 -21.36 4.44 -20.62
C GLU A 190 -22.17 3.26 -21.14
N SER A 191 -21.89 2.83 -22.36
CA SER A 191 -22.71 1.79 -22.97
C SER A 191 -21.86 0.79 -23.73
N GLU A 192 -22.49 -0.36 -23.94
CA GLU A 192 -21.95 -1.46 -24.73
C GLU A 192 -23.08 -1.97 -25.62
N ALA A 193 -22.77 -2.35 -26.86
CA ALA A 193 -23.85 -2.72 -27.76
C ALA A 193 -23.38 -3.77 -28.76
N ASP A 194 -24.36 -4.32 -29.48
CA ASP A 194 -24.13 -5.32 -30.52
C ASP A 194 -24.39 -4.68 -31.88
N GLU A 195 -23.47 -3.83 -32.31
CA GLU A 195 -23.52 -3.22 -33.63
C GLU A 195 -24.85 -2.52 -33.88
N LEU A 196 -25.23 -1.64 -32.95
CA LEU A 196 -26.45 -0.86 -33.10
C LEU A 196 -26.16 0.47 -33.76
N THR A 197 -27.09 0.91 -34.61
CA THR A 197 -26.90 2.15 -35.35
C THR A 197 -26.81 3.33 -34.38
N GLU A 198 -26.26 4.44 -34.85
CA GLU A 198 -26.12 5.61 -33.99
C GLU A 198 -27.49 6.11 -33.56
N ASP A 199 -28.49 5.97 -34.44
CA ASP A 199 -29.84 6.42 -34.11
C ASP A 199 -30.36 5.61 -32.93
N GLN A 200 -30.10 4.31 -32.92
CA GLN A 200 -30.61 3.43 -31.87
C GLN A 200 -29.86 3.67 -30.57
N MET A 201 -28.66 4.24 -30.63
CA MET A 201 -27.86 4.48 -29.45
C MET A 201 -28.09 5.88 -28.91
N LEU A 202 -28.71 6.75 -29.69
CA LEU A 202 -29.08 8.08 -29.21
C LEU A 202 -30.52 8.09 -28.73
N GLY A 203 -31.35 7.19 -29.28
CA GLY A 203 -32.70 7.06 -28.79
C GLY A 203 -32.68 6.46 -27.40
N ALA A 204 -31.65 5.68 -27.10
CA ALA A 204 -31.53 5.09 -25.77
C ALA A 204 -31.15 6.16 -24.76
N VAL A 205 -30.25 7.06 -25.15
CA VAL A 205 -29.83 8.12 -24.24
C VAL A 205 -31.01 9.04 -23.98
N LEU A 206 -31.88 9.22 -24.97
CA LEU A 206 -33.01 10.12 -24.77
C LEU A 206 -34.13 9.41 -24.01
N PHE A 207 -34.19 8.09 -24.12
CA PHE A 207 -35.16 7.32 -23.36
C PHE A 207 -34.78 7.33 -21.88
N ALA A 208 -33.52 7.05 -21.58
CA ALA A 208 -33.07 7.09 -20.20
C ALA A 208 -33.22 8.49 -19.62
N HIS A 209 -32.85 9.53 -20.38
CA HIS A 209 -33.03 10.88 -19.88
C HIS A 209 -34.49 11.17 -19.58
N ASP A 210 -35.40 10.66 -20.40
CA ASP A 210 -36.82 10.90 -20.15
C ASP A 210 -37.36 10.02 -19.03
N GLU A 211 -36.64 8.96 -18.64
CA GLU A 211 -37.19 8.04 -17.65
C GLU A 211 -36.76 8.35 -16.21
N PHE A 212 -35.53 8.82 -15.97
CA PHE A 212 -35.11 9.06 -14.60
C PHE A 212 -35.49 10.44 -14.09
N GLN A 213 -36.35 11.18 -14.79
CA GLN A 213 -36.89 12.41 -14.22
C GLN A 213 -37.72 12.14 -12.98
N ALA A 214 -38.23 10.90 -12.83
CA ALA A 214 -38.93 10.54 -11.60
C ALA A 214 -37.97 10.57 -10.42
N VAL A 215 -36.74 10.12 -10.62
CA VAL A 215 -35.75 10.14 -9.55
C VAL A 215 -35.47 11.57 -9.13
N ILE A 216 -35.34 12.48 -10.10
CA ILE A 216 -35.08 13.87 -9.78
C ILE A 216 -36.25 14.48 -9.01
N ARG A 217 -37.48 14.19 -9.45
CA ARG A 217 -38.63 14.75 -8.74
C ARG A 217 -38.71 14.22 -7.32
N ALA A 218 -38.39 12.94 -7.12
CA ALA A 218 -38.51 12.38 -5.79
C ALA A 218 -37.36 12.82 -4.89
N VAL A 219 -36.19 13.13 -5.47
CA VAL A 219 -35.12 13.66 -4.65
C VAL A 219 -35.32 15.14 -4.38
N LYS A 220 -36.14 15.81 -5.17
CA LYS A 220 -36.43 17.21 -4.87
C LYS A 220 -37.48 17.31 -3.79
N GLU A 221 -38.44 16.38 -3.78
CA GLU A 221 -39.38 16.35 -2.67
C GLU A 221 -38.70 15.89 -1.38
N LEU A 222 -37.79 14.91 -1.48
CA LEU A 222 -37.06 14.49 -0.30
C LEU A 222 -36.21 15.63 0.25
N ALA A 223 -35.57 16.40 -0.63
CA ALA A 223 -34.76 17.52 -0.15
C ALA A 223 -35.63 18.63 0.43
N ALA A 224 -36.80 18.86 -0.15
CA ALA A 224 -37.72 19.86 0.38
C ALA A 224 -38.49 19.37 1.60
N GLU A 225 -38.23 18.15 2.06
CA GLU A 225 -38.89 17.65 3.26
C GLU A 225 -37.94 17.33 4.39
N ALA A 226 -36.79 16.72 4.11
CA ALA A 226 -35.84 16.32 5.13
C ALA A 226 -34.45 16.88 4.84
N GLY A 227 -34.38 18.07 4.26
CA GLY A 227 -33.11 18.66 3.86
C GLY A 227 -32.44 19.44 4.96
N LYS A 228 -31.13 19.40 5.04
CA LYS A 228 -30.37 20.18 6.04
C LYS A 228 -30.22 21.59 5.48
N PRO A 229 -29.99 22.62 6.31
CA PRO A 229 -29.82 24.00 5.83
C PRO A 229 -28.63 24.05 4.89
N ALA A 230 -28.69 24.85 3.82
CA ALA A 230 -27.62 24.90 2.79
C ALA A 230 -26.37 25.54 3.35
N TRP A 231 -25.20 25.07 2.91
CA TRP A 231 -23.92 25.58 3.41
C TRP A 231 -23.78 27.04 3.00
N ASP A 232 -23.09 27.85 3.80
CA ASP A 232 -22.91 29.31 3.53
C ASP A 232 -21.60 29.49 2.81
N TRP A 233 -21.48 28.94 1.61
CA TRP A 233 -20.26 28.98 0.81
C TRP A 233 -20.45 29.94 -0.35
N LYS A 234 -19.54 30.90 -0.48
CA LYS A 234 -19.64 31.96 -1.47
C LYS A 234 -18.57 31.76 -2.53
N ALA A 235 -19.00 31.64 -3.78
CA ALA A 235 -18.06 31.45 -4.88
C ALA A 235 -17.15 32.67 -4.99
N PRO A 236 -15.84 32.50 -5.10
CA PRO A 236 -14.95 33.65 -5.22
C PRO A 236 -15.27 34.46 -6.47
N ALA A 237 -15.14 35.77 -6.37
CA ALA A 237 -15.48 36.64 -7.48
C ALA A 237 -14.33 36.70 -8.48
N GLU A 238 -14.61 37.18 -9.70
CA GLU A 238 -13.58 37.22 -10.77
C GLU A 238 -12.76 38.52 -10.69
N ASN A 239 -11.49 38.48 -11.11
CA ASN A 239 -10.62 39.69 -11.16
C ASN A 239 -10.94 40.39 -12.48
N THR A 240 -12.20 40.70 -12.74
CA THR A 240 -12.63 41.30 -14.02
C THR A 240 -11.54 42.22 -14.49
N VAL A 241 -11.11 43.13 -13.63
CA VAL A 241 -10.07 44.13 -14.04
C VAL A 241 -8.84 43.39 -14.56
N LEU A 242 -8.16 42.58 -13.73
CA LEU A 242 -6.90 41.90 -14.14
C LEU A 242 -7.11 41.13 -15.45
N VAL A 243 -8.23 40.44 -15.60
CA VAL A 243 -8.54 39.65 -16.83
C VAL A 243 -8.65 40.63 -17.99
N ASN A 244 -9.54 41.63 -17.88
CA ASN A 244 -9.76 42.63 -18.96
C ASN A 244 -8.44 43.37 -19.20
N ALA A 245 -7.46 43.24 -18.29
CA ALA A 245 -6.13 43.85 -18.45
C ALA A 245 -5.23 42.93 -19.26
N ILE A 246 -4.85 41.75 -18.75
CA ILE A 246 -3.89 40.85 -19.47
C ILE A 246 -4.47 40.67 -20.88
N LYS A 247 -5.79 40.64 -21.00
CA LYS A 247 -6.47 40.46 -22.31
C LYS A 247 -5.84 41.41 -23.35
N ALA A 248 -5.53 42.64 -22.97
CA ALA A 248 -4.98 43.65 -23.91
C ALA A 248 -3.47 43.79 -23.72
N GLU A 249 -3.02 43.99 -22.49
CA GLU A 249 -1.58 44.22 -22.20
C GLU A 249 -0.71 43.21 -22.93
N LEU A 250 -0.96 41.90 -22.79
CA LEU A 250 -0.15 40.84 -23.43
C LEU A 250 -1.07 39.72 -23.89
N GLY A 251 -2.09 40.03 -24.69
CA GLY A 251 -3.04 39.02 -25.16
C GLY A 251 -2.85 38.71 -26.62
N GLU A 252 -2.47 39.70 -27.41
CA GLU A 252 -2.31 39.50 -28.87
C GLU A 252 -1.19 38.49 -29.10
N ALA A 253 -0.22 38.45 -28.19
CA ALA A 253 0.89 37.49 -28.26
C ALA A 253 0.39 36.09 -27.97
N ILE A 254 -0.66 35.94 -27.14
CA ILE A 254 -1.29 34.61 -26.89
C ILE A 254 -1.88 34.16 -28.22
N SER A 255 -2.51 35.08 -28.94
CA SER A 255 -3.12 34.75 -30.25
C SER A 255 -2.00 34.32 -31.21
N GLN A 256 -0.85 34.99 -31.19
CA GLN A 256 0.24 34.70 -32.11
C GLN A 256 1.20 33.65 -31.57
N ALA A 257 0.88 33.05 -30.41
CA ALA A 257 1.69 31.97 -29.87
C ALA A 257 1.05 30.59 -30.08
N TYR A 258 -0.25 30.54 -30.32
CA TYR A 258 -0.99 29.31 -30.56
C TYR A 258 -1.09 29.01 -32.05
N THR A 259 -0.46 29.82 -32.89
CA THR A 259 -0.39 29.60 -34.32
C THR A 259 0.86 28.84 -34.70
N ILE A 260 1.55 28.29 -33.71
CA ILE A 260 2.75 27.47 -33.89
C ILE A 260 2.34 26.03 -33.58
N THR A 261 2.66 25.10 -34.48
CA THR A 261 2.24 23.72 -34.30
C THR A 261 3.29 22.87 -33.59
N ILE A 262 4.52 23.36 -33.52
CA ILE A 262 5.60 22.71 -32.78
C ILE A 262 5.45 22.95 -31.29
N LYS A 263 5.35 21.86 -30.52
CA LYS A 263 5.13 21.98 -29.08
C LYS A 263 6.25 22.75 -28.40
N GLN A 264 7.50 22.48 -28.75
CA GLN A 264 8.59 23.19 -28.11
C GLN A 264 8.49 24.69 -28.36
N ASP A 265 8.45 25.10 -29.63
CA ASP A 265 8.43 26.53 -29.92
C ASP A 265 7.21 27.21 -29.30
N ARG A 266 6.03 26.60 -29.44
CA ARG A 266 4.84 27.24 -28.91
C ARG A 266 4.96 27.39 -27.41
N TYR A 267 5.41 26.32 -26.74
CA TYR A 267 5.47 26.34 -25.29
C TYR A 267 6.43 27.41 -24.82
N ASN A 268 7.58 27.52 -25.50
CA ASN A 268 8.60 28.48 -25.06
C ASN A 268 8.10 29.90 -25.25
N ARG A 269 7.55 30.19 -26.44
CA ARG A 269 7.12 31.56 -26.73
C ARG A 269 6.02 31.95 -25.74
N LEU A 270 5.09 31.03 -25.47
CA LEU A 270 4.02 31.30 -24.52
C LEU A 270 4.60 31.54 -23.13
N GLY A 271 5.51 30.67 -22.70
CA GLY A 271 6.06 30.80 -21.35
C GLY A 271 6.73 32.14 -21.18
N GLU A 272 7.43 32.56 -22.24
CA GLU A 272 8.11 33.87 -22.23
C GLU A 272 7.04 34.94 -22.02
N LEU A 273 5.88 34.80 -22.65
CA LEU A 273 4.78 35.79 -22.52
C LEU A 273 4.28 35.77 -21.08
N ARG A 274 4.11 34.58 -20.51
CA ARG A 274 3.60 34.48 -19.13
C ARG A 274 4.47 35.39 -18.26
N ASP A 275 5.78 35.21 -18.30
CA ASP A 275 6.74 35.98 -17.46
C ASP A 275 6.63 37.46 -17.82
N GLN A 276 6.70 37.79 -19.09
CA GLN A 276 6.64 39.20 -19.54
C GLN A 276 5.42 39.87 -18.90
N ALA A 277 4.25 39.22 -18.91
CA ALA A 277 2.99 39.82 -18.44
C ALA A 277 2.85 39.75 -16.92
N VAL A 278 3.28 38.65 -16.28
CA VAL A 278 3.23 38.61 -14.79
C VAL A 278 3.95 39.87 -14.35
N ALA A 279 5.20 40.06 -14.75
CA ALA A 279 6.00 41.23 -14.31
C ALA A 279 5.25 42.50 -14.64
N LEU A 280 4.68 42.60 -15.84
CA LEU A 280 4.01 43.84 -16.29
C LEU A 280 2.87 44.24 -15.33
N PHE A 281 2.18 43.29 -14.71
CA PHE A 281 1.06 43.56 -13.75
C PHE A 281 0.95 42.39 -12.79
N ALA A 282 2.03 42.00 -12.13
CA ALA A 282 2.05 40.81 -11.24
C ALA A 282 1.07 41.07 -10.10
N GLY A 283 0.05 40.25 -9.92
CA GLY A 283 -0.94 40.59 -8.92
C GLY A 283 -1.84 41.70 -9.40
N GLU A 284 -2.89 42.04 -8.65
CA GLU A 284 -3.71 43.18 -9.04
C GLU A 284 -2.84 44.45 -9.03
N GLU A 285 -3.10 45.31 -10.01
CA GLU A 285 -2.22 46.44 -10.29
C GLU A 285 -1.98 47.34 -9.08
N GLU A 286 -3.02 47.64 -8.32
CA GLU A 286 -2.89 48.67 -7.28
C GLU A 286 -1.70 48.39 -6.35
N GLY A 287 -1.56 47.16 -5.88
CA GLY A 287 -0.42 46.77 -5.07
C GLY A 287 0.54 45.88 -5.82
N LYS A 288 0.04 45.26 -6.89
CA LYS A 288 0.80 44.30 -7.67
C LYS A 288 1.31 43.18 -6.76
N PHE A 289 0.46 42.76 -5.81
CA PHE A 289 0.86 41.81 -4.78
C PHE A 289 0.66 40.33 -5.14
N PRO A 290 -0.59 39.88 -5.45
CA PRO A 290 -0.79 38.48 -5.86
C PRO A 290 0.23 37.96 -6.86
N ALA A 291 0.55 36.67 -6.78
CA ALA A 291 1.54 36.04 -7.69
C ALA A 291 0.82 35.13 -8.67
N SER A 292 0.41 33.94 -8.23
CA SER A 292 -0.27 32.94 -9.11
C SER A 292 -1.52 33.55 -9.74
N GLU A 293 -2.18 34.48 -9.05
CA GLU A 293 -3.37 35.15 -9.61
C GLU A 293 -3.07 35.56 -11.05
N VAL A 294 -2.08 36.42 -11.26
CA VAL A 294 -1.76 36.96 -12.62
C VAL A 294 -1.29 35.85 -13.57
N LYS A 295 -0.76 34.75 -13.03
CA LYS A 295 -0.29 33.60 -13.86
C LYS A 295 -1.51 32.76 -14.27
N ASP A 296 -2.54 32.71 -13.44
CA ASP A 296 -3.74 31.88 -13.72
C ASP A 296 -4.79 32.72 -14.43
N VAL A 297 -4.74 34.05 -14.32
CA VAL A 297 -5.68 34.90 -15.11
C VAL A 297 -5.19 34.79 -16.56
N PHE A 298 -3.90 34.53 -16.75
CA PHE A 298 -3.31 34.37 -18.10
C PHE A 298 -3.69 33.01 -18.61
N GLY A 299 -3.73 32.01 -17.72
CA GLY A 299 -4.11 30.64 -18.09
C GLY A 299 -5.56 30.59 -18.50
N LEU A 300 -6.39 31.50 -18.01
CA LEU A 300 -7.81 31.60 -18.40
C LEU A 300 -7.91 32.28 -19.76
N LEU A 301 -7.00 33.21 -20.07
CA LEU A 301 -7.01 33.92 -21.38
C LEU A 301 -6.45 32.97 -22.44
N GLU A 302 -5.73 31.94 -22.04
CA GLU A 302 -5.20 30.91 -22.98
C GLU A 302 -6.34 29.96 -23.31
N TYR A 303 -7.04 29.41 -22.32
CA TYR A 303 -8.17 28.52 -22.50
C TYR A 303 -9.22 29.17 -23.41
N ARG A 304 -9.57 30.42 -23.12
CA ARG A 304 -10.58 31.10 -23.91
C ARG A 304 -10.09 31.36 -25.33
N THR A 305 -8.79 31.59 -25.51
CA THR A 305 -8.27 31.87 -26.85
C THR A 305 -8.33 30.63 -27.70
N VAL A 306 -7.81 29.51 -27.19
CA VAL A 306 -7.84 28.27 -27.95
C VAL A 306 -9.28 27.92 -28.32
N ARG A 307 -10.19 27.98 -27.35
CA ARG A 307 -11.59 27.63 -27.65
C ARG A 307 -12.15 28.55 -28.72
N GLU A 308 -11.93 29.86 -28.59
CA GLU A 308 -12.47 30.80 -29.56
C GLU A 308 -11.95 30.49 -30.96
N ASN A 309 -10.66 30.17 -31.06
CA ASN A 309 -10.09 29.87 -32.37
C ASN A 309 -10.73 28.62 -32.95
N ILE A 310 -10.74 27.53 -32.18
CA ILE A 310 -11.39 26.30 -32.64
C ILE A 310 -12.78 26.61 -33.17
N VAL A 311 -13.58 27.33 -32.39
CA VAL A 311 -14.96 27.58 -32.78
C VAL A 311 -15.03 28.47 -34.02
N ASN A 312 -14.08 29.38 -34.20
CA ASN A 312 -14.11 30.32 -35.32
C ASN A 312 -13.56 29.72 -36.61
N GLY A 313 -13.10 28.47 -36.58
CA GLY A 313 -12.69 27.80 -37.81
C GLY A 313 -11.24 28.04 -38.15
N LYS A 314 -10.36 27.90 -37.17
CA LYS A 314 -8.94 28.13 -37.33
C LYS A 314 -8.19 26.84 -37.14
N PRO A 315 -6.99 26.70 -37.71
CA PRO A 315 -6.22 25.47 -37.54
C PRO A 315 -5.98 25.17 -36.06
N ARG A 316 -6.05 23.88 -35.74
CA ARG A 316 -5.88 23.45 -34.35
C ARG A 316 -4.44 23.66 -33.90
N ILE A 317 -4.16 23.26 -32.66
CA ILE A 317 -2.82 23.45 -32.10
C ILE A 317 -1.78 22.65 -32.87
N ASP A 318 -2.20 21.60 -33.57
CA ASP A 318 -1.29 20.79 -34.38
C ASP A 318 -1.46 21.03 -35.87
N GLY A 319 -2.22 22.04 -36.26
CA GLY A 319 -2.39 22.40 -37.65
C GLY A 319 -3.51 21.71 -38.38
N ARG A 320 -4.16 20.74 -37.75
CA ARG A 320 -5.22 19.99 -38.42
C ARG A 320 -6.51 20.78 -38.47
N ASP A 321 -7.43 20.34 -39.31
CA ASP A 321 -8.78 20.86 -39.32
C ASP A 321 -9.61 20.05 -38.33
N THR A 322 -10.92 20.28 -38.31
CA THR A 322 -11.78 19.62 -37.34
C THR A 322 -12.14 18.18 -37.71
N ARG A 323 -11.87 17.74 -38.94
CA ARG A 323 -12.32 16.43 -39.41
C ARG A 323 -11.17 15.56 -39.88
N THR A 324 -9.94 15.82 -39.43
CA THR A 324 -8.77 15.09 -39.89
C THR A 324 -8.31 14.13 -38.80
N VAL A 325 -8.09 12.88 -39.20
CA VAL A 325 -7.53 11.86 -38.32
C VAL A 325 -6.03 11.85 -38.51
N ARG A 326 -5.30 11.77 -37.39
CA ARG A 326 -3.85 11.79 -37.46
C ARG A 326 -3.34 10.59 -38.26
N PRO A 327 -2.17 10.71 -38.88
CA PRO A 327 -1.65 9.60 -39.69
C PRO A 327 -1.51 8.32 -38.89
N LEU A 328 -1.82 7.20 -39.54
CA LEU A 328 -1.85 5.88 -38.92
C LEU A 328 -0.75 4.99 -39.45
N ARG A 329 -0.09 4.27 -38.55
CA ARG A 329 0.85 3.23 -38.93
C ARG A 329 0.46 1.95 -38.20
N ILE A 330 0.12 0.91 -38.97
CA ILE A 330 -0.46 -0.31 -38.43
C ILE A 330 0.45 -1.47 -38.80
N GLU A 331 0.82 -2.28 -37.82
CA GLU A 331 1.66 -3.44 -38.06
C GLU A 331 1.11 -4.62 -37.27
N VAL A 332 1.19 -5.81 -37.87
CA VAL A 332 0.74 -7.04 -37.23
C VAL A 332 1.87 -8.06 -37.28
N GLY A 333 2.04 -8.82 -36.21
CA GLY A 333 3.13 -9.77 -36.14
C GLY A 333 4.44 -9.16 -35.70
N VAL A 334 4.39 -8.22 -34.75
CA VAL A 334 5.59 -7.49 -34.35
C VAL A 334 6.44 -8.25 -33.34
N LEU A 335 5.86 -9.21 -32.62
CA LEU A 335 6.57 -10.01 -31.64
C LEU A 335 6.64 -11.45 -32.15
N GLY A 336 7.84 -12.04 -32.09
CA GLY A 336 8.06 -13.31 -32.76
C GLY A 336 7.31 -14.48 -32.16
N LYS A 337 7.29 -14.58 -30.82
CA LYS A 337 6.79 -15.78 -30.16
C LYS A 337 5.47 -15.57 -29.44
N THR A 338 4.76 -14.49 -29.72
CA THR A 338 3.45 -14.26 -29.13
C THR A 338 2.37 -14.75 -30.09
N HIS A 339 1.26 -15.23 -29.53
CA HIS A 339 0.21 -15.80 -30.36
C HIS A 339 -0.32 -14.76 -31.34
N GLY A 340 -0.67 -13.58 -30.85
CA GLY A 340 -1.08 -12.49 -31.71
C GLY A 340 -0.50 -11.20 -31.20
N SER A 341 -0.19 -10.30 -32.13
CA SER A 341 0.41 -9.03 -31.77
C SER A 341 0.08 -7.98 -32.81
N ALA A 342 -0.04 -6.74 -32.35
CA ALA A 342 -0.25 -5.61 -33.25
C ALA A 342 0.33 -4.36 -32.62
N LEU A 343 1.00 -3.56 -33.45
CA LEU A 343 1.47 -2.23 -33.08
C LEU A 343 0.62 -1.23 -33.85
N PHE A 344 -0.18 -0.46 -33.12
CA PHE A 344 -1.09 0.51 -33.72
C PHE A 344 -0.66 1.90 -33.30
N THR A 345 -0.32 2.74 -34.28
CA THR A 345 0.06 4.11 -34.03
C THR A 345 -0.92 5.04 -34.73
N ARG A 346 -1.46 5.99 -33.97
CA ARG A 346 -2.33 7.06 -34.46
C ARG A 346 -1.61 8.35 -34.10
N GLY A 347 -0.83 8.85 -35.05
CA GLY A 347 -0.08 10.06 -34.81
C GLY A 347 1.04 9.80 -33.84
N GLU A 348 0.95 10.38 -32.65
CA GLU A 348 1.89 10.15 -31.58
C GLU A 348 1.29 9.34 -30.43
N THR A 349 0.15 8.68 -30.67
CA THR A 349 -0.39 7.69 -29.74
C THR A 349 -0.02 6.31 -30.26
N GLN A 350 0.49 5.45 -29.40
CA GLN A 350 0.91 4.13 -29.82
C GLN A 350 0.55 3.10 -28.77
N ALA A 351 -0.01 1.97 -29.24
CA ALA A 351 -0.40 0.86 -28.40
C ALA A 351 0.13 -0.43 -28.98
N LEU A 352 0.79 -1.22 -28.13
CA LEU A 352 1.31 -2.54 -28.49
C LEU A 352 0.41 -3.57 -27.81
N VAL A 353 -0.48 -4.18 -28.59
CA VAL A 353 -1.50 -5.09 -28.07
C VAL A 353 -1.09 -6.51 -28.40
N VAL A 354 -1.18 -7.40 -27.42
CA VAL A 354 -0.80 -8.81 -27.57
C VAL A 354 -1.97 -9.67 -27.13
N ALA A 355 -2.33 -10.64 -27.96
CA ALA A 355 -3.40 -11.58 -27.67
C ALA A 355 -2.81 -12.96 -27.42
N THR A 356 -3.20 -13.58 -26.31
CA THR A 356 -2.75 -14.91 -25.94
C THR A 356 -3.96 -15.82 -25.74
N LEU A 357 -3.80 -17.07 -26.14
CA LEU A 357 -4.84 -18.07 -26.02
C LEU A 357 -4.46 -19.14 -25.00
N GLY A 358 -5.46 -19.70 -24.36
CA GLY A 358 -5.23 -20.70 -23.34
C GLY A 358 -6.36 -21.70 -23.28
N THR A 359 -6.42 -22.48 -22.22
CA THR A 359 -7.42 -23.52 -22.02
C THR A 359 -8.39 -23.10 -20.93
N ALA A 360 -9.38 -23.95 -20.67
CA ALA A 360 -10.43 -23.61 -19.73
C ALA A 360 -9.92 -23.47 -18.30
N ARG A 361 -8.70 -23.93 -18.02
CA ARG A 361 -8.15 -23.81 -16.67
C ARG A 361 -7.51 -22.45 -16.43
N ASP A 362 -7.42 -21.61 -17.46
CA ASP A 362 -6.83 -20.28 -17.37
C ASP A 362 -7.88 -19.19 -17.25
N ALA A 363 -9.16 -19.57 -17.31
CA ALA A 363 -10.26 -18.62 -17.18
C ALA A 363 -10.27 -18.02 -15.77
N GLN A 364 -10.68 -16.77 -15.68
CA GLN A 364 -10.68 -16.07 -14.39
C GLN A 364 -11.93 -16.42 -13.60
N LEU A 365 -11.75 -16.72 -12.31
CA LEU A 365 -12.87 -16.99 -11.42
C LEU A 365 -13.28 -15.67 -10.77
N LEU A 366 -14.36 -15.08 -11.29
CA LEU A 366 -14.89 -13.84 -10.74
C LEU A 366 -15.86 -14.19 -9.61
N ASP A 367 -15.47 -13.87 -8.38
CA ASP A 367 -16.35 -14.08 -7.23
C ASP A 367 -17.24 -12.84 -7.11
N THR A 368 -18.39 -12.87 -7.79
CA THR A 368 -19.28 -11.72 -7.78
C THR A 368 -20.22 -11.81 -6.58
N LEU A 369 -20.96 -10.72 -6.37
CA LEU A 369 -21.95 -10.74 -5.31
C LEU A 369 -23.03 -11.75 -5.62
N GLU A 370 -23.41 -11.83 -6.88
CA GLU A 370 -24.49 -12.70 -7.30
C GLU A 370 -24.04 -14.15 -7.41
N GLY A 371 -22.78 -14.44 -7.11
CA GLY A 371 -22.34 -15.82 -7.15
C GLY A 371 -20.89 -15.91 -7.60
N GLU A 372 -20.63 -16.89 -8.47
CA GLU A 372 -19.29 -17.10 -9.01
C GLU A 372 -19.39 -17.38 -10.49
N ARG A 373 -18.63 -16.64 -11.29
CA ARG A 373 -18.63 -16.77 -12.73
C ARG A 373 -17.23 -17.12 -13.23
N LYS A 374 -17.15 -17.59 -14.47
CA LYS A 374 -15.86 -17.82 -15.12
C LYS A 374 -15.76 -16.92 -16.34
N ASP A 375 -14.80 -16.02 -16.32
CA ASP A 375 -14.59 -15.09 -17.43
C ASP A 375 -13.55 -15.71 -18.36
N ALA A 376 -13.94 -15.95 -19.61
CA ALA A 376 -13.05 -16.51 -20.62
C ALA A 376 -12.48 -15.45 -21.55
N PHE A 377 -12.66 -14.17 -21.23
CA PHE A 377 -12.00 -13.08 -21.94
C PHE A 377 -11.50 -12.07 -20.93
N MET A 378 -10.24 -11.66 -21.07
CA MET A 378 -9.66 -10.64 -20.19
C MET A 378 -8.86 -9.66 -21.02
N LEU A 379 -9.19 -8.38 -20.94
CA LEU A 379 -8.43 -7.33 -21.59
C LEU A 379 -7.80 -6.47 -20.50
N HIS A 380 -6.46 -6.43 -20.49
CA HIS A 380 -5.70 -5.71 -19.47
C HIS A 380 -4.97 -4.55 -20.10
N TYR A 381 -5.41 -3.34 -19.78
CA TYR A 381 -4.83 -2.11 -20.31
C TYR A 381 -3.78 -1.56 -19.34
N ASN A 382 -2.54 -1.42 -19.81
CA ASN A 382 -1.44 -0.86 -19.04
C ASN A 382 -1.08 0.50 -19.61
N PHE A 383 -0.76 1.46 -18.73
CA PHE A 383 -0.42 2.82 -19.11
C PHE A 383 0.86 3.25 -18.40
N PRO A 384 2.02 2.80 -18.87
CA PRO A 384 3.29 3.11 -18.19
C PRO A 384 3.63 4.58 -18.32
N PRO A 385 4.13 5.22 -17.26
CA PRO A 385 4.38 6.67 -17.32
C PRO A 385 5.28 7.09 -18.47
N PHE A 386 6.15 6.21 -18.97
CA PHE A 386 7.06 6.62 -20.04
C PHE A 386 6.32 6.87 -21.34
N SER A 387 5.03 6.51 -21.42
CA SER A 387 4.22 6.85 -22.57
C SER A 387 4.00 8.35 -22.67
N VAL A 388 4.09 9.07 -21.56
CA VAL A 388 3.97 10.53 -21.55
C VAL A 388 5.29 11.20 -21.23
N GLY A 389 6.40 10.47 -21.29
CA GLY A 389 7.70 11.04 -21.02
C GLY A 389 7.89 11.50 -19.59
N GLU A 390 7.36 10.76 -18.63
CA GLU A 390 7.43 11.11 -17.23
C GLU A 390 7.84 9.90 -16.41
N CYS A 391 8.34 10.18 -15.20
CA CYS A 391 8.69 9.14 -14.25
C CYS A 391 7.54 9.00 -13.28
N GLY A 392 7.38 7.82 -12.71
CA GLY A 392 6.23 7.60 -11.86
C GLY A 392 6.21 6.21 -11.27
N ARG A 393 5.08 5.92 -10.63
CA ARG A 393 4.86 4.65 -9.97
C ARG A 393 4.62 3.53 -10.97
N MET A 394 5.38 2.45 -10.85
CA MET A 394 5.20 1.26 -11.66
C MET A 394 4.60 0.17 -10.79
N GLY A 395 3.34 0.36 -10.39
CA GLY A 395 2.71 -0.59 -9.49
C GLY A 395 1.46 -1.25 -10.04
N SER A 396 0.48 -1.49 -9.16
CA SER A 396 -0.73 -2.14 -9.58
C SER A 396 -1.59 -1.19 -10.41
N PRO A 397 -2.45 -1.73 -11.29
CA PRO A 397 -3.35 -0.86 -12.05
C PRO A 397 -4.25 -0.03 -11.14
N GLY A 398 -4.41 1.24 -11.50
CA GLY A 398 -5.29 2.13 -10.79
C GLY A 398 -6.68 2.18 -11.42
N ARG A 399 -7.49 3.11 -10.92
CA ARG A 399 -8.88 3.20 -11.39
C ARG A 399 -8.93 3.58 -12.86
N ARG A 400 -7.99 4.43 -13.29
CA ARG A 400 -7.97 4.94 -14.68
C ARG A 400 -7.63 3.81 -15.66
N GLU A 401 -6.73 2.88 -15.31
CA GLU A 401 -6.38 1.78 -16.19
C GLU A 401 -7.50 0.74 -16.23
N ILE A 402 -8.17 0.52 -15.10
CA ILE A 402 -9.27 -0.45 -15.06
C ILE A 402 -10.46 0.05 -15.86
N GLY A 403 -10.63 1.37 -15.92
CA GLY A 403 -11.78 1.92 -16.62
C GLY A 403 -11.46 2.00 -18.09
N HIS A 404 -10.18 2.19 -18.41
CA HIS A 404 -9.79 2.28 -19.80
C HIS A 404 -9.68 0.88 -20.40
N GLY A 405 -9.52 -0.14 -19.56
CA GLY A 405 -9.54 -1.49 -20.06
C GLY A 405 -10.97 -1.96 -20.24
N ARG A 406 -11.90 -1.46 -19.41
CA ARG A 406 -13.29 -1.84 -19.63
C ARG A 406 -13.88 -1.13 -20.84
N LEU A 407 -13.45 0.09 -21.14
CA LEU A 407 -13.96 0.71 -22.36
C LEU A 407 -13.51 -0.07 -23.59
N ALA A 408 -12.24 -0.50 -23.60
CA ALA A 408 -11.74 -1.27 -24.74
C ALA A 408 -12.45 -2.61 -24.83
N ARG A 409 -12.65 -3.28 -23.71
CA ARG A 409 -13.34 -4.56 -23.71
C ARG A 409 -14.78 -4.36 -24.16
N ARG A 410 -15.40 -3.24 -23.77
CA ARG A 410 -16.77 -2.95 -24.18
C ARG A 410 -16.84 -2.80 -25.69
N GLY A 411 -15.82 -2.16 -26.27
CA GLY A 411 -15.78 -1.99 -27.71
C GLY A 411 -15.58 -3.29 -28.47
N VAL A 412 -14.69 -4.16 -27.97
CA VAL A 412 -14.34 -5.40 -28.66
C VAL A 412 -15.24 -6.59 -28.37
N ALA A 413 -16.03 -6.55 -27.31
CA ALA A 413 -16.77 -7.72 -26.82
C ALA A 413 -17.75 -8.32 -27.83
N ALA A 414 -18.48 -7.49 -28.58
CA ALA A 414 -19.50 -8.05 -29.48
C ALA A 414 -18.93 -8.96 -30.55
N MET A 415 -17.68 -8.77 -30.95
CA MET A 415 -17.10 -9.57 -32.02
C MET A 415 -16.51 -10.88 -31.56
N LEU A 416 -16.24 -11.03 -30.26
CA LEU A 416 -15.55 -12.22 -29.78
C LEU A 416 -16.40 -13.47 -29.96
N PRO A 417 -15.76 -14.63 -30.14
CA PRO A 417 -16.50 -15.88 -30.37
C PRO A 417 -16.94 -16.51 -29.06
N THR A 418 -18.14 -17.07 -29.06
CA THR A 418 -18.62 -17.78 -27.89
C THR A 418 -17.84 -19.07 -27.69
N GLN A 419 -18.00 -19.66 -26.51
CA GLN A 419 -17.21 -20.85 -26.16
C GLN A 419 -17.55 -22.02 -27.07
N ASP A 420 -18.76 -22.05 -27.63
CA ASP A 420 -19.09 -23.09 -28.59
C ASP A 420 -18.26 -22.94 -29.86
N GLU A 421 -18.13 -21.72 -30.37
CA GLU A 421 -17.39 -21.49 -31.60
C GLU A 421 -15.89 -21.62 -31.38
N PHE A 422 -15.39 -21.07 -30.28
CA PHE A 422 -13.95 -21.04 -29.98
C PHE A 422 -13.76 -21.47 -28.52
N PRO A 423 -13.38 -22.73 -28.27
CA PRO A 423 -13.27 -23.22 -26.89
C PRO A 423 -11.90 -22.93 -26.26
N TYR A 424 -11.59 -21.65 -26.07
CA TYR A 424 -10.30 -21.26 -25.54
C TYR A 424 -10.46 -19.95 -24.77
N THR A 425 -9.59 -19.77 -23.78
CA THR A 425 -9.52 -18.50 -23.06
C THR A 425 -8.71 -17.52 -23.90
N ILE A 426 -9.00 -16.24 -23.74
CA ILE A 426 -8.32 -15.18 -24.49
C ILE A 426 -7.95 -14.06 -23.53
N ARG A 427 -6.67 -13.69 -23.53
CA ARG A 427 -6.18 -12.58 -22.70
C ARG A 427 -5.47 -11.57 -23.60
N VAL A 428 -6.17 -10.50 -23.94
CA VAL A 428 -5.58 -9.39 -24.66
C VAL A 428 -4.92 -8.45 -23.65
N VAL A 429 -3.72 -7.98 -23.96
CA VAL A 429 -2.96 -7.11 -23.07
C VAL A 429 -2.49 -5.92 -23.89
N SER A 430 -3.11 -4.77 -23.68
CA SER A 430 -2.80 -3.57 -24.43
C SER A 430 -1.89 -2.69 -23.60
N GLU A 431 -0.67 -2.46 -24.07
CA GLU A 431 0.30 -1.63 -23.39
C GLU A 431 0.45 -0.33 -24.16
N ILE A 432 0.15 0.79 -23.49
CA ILE A 432 0.20 2.09 -24.14
C ILE A 432 1.66 2.55 -24.11
N THR A 433 2.33 2.48 -25.25
CA THR A 433 3.72 2.90 -25.34
C THR A 433 3.85 4.39 -25.59
N GLU A 434 2.89 5.00 -26.27
CA GLU A 434 2.85 6.46 -26.41
C GLU A 434 1.42 6.91 -26.21
N SER A 435 1.25 8.09 -25.61
CA SER A 435 -0.09 8.64 -25.41
C SER A 435 -0.06 10.15 -25.62
N ASN A 436 -0.84 10.63 -26.59
CA ASN A 436 -1.18 12.03 -26.74
C ASN A 436 -2.62 12.16 -27.20
N GLY A 437 -3.49 11.35 -26.63
CA GLY A 437 -4.86 11.26 -27.09
C GLY A 437 -5.59 10.17 -26.34
N SER A 438 -6.60 9.60 -27.00
CA SER A 438 -7.33 8.48 -26.42
C SER A 438 -6.58 7.20 -26.76
N SER A 439 -5.89 6.65 -25.77
CA SER A 439 -5.20 5.38 -25.94
C SER A 439 -6.13 4.19 -25.80
N SER A 440 -7.31 4.39 -25.20
CA SER A 440 -8.28 3.30 -25.12
C SER A 440 -8.80 2.91 -26.50
N MET A 441 -9.02 3.88 -27.38
CA MET A 441 -9.49 3.57 -28.72
C MET A 441 -8.38 2.93 -29.55
N ALA A 442 -7.13 3.33 -29.31
CA ALA A 442 -6.02 2.64 -29.92
C ALA A 442 -5.91 1.23 -29.39
N SER A 443 -6.33 1.00 -28.14
CA SER A 443 -6.36 -0.36 -27.61
C SER A 443 -7.46 -1.17 -28.27
N VAL A 444 -8.57 -0.55 -28.62
CA VAL A 444 -9.62 -1.26 -29.34
C VAL A 444 -9.13 -1.68 -30.72
N CYS A 445 -8.51 -0.75 -31.45
CA CYS A 445 -8.00 -1.11 -32.77
C CYS A 445 -6.92 -2.17 -32.68
N GLY A 446 -5.97 -2.00 -31.74
CA GLY A 446 -4.93 -2.98 -31.56
C GLY A 446 -5.47 -4.34 -31.16
N ALA A 447 -6.54 -4.37 -30.37
CA ALA A 447 -7.12 -5.64 -29.96
C ALA A 447 -7.73 -6.34 -31.16
N SER A 448 -8.52 -5.61 -31.95
CA SER A 448 -9.05 -6.22 -33.17
C SER A 448 -7.94 -6.80 -34.02
N LEU A 449 -6.85 -6.04 -34.21
CA LEU A 449 -5.79 -6.51 -35.09
C LEU A 449 -5.09 -7.72 -34.49
N ALA A 450 -4.79 -7.70 -33.19
CA ALA A 450 -4.07 -8.80 -32.59
C ALA A 450 -4.94 -10.06 -32.55
N LEU A 451 -6.27 -9.89 -32.50
CA LEU A 451 -7.14 -11.06 -32.45
C LEU A 451 -7.32 -11.65 -33.84
N MET A 452 -7.36 -10.81 -34.87
CA MET A 452 -7.39 -11.33 -36.23
C MET A 452 -6.03 -11.85 -36.66
N ASP A 453 -4.97 -11.53 -35.93
CA ASP A 453 -3.63 -12.04 -36.22
C ASP A 453 -3.35 -13.33 -35.47
N ALA A 454 -3.93 -13.50 -34.29
CA ALA A 454 -3.76 -14.74 -33.55
C ALA A 454 -4.54 -15.88 -34.16
N GLY A 455 -5.59 -15.58 -34.92
CA GLY A 455 -6.45 -16.58 -35.52
C GLY A 455 -7.82 -16.66 -34.89
N VAL A 456 -8.11 -15.85 -33.88
CA VAL A 456 -9.40 -15.91 -33.20
C VAL A 456 -10.51 -15.60 -34.19
N PRO A 457 -11.58 -16.41 -34.28
CA PRO A 457 -12.63 -16.12 -35.28
C PRO A 457 -13.55 -14.98 -34.85
N VAL A 458 -13.01 -13.76 -34.84
CA VAL A 458 -13.83 -12.60 -34.52
C VAL A 458 -14.77 -12.31 -35.67
N LYS A 459 -15.95 -11.77 -35.35
CA LYS A 459 -16.95 -11.54 -36.39
C LYS A 459 -16.48 -10.52 -37.41
N ALA A 460 -15.91 -9.40 -36.98
CA ALA A 460 -15.51 -8.36 -37.91
C ALA A 460 -14.47 -7.45 -37.27
N PRO A 461 -13.76 -6.66 -38.06
CA PRO A 461 -12.82 -5.67 -37.52
C PRO A 461 -13.55 -4.54 -36.81
N VAL A 462 -13.07 -4.19 -35.61
CA VAL A 462 -13.67 -3.13 -34.80
C VAL A 462 -12.63 -2.04 -34.61
N ALA A 463 -13.06 -0.79 -34.78
CA ALA A 463 -12.18 0.35 -34.56
C ALA A 463 -12.87 1.38 -33.68
N GLY A 464 -12.08 2.16 -32.96
CA GLY A 464 -12.59 3.18 -32.08
C GLY A 464 -12.02 4.55 -32.40
N ILE A 465 -12.79 5.58 -32.08
CA ILE A 465 -12.36 6.97 -32.26
C ILE A 465 -12.85 7.78 -31.08
N ALA A 466 -11.98 8.65 -30.56
CA ALA A 466 -12.31 9.54 -29.46
C ALA A 466 -12.40 10.97 -29.97
N MET A 467 -13.51 11.63 -29.67
CA MET A 467 -13.78 12.95 -30.24
C MET A 467 -14.19 13.92 -29.14
N GLY A 468 -14.38 15.18 -29.54
CA GLY A 468 -14.76 16.21 -28.61
C GLY A 468 -15.64 17.25 -29.27
N LEU A 469 -16.26 18.07 -28.43
CA LEU A 469 -17.12 19.15 -28.86
C LEU A 469 -16.85 20.37 -28.00
N VAL A 470 -16.64 21.52 -28.67
CA VAL A 470 -16.41 22.81 -28.04
C VAL A 470 -17.55 23.74 -28.48
N LYS A 471 -18.47 24.01 -27.57
CA LYS A 471 -19.58 24.92 -27.79
C LYS A 471 -19.30 26.25 -27.10
N GLU A 472 -19.39 27.36 -27.85
CA GLU A 472 -19.14 28.71 -27.34
C GLU A 472 -20.34 29.58 -27.70
N GLY A 473 -21.41 29.45 -26.93
CA GLY A 473 -22.64 30.20 -27.20
C GLY A 473 -23.60 29.38 -28.07
N GLU A 474 -23.80 29.82 -29.31
CA GLU A 474 -24.62 29.11 -30.26
C GLU A 474 -23.79 28.43 -31.35
N LYS A 475 -22.48 28.62 -31.33
CA LYS A 475 -21.58 28.04 -32.31
C LYS A 475 -20.80 26.90 -31.66
N PHE A 476 -20.79 25.74 -32.31
CA PHE A 476 -20.12 24.57 -31.79
C PHE A 476 -19.23 23.98 -32.85
N ALA A 477 -18.14 23.34 -32.40
CA ALA A 477 -17.20 22.69 -33.29
C ALA A 477 -16.92 21.29 -32.76
N VAL A 478 -17.02 20.29 -33.65
CA VAL A 478 -16.75 18.90 -33.31
C VAL A 478 -15.35 18.57 -33.78
N LEU A 479 -14.51 18.11 -32.87
CA LEU A 479 -13.12 17.81 -33.14
C LEU A 479 -12.94 16.30 -33.23
N THR A 480 -12.38 15.84 -34.34
CA THR A 480 -12.11 14.43 -34.59
C THR A 480 -10.72 14.08 -34.08
N ASP A 481 -10.60 12.88 -33.51
CA ASP A 481 -9.32 12.40 -32.99
C ASP A 481 -8.71 13.43 -32.04
N ILE A 482 -9.42 13.64 -30.93
CA ILE A 482 -9.01 14.64 -29.97
C ILE A 482 -7.60 14.35 -29.47
N LEU A 483 -6.81 15.41 -29.28
CA LEU A 483 -5.47 15.29 -28.74
C LEU A 483 -5.51 15.22 -27.22
N GLY A 484 -4.33 15.14 -26.60
CA GLY A 484 -4.26 15.08 -25.16
C GLY A 484 -4.44 16.45 -24.56
N ASP A 485 -3.88 17.46 -25.20
CA ASP A 485 -4.05 18.83 -24.73
C ASP A 485 -5.50 19.28 -24.82
N GLU A 486 -6.22 18.81 -25.84
CA GLU A 486 -7.60 19.21 -26.06
C GLU A 486 -8.58 18.48 -25.14
N ASP A 487 -8.14 17.43 -24.44
CA ASP A 487 -9.07 16.63 -23.66
C ASP A 487 -9.74 17.46 -22.56
N HIS A 488 -8.99 18.37 -21.96
CA HIS A 488 -9.49 19.21 -20.89
C HIS A 488 -10.10 20.50 -21.39
N LEU A 489 -10.06 20.74 -22.69
CA LEU A 489 -10.48 22.01 -23.28
C LEU A 489 -11.88 21.93 -23.88
N GLY A 490 -12.49 20.76 -23.88
CA GLY A 490 -13.73 20.54 -24.57
C GLY A 490 -14.93 20.57 -23.66
N ASP A 491 -16.11 20.68 -24.27
CA ASP A 491 -17.36 20.68 -23.52
C ASP A 491 -17.98 19.30 -23.46
N MET A 492 -17.83 18.49 -24.51
CA MET A 492 -18.27 17.09 -24.46
C MET A 492 -17.19 16.25 -25.11
N ASP A 493 -16.64 15.28 -24.39
CA ASP A 493 -15.69 14.35 -24.98
C ASP A 493 -16.29 12.95 -25.03
N PHE A 494 -16.59 12.46 -26.22
CA PHE A 494 -17.17 11.13 -26.37
C PHE A 494 -16.14 10.18 -27.00
N LYS A 495 -16.47 8.89 -26.96
CA LYS A 495 -15.55 7.86 -27.46
C LYS A 495 -16.40 6.74 -28.04
N VAL A 496 -16.44 6.63 -29.36
CA VAL A 496 -17.31 5.68 -30.06
C VAL A 496 -16.46 4.60 -30.69
N ALA A 497 -16.78 3.34 -30.37
CA ALA A 497 -16.14 2.20 -31.01
C ALA A 497 -17.20 1.46 -31.81
N GLY A 498 -16.78 0.74 -32.84
CA GLY A 498 -17.72 -0.04 -33.61
C GLY A 498 -17.11 -0.62 -34.86
N THR A 499 -17.95 -1.39 -35.55
CA THR A 499 -17.59 -2.01 -36.82
C THR A 499 -18.05 -1.08 -37.94
N ASP A 500 -18.16 -1.61 -39.16
CA ASP A 500 -18.63 -0.82 -40.28
C ASP A 500 -20.15 -0.78 -40.34
N LYS A 501 -20.83 -1.60 -39.53
CA LYS A 501 -22.28 -1.68 -39.49
C LYS A 501 -22.88 -0.89 -38.34
N GLY A 502 -22.30 -0.94 -37.14
CA GLY A 502 -22.91 -0.24 -36.03
C GLY A 502 -21.98 -0.10 -34.86
N VAL A 503 -22.42 0.73 -33.90
CA VAL A 503 -21.65 1.01 -32.70
C VAL A 503 -21.65 -0.19 -31.77
N THR A 504 -20.50 -0.45 -31.13
CA THR A 504 -20.37 -1.54 -30.19
C THR A 504 -20.01 -1.06 -28.79
N ALA A 505 -19.88 0.26 -28.60
CA ALA A 505 -19.59 0.85 -27.30
C ALA A 505 -19.66 2.36 -27.44
N LEU A 506 -20.20 3.05 -26.44
CA LEU A 506 -20.27 4.51 -26.48
C LEU A 506 -20.07 5.11 -25.10
N GLN A 507 -19.06 5.97 -24.96
CA GLN A 507 -18.83 6.71 -23.73
C GLN A 507 -18.90 8.20 -24.03
N MET A 508 -19.73 8.91 -23.26
CA MET A 508 -19.85 10.36 -23.35
C MET A 508 -19.76 10.97 -21.96
N ASP A 509 -19.24 12.19 -21.90
CA ASP A 509 -19.07 12.91 -20.63
C ASP A 509 -19.29 14.40 -20.92
N ILE A 510 -20.55 14.81 -20.86
CA ILE A 510 -20.95 16.20 -21.09
C ILE A 510 -20.67 17.03 -19.83
N LYS A 511 -20.38 18.32 -20.05
CA LYS A 511 -20.09 19.25 -18.98
C LYS A 511 -20.91 20.52 -19.04
N ILE A 512 -21.66 20.75 -20.11
CA ILE A 512 -22.44 21.97 -20.29
C ILE A 512 -23.90 21.61 -20.47
N ASN A 513 -24.75 22.63 -20.39
CA ASN A 513 -26.16 22.50 -20.70
C ASN A 513 -26.40 23.17 -22.05
N GLY A 514 -27.03 22.44 -22.97
CA GLY A 514 -27.34 23.00 -24.26
C GLY A 514 -27.04 22.09 -25.42
N ILE A 515 -26.41 20.95 -25.16
CA ILE A 515 -26.11 19.97 -26.22
C ILE A 515 -27.42 19.26 -26.55
N THR A 516 -28.09 19.74 -27.60
CA THR A 516 -29.40 19.23 -28.00
C THR A 516 -29.22 17.88 -28.70
N GLU A 517 -30.32 17.36 -29.25
CA GLU A 517 -30.26 16.10 -29.98
C GLU A 517 -29.52 16.26 -31.31
N GLU A 518 -29.78 17.36 -32.01
CA GLU A 518 -29.18 17.54 -33.34
C GLU A 518 -27.66 17.64 -33.25
N ILE A 519 -27.15 18.30 -32.22
CA ILE A 519 -25.71 18.37 -32.04
C ILE A 519 -25.14 16.97 -31.85
N MET A 520 -25.83 16.12 -31.08
CA MET A 520 -25.35 14.76 -30.87
C MET A 520 -25.41 13.95 -32.16
N GLU A 521 -26.43 14.16 -33.00
CA GLU A 521 -26.46 13.45 -34.27
C GLU A 521 -25.30 13.89 -35.17
N ILE A 522 -25.00 15.18 -35.20
CA ILE A 522 -23.89 15.65 -36.03
C ILE A 522 -22.57 15.07 -35.52
N ALA A 523 -22.39 15.07 -34.20
CA ALA A 523 -21.16 14.55 -33.63
C ALA A 523 -21.02 13.06 -33.92
N LEU A 524 -22.11 12.31 -33.81
CA LEU A 524 -22.03 10.87 -34.04
C LEU A 524 -21.85 10.54 -35.51
N GLY A 525 -22.36 11.37 -36.41
CA GLY A 525 -22.09 11.17 -37.83
C GLY A 525 -20.63 11.43 -38.17
N GLN A 526 -20.04 12.46 -37.56
CA GLN A 526 -18.63 12.71 -37.79
C GLN A 526 -17.77 11.59 -37.20
N ALA A 527 -18.20 11.04 -36.06
CA ALA A 527 -17.48 9.90 -35.50
C ALA A 527 -17.60 8.68 -36.39
N LEU A 528 -18.76 8.50 -37.03
CA LEU A 528 -18.90 7.37 -37.95
C LEU A 528 -17.99 7.51 -39.15
N GLU A 529 -17.88 8.72 -39.72
CA GLU A 529 -16.99 8.85 -40.88
C GLU A 529 -15.54 8.62 -40.48
N ALA A 530 -15.14 9.12 -39.30
CA ALA A 530 -13.79 8.88 -38.84
C ALA A 530 -13.54 7.39 -38.66
N ARG A 531 -14.48 6.71 -38.00
CA ARG A 531 -14.30 5.28 -37.74
C ARG A 531 -14.20 4.49 -39.03
N LEU A 532 -15.02 4.83 -40.02
CA LEU A 532 -14.97 4.11 -41.29
C LEU A 532 -13.65 4.35 -42.00
N ASN A 533 -13.09 5.55 -41.89
CA ASN A 533 -11.78 5.82 -42.46
C ASN A 533 -10.72 4.95 -41.78
N ILE A 534 -10.74 4.91 -40.44
CA ILE A 534 -9.75 4.12 -39.72
C ILE A 534 -9.90 2.65 -40.07
N LEU A 535 -11.15 2.17 -40.15
CA LEU A 535 -11.39 0.76 -40.40
C LEU A 535 -10.94 0.38 -41.80
N GLY A 536 -11.05 1.31 -42.75
CA GLY A 536 -10.62 1.03 -44.09
C GLY A 536 -9.11 0.96 -44.18
N GLN A 537 -8.41 1.87 -43.49
CA GLN A 537 -6.96 1.73 -43.43
C GLN A 537 -6.52 0.49 -42.68
N MET A 538 -7.30 0.02 -41.71
CA MET A 538 -6.93 -1.20 -41.00
C MET A 538 -7.08 -2.43 -41.87
N ASN A 539 -8.11 -2.46 -42.72
CA ASN A 539 -8.35 -3.63 -43.57
C ASN A 539 -7.29 -3.81 -44.65
N GLN A 540 -6.44 -2.82 -44.86
CA GLN A 540 -5.35 -2.95 -45.83
C GLN A 540 -4.17 -3.75 -45.28
N VAL A 541 -4.17 -4.05 -43.98
CA VAL A 541 -3.11 -4.87 -43.39
C VAL A 541 -3.62 -6.28 -43.20
N ILE A 542 -4.59 -6.46 -42.31
CA ILE A 542 -5.27 -7.72 -42.10
C ILE A 542 -6.77 -7.48 -42.12
N ALA A 543 -7.49 -8.21 -42.98
CA ALA A 543 -8.93 -8.01 -43.10
C ALA A 543 -9.74 -9.09 -42.39
N LYS A 544 -9.22 -10.30 -42.28
CA LYS A 544 -9.96 -11.41 -41.70
C LYS A 544 -9.03 -12.24 -40.81
N PRO A 545 -9.60 -13.02 -39.89
CA PRO A 545 -8.78 -13.86 -39.02
C PRO A 545 -7.87 -14.80 -39.81
N ARG A 546 -6.66 -14.99 -39.29
CA ARG A 546 -5.68 -15.84 -39.97
C ARG A 546 -6.30 -17.18 -40.34
N ALA A 547 -5.92 -17.68 -41.51
CA ALA A 547 -6.47 -18.94 -41.99
C ALA A 547 -6.32 -20.03 -40.94
N GLU A 548 -5.12 -20.17 -40.38
CA GLU A 548 -4.81 -21.21 -39.42
C GLU A 548 -4.37 -20.57 -38.10
N LEU A 549 -4.66 -21.26 -37.00
CA LEU A 549 -4.34 -20.72 -35.69
C LEU A 549 -2.83 -20.51 -35.57
N SER A 550 -2.43 -19.80 -34.51
CA SER A 550 -1.03 -19.50 -34.32
C SER A 550 -0.21 -20.78 -34.19
N GLU A 551 1.10 -20.65 -34.39
CA GLU A 551 1.99 -21.79 -34.31
C GLU A 551 2.27 -22.23 -32.88
N ASN A 552 1.95 -21.41 -31.88
CA ASN A 552 2.22 -21.73 -30.48
C ASN A 552 0.95 -21.85 -29.64
N ALA A 553 -0.23 -21.87 -30.25
CA ALA A 553 -1.47 -21.86 -29.50
C ALA A 553 -2.02 -23.27 -29.33
N PRO A 554 -2.54 -23.62 -28.13
CA PRO A 554 -3.21 -24.92 -27.96
C PRO A 554 -4.30 -25.17 -28.99
N ASN B 2 11.94 7.81 -38.99
CA ASN B 2 12.02 6.42 -39.45
C ASN B 2 12.81 5.57 -38.47
N PRO B 3 12.49 4.28 -38.38
CA PRO B 3 13.15 3.40 -37.40
C PRO B 3 14.57 3.05 -37.82
N VAL B 4 15.53 3.46 -37.00
CA VAL B 4 16.92 3.05 -37.19
C VAL B 4 17.13 1.69 -36.53
N THR B 5 17.66 0.74 -37.30
CA THR B 5 17.92 -0.61 -36.83
C THR B 5 19.40 -0.91 -37.01
N LYS B 6 20.03 -1.39 -35.94
CA LYS B 6 21.45 -1.72 -35.93
C LYS B 6 21.59 -3.18 -35.54
N GLN B 7 22.28 -3.95 -36.39
CA GLN B 7 22.45 -5.39 -36.18
C GLN B 7 23.92 -5.69 -36.02
N PHE B 8 24.27 -6.43 -34.96
CA PHE B 8 25.66 -6.83 -34.74
C PHE B 8 25.69 -8.26 -34.22
N GLN B 9 26.89 -8.75 -33.96
CA GLN B 9 27.13 -10.17 -33.66
C GLN B 9 27.81 -10.27 -32.31
N PHE B 10 27.06 -10.66 -31.29
CA PHE B 10 27.57 -10.86 -29.93
C PHE B 10 27.94 -12.33 -29.78
N GLY B 11 29.21 -12.62 -30.07
CA GLY B 11 29.77 -13.94 -29.89
C GLY B 11 29.37 -14.87 -31.02
N GLN B 12 28.13 -15.37 -30.93
CA GLN B 12 27.52 -16.12 -32.02
C GLN B 12 26.05 -15.77 -32.17
N SER B 13 25.55 -14.79 -31.43
CA SER B 13 24.14 -14.42 -31.44
C SER B 13 23.96 -13.11 -32.20
N THR B 14 23.03 -13.09 -33.13
CA THR B 14 22.71 -11.86 -33.85
C THR B 14 21.83 -10.99 -32.95
N VAL B 15 22.33 -9.81 -32.61
CA VAL B 15 21.64 -8.88 -31.71
C VAL B 15 21.17 -7.69 -32.53
N THR B 16 19.89 -7.37 -32.41
CA THR B 16 19.27 -6.28 -33.15
C THR B 16 18.80 -5.22 -32.16
N LEU B 17 19.20 -3.98 -32.38
CA LEU B 17 18.73 -2.83 -31.61
C LEU B 17 17.92 -1.96 -32.53
N GLU B 18 16.65 -1.73 -32.20
CA GLU B 18 15.76 -0.94 -33.02
C GLU B 18 15.29 0.27 -32.22
N THR B 19 15.32 1.44 -32.84
CA THR B 19 14.90 2.67 -32.18
C THR B 19 14.12 3.52 -33.16
N GLY B 20 13.28 4.39 -32.62
CA GLY B 20 12.51 5.32 -33.42
C GLY B 20 11.14 4.86 -33.82
N ARG B 21 10.76 3.62 -33.50
CA ARG B 21 9.43 3.10 -33.83
C ARG B 21 8.52 2.98 -32.62
N ILE B 22 9.03 2.51 -31.49
CA ILE B 22 8.24 2.25 -30.30
C ILE B 22 8.68 3.22 -29.20
N ALA B 23 7.72 3.84 -28.53
CA ALA B 23 7.98 4.69 -27.37
C ALA B 23 8.85 5.89 -27.76
N ARG B 24 8.32 6.72 -28.65
CA ARG B 24 9.00 7.92 -29.09
C ARG B 24 8.67 9.14 -28.24
N GLN B 25 8.17 8.93 -27.03
CA GLN B 25 7.92 10.02 -26.09
C GLN B 25 8.74 9.87 -24.82
N ALA B 26 9.63 8.89 -24.77
CA ALA B 26 10.57 8.73 -23.67
C ALA B 26 11.91 9.31 -24.11
N THR B 27 12.74 9.65 -23.13
CA THR B 27 14.02 10.26 -23.47
C THR B 27 14.85 9.34 -24.34
N GLY B 28 14.76 8.03 -24.10
CA GLY B 28 15.42 7.06 -24.94
C GLY B 28 14.72 5.71 -24.91
N ALA B 29 14.53 5.08 -26.06
CA ALA B 29 13.85 3.78 -26.11
C ALA B 29 14.50 2.90 -27.15
N VAL B 30 14.68 1.62 -26.80
CA VAL B 30 15.32 0.66 -27.68
C VAL B 30 14.63 -0.69 -27.52
N LEU B 31 14.31 -1.33 -28.64
CA LEU B 31 13.82 -2.70 -28.64
C LEU B 31 14.99 -3.60 -29.03
N VAL B 32 15.33 -4.55 -28.17
CA VAL B 32 16.49 -5.41 -28.34
C VAL B 32 15.99 -6.82 -28.60
N THR B 33 16.46 -7.41 -29.70
CA THR B 33 16.15 -8.80 -30.04
C THR B 33 17.46 -9.57 -30.06
N MET B 34 17.56 -10.59 -29.20
CA MET B 34 18.75 -11.41 -29.08
C MET B 34 18.32 -12.84 -28.81
N ASP B 35 18.70 -13.76 -29.69
CA ASP B 35 18.40 -15.18 -29.53
C ASP B 35 16.91 -15.40 -29.30
N ASP B 36 16.10 -14.80 -30.16
CA ASP B 36 14.64 -14.92 -30.10
C ASP B 36 14.05 -14.38 -28.80
N VAL B 37 14.77 -13.51 -28.11
CA VAL B 37 14.28 -12.85 -26.91
C VAL B 37 14.22 -11.36 -27.20
N SER B 38 13.03 -10.79 -27.11
CA SER B 38 12.79 -9.38 -27.41
C SER B 38 12.38 -8.66 -26.13
N VAL B 39 13.11 -7.58 -25.82
CA VAL B 39 12.89 -6.77 -24.62
C VAL B 39 12.86 -5.30 -25.04
N LEU B 40 11.87 -4.56 -24.54
CA LEU B 40 11.76 -3.14 -24.79
C LEU B 40 12.27 -2.39 -23.56
N VAL B 41 13.25 -1.52 -23.75
CA VAL B 41 13.88 -0.78 -22.66
C VAL B 41 13.71 0.71 -22.92
N THR B 42 13.18 1.43 -21.94
CA THR B 42 12.95 2.86 -22.04
C THR B 42 13.52 3.56 -20.82
N VAL B 43 14.23 4.66 -21.07
CA VAL B 43 14.75 5.53 -20.02
C VAL B 43 14.11 6.90 -20.17
N VAL B 44 13.55 7.42 -19.08
CA VAL B 44 12.99 8.76 -19.03
C VAL B 44 13.74 9.51 -17.93
N GLY B 45 14.37 10.63 -18.29
CA GLY B 45 15.01 11.51 -17.34
C GLY B 45 14.29 12.85 -17.29
N ALA B 46 14.02 13.31 -16.07
CA ALA B 46 13.33 14.58 -15.91
C ALA B 46 14.25 15.73 -16.31
N LYS B 47 13.63 16.82 -16.79
CA LYS B 47 14.42 17.93 -17.30
C LYS B 47 15.04 18.75 -16.18
N SER B 48 14.32 18.92 -15.07
CA SER B 48 14.83 19.71 -13.96
C SER B 48 14.76 18.89 -12.67
N PRO B 49 15.74 19.03 -11.78
CA PRO B 49 15.68 18.31 -10.51
C PRO B 49 14.64 18.93 -9.58
N ALA B 50 14.20 18.13 -8.61
CA ALA B 50 13.21 18.59 -7.65
C ALA B 50 13.84 19.61 -6.70
N GLU B 51 13.03 20.58 -6.28
CA GLU B 51 13.50 21.63 -5.38
C GLU B 51 13.85 21.02 -4.03
N GLY B 52 15.04 21.34 -3.54
CA GLY B 52 15.50 20.86 -2.25
C GLY B 52 15.99 19.43 -2.24
N ARG B 53 15.98 18.75 -3.38
CA ARG B 53 16.45 17.37 -3.42
C ARG B 53 17.96 17.33 -3.27
N ASP B 54 18.43 16.39 -2.44
CA ASP B 54 19.85 16.26 -2.16
C ASP B 54 20.39 14.88 -2.53
N PHE B 55 19.56 14.02 -3.10
CA PHE B 55 19.96 12.68 -3.51
C PHE B 55 19.53 12.48 -4.96
N PHE B 56 20.21 11.55 -5.64
CA PHE B 56 19.91 11.24 -7.03
C PHE B 56 18.90 10.11 -7.09
N PRO B 57 17.65 10.36 -7.49
CA PRO B 57 16.68 9.27 -7.59
C PRO B 57 16.80 8.52 -8.92
N LEU B 58 17.31 7.30 -8.85
CA LEU B 58 17.39 6.41 -10.00
C LEU B 58 16.59 5.16 -9.70
N SER B 59 15.71 4.78 -10.61
CA SER B 59 14.83 3.63 -10.40
C SER B 59 14.82 2.77 -11.64
N VAL B 60 15.15 1.48 -11.48
CA VAL B 60 15.15 0.52 -12.58
C VAL B 60 14.07 -0.52 -12.27
N HIS B 61 13.18 -0.72 -13.24
CA HIS B 61 12.05 -1.65 -13.10
C HIS B 61 12.13 -2.66 -14.24
N TYR B 62 12.39 -3.91 -13.90
CA TYR B 62 12.44 -5.00 -14.86
C TYR B 62 11.17 -5.83 -14.72
N GLN B 63 10.44 -5.97 -15.84
CA GLN B 63 9.16 -6.64 -15.85
C GLN B 63 9.19 -7.75 -16.89
N GLU B 64 8.70 -8.92 -16.51
CA GLU B 64 8.51 -10.04 -17.43
C GLU B 64 7.02 -10.23 -17.63
N LYS B 65 6.58 -10.12 -18.88
CA LYS B 65 5.18 -10.26 -19.21
C LYS B 65 4.91 -11.70 -19.66
N THR B 66 3.90 -12.32 -19.06
CA THR B 66 3.68 -13.74 -19.31
C THR B 66 3.33 -14.00 -20.77
N TYR B 67 2.71 -13.04 -21.45
CA TYR B 67 2.38 -13.24 -22.84
C TYR B 67 3.62 -13.35 -23.72
N ALA B 68 4.79 -12.98 -23.19
CA ALA B 68 6.03 -13.20 -23.92
C ALA B 68 6.25 -14.69 -24.17
N ALA B 69 5.82 -15.52 -23.24
CA ALA B 69 5.91 -16.97 -23.38
C ALA B 69 4.64 -17.57 -23.95
N GLY B 70 3.70 -16.75 -24.40
CA GLY B 70 2.44 -17.24 -24.92
C GLY B 70 1.64 -17.98 -23.88
N ARG B 71 1.58 -17.43 -22.67
CA ARG B 71 0.91 -18.08 -21.55
C ARG B 71 0.06 -17.05 -20.82
N ILE B 72 -0.98 -17.53 -20.15
CA ILE B 72 -1.84 -16.69 -19.33
C ILE B 72 -1.39 -16.75 -17.88
N PRO B 73 -1.23 -15.61 -17.19
CA PRO B 73 -0.73 -15.65 -15.81
C PRO B 73 -1.53 -16.56 -14.91
N GLY B 74 -0.92 -17.05 -13.84
CA GLY B 74 -1.63 -17.81 -12.83
C GLY B 74 -2.10 -16.91 -11.70
N GLY B 75 -2.91 -17.46 -10.81
CA GLY B 75 -3.38 -16.70 -9.68
C GLY B 75 -4.81 -16.23 -9.88
N PHE B 76 -5.45 -15.86 -8.76
CA PHE B 76 -6.87 -15.54 -8.81
C PHE B 76 -7.17 -14.40 -9.76
N PHE B 77 -6.25 -13.44 -9.89
CA PHE B 77 -6.53 -12.24 -10.67
C PHE B 77 -6.08 -12.35 -12.13
N LYS B 78 -5.21 -13.32 -12.44
CA LYS B 78 -4.76 -13.56 -13.81
C LYS B 78 -4.11 -12.32 -14.43
N ARG B 79 -3.39 -11.56 -13.62
CA ARG B 79 -2.67 -10.39 -14.09
C ARG B 79 -1.33 -10.29 -13.38
N GLU B 80 -0.36 -9.63 -14.04
CA GLU B 80 0.97 -9.46 -13.49
C GLU B 80 0.92 -8.38 -12.43
N GLY B 81 1.14 -8.76 -11.16
CA GLY B 81 1.05 -7.79 -10.10
C GLY B 81 2.39 -7.42 -9.48
N ARG B 82 2.62 -7.86 -8.26
CA ARG B 82 3.88 -7.56 -7.58
C ARG B 82 5.03 -8.29 -8.27
N PRO B 83 6.18 -7.64 -8.42
CA PRO B 83 7.32 -8.31 -9.06
C PRO B 83 7.77 -9.51 -8.27
N SER B 84 8.20 -10.55 -8.98
CA SER B 84 8.70 -11.76 -8.35
C SER B 84 10.12 -11.54 -7.84
N GLU B 85 10.69 -12.56 -7.21
CA GLU B 85 12.07 -12.45 -6.76
C GLU B 85 13.02 -12.30 -7.94
N LYS B 86 12.75 -13.02 -9.03
CA LYS B 86 13.60 -12.91 -10.21
C LYS B 86 13.59 -11.50 -10.79
N GLU B 87 12.41 -10.90 -10.89
CA GLU B 87 12.32 -9.55 -11.45
C GLU B 87 13.03 -8.54 -10.54
N THR B 88 12.85 -8.67 -9.22
CA THR B 88 13.51 -7.78 -8.28
C THR B 88 15.03 -7.90 -8.39
N LEU B 89 15.53 -9.14 -8.44
CA LEU B 89 16.96 -9.37 -8.54
C LEU B 89 17.50 -8.79 -9.84
N THR B 90 16.77 -8.98 -10.95
CA THR B 90 17.24 -8.49 -12.23
C THR B 90 17.25 -6.97 -12.27
N SER B 91 16.24 -6.33 -11.68
CA SER B 91 16.24 -4.88 -11.63
C SER B 91 17.42 -4.37 -10.81
N ARG B 92 17.70 -5.02 -9.68
CA ARG B 92 18.87 -4.61 -8.90
C ARG B 92 20.15 -4.81 -9.70
N LEU B 93 20.24 -5.92 -10.43
CA LEU B 93 21.43 -6.22 -11.21
C LEU B 93 21.63 -5.17 -12.30
N ILE B 94 20.55 -4.73 -12.94
CA ILE B 94 20.68 -3.69 -13.95
C ILE B 94 21.01 -2.35 -13.31
N ASP B 95 20.54 -2.13 -12.08
CA ASP B 95 20.75 -0.85 -11.42
C ASP B 95 22.20 -0.69 -10.95
N ARG B 96 22.79 -1.75 -10.41
CA ARG B 96 24.13 -1.65 -9.84
C ARG B 96 25.17 -1.04 -10.77
N PRO B 97 25.33 -1.48 -12.03
CA PRO B 97 26.43 -0.97 -12.85
C PRO B 97 26.27 0.46 -13.32
N ILE B 98 25.06 0.99 -13.38
CA ILE B 98 24.84 2.27 -14.04
C ILE B 98 24.73 3.44 -13.06
N ARG B 99 24.45 3.19 -11.79
CA ARG B 99 24.34 4.30 -10.84
C ARG B 99 25.67 5.03 -10.69
N PRO B 100 26.81 4.36 -10.53
CA PRO B 100 28.07 5.10 -10.39
C PRO B 100 28.47 5.87 -11.63
N LEU B 101 27.88 5.59 -12.79
CA LEU B 101 28.30 6.26 -14.02
C LEU B 101 27.64 7.62 -14.20
N PHE B 102 26.41 7.80 -13.74
CA PHE B 102 25.79 9.11 -13.85
C PHE B 102 26.69 10.14 -13.16
N PRO B 103 26.89 11.32 -13.75
CA PRO B 103 27.85 12.26 -13.17
C PRO B 103 27.48 12.63 -11.75
N GLU B 104 28.47 13.17 -11.03
CA GLU B 104 28.27 13.54 -9.63
C GLU B 104 27.65 14.93 -9.58
N GLY B 105 26.53 15.05 -8.87
CA GLY B 105 25.76 16.26 -8.81
C GLY B 105 24.47 16.18 -9.59
N PHE B 106 24.35 15.19 -10.46
CA PHE B 106 23.12 14.97 -11.22
C PHE B 106 22.02 14.56 -10.26
N MET B 107 21.04 15.42 -10.06
CA MET B 107 19.89 15.12 -9.21
C MET B 107 18.61 14.90 -9.98
N ASN B 108 18.63 14.98 -11.31
CA ASN B 108 17.41 14.76 -12.08
C ASN B 108 16.97 13.30 -11.95
N GLU B 109 15.66 13.10 -11.85
CA GLU B 109 15.12 11.76 -11.69
C GLU B 109 15.28 10.96 -12.97
N VAL B 110 15.76 9.73 -12.85
CA VAL B 110 15.95 8.84 -14.00
C VAL B 110 15.24 7.53 -13.70
N GLN B 111 14.43 7.07 -14.66
CA GLN B 111 13.67 5.84 -14.53
C GLN B 111 13.90 4.99 -15.76
N VAL B 112 14.33 3.75 -15.55
CA VAL B 112 14.53 2.77 -16.61
C VAL B 112 13.48 1.69 -16.44
N VAL B 113 12.86 1.30 -17.55
CA VAL B 113 11.85 0.25 -17.56
C VAL B 113 12.22 -0.75 -18.64
N CYS B 114 12.37 -2.02 -18.25
CA CYS B 114 12.80 -3.10 -19.15
C CYS B 114 11.70 -4.15 -19.18
N THR B 115 10.90 -4.15 -20.23
CA THR B 115 9.76 -5.06 -20.36
C THR B 115 10.10 -6.17 -21.36
N VAL B 116 10.02 -7.42 -20.90
CA VAL B 116 10.28 -8.57 -21.76
C VAL B 116 9.02 -8.83 -22.57
N VAL B 117 9.10 -8.64 -23.89
CA VAL B 117 7.91 -8.70 -24.73
C VAL B 117 7.80 -10.04 -25.44
N SER B 118 8.92 -10.72 -25.68
CA SER B 118 8.81 -12.07 -26.25
C SER B 118 10.03 -12.89 -25.89
N THR B 119 9.84 -14.20 -25.80
CA THR B 119 10.93 -15.12 -25.48
C THR B 119 10.60 -16.50 -26.01
N ASN B 120 11.64 -17.29 -26.27
CA ASN B 120 11.50 -18.69 -26.63
C ASN B 120 11.78 -19.60 -25.44
N LYS B 121 11.91 -19.05 -24.24
CA LYS B 121 12.03 -19.79 -23.00
C LYS B 121 13.36 -20.54 -22.85
N LYS B 122 14.37 -20.21 -23.67
CA LYS B 122 15.63 -20.93 -23.63
C LYS B 122 16.77 -20.13 -23.03
N SER B 123 16.66 -18.81 -22.95
CA SER B 123 17.72 -17.97 -22.43
C SER B 123 17.13 -16.98 -21.44
N ASP B 124 17.99 -16.49 -20.55
CA ASP B 124 17.58 -15.49 -19.58
C ASP B 124 17.50 -14.12 -20.25
N PRO B 125 16.36 -13.44 -20.21
CA PRO B 125 16.25 -12.14 -20.90
C PRO B 125 16.95 -10.99 -20.19
N ASP B 126 17.76 -11.23 -19.16
CA ASP B 126 18.37 -10.13 -18.43
C ASP B 126 19.52 -9.50 -19.21
N ILE B 127 20.31 -10.29 -19.91
CA ILE B 127 21.44 -9.74 -20.66
C ILE B 127 20.94 -8.82 -21.76
N ALA B 128 19.90 -9.24 -22.49
CA ALA B 128 19.30 -8.35 -23.47
C ALA B 128 18.74 -7.10 -22.81
N ALA B 129 18.23 -7.23 -21.59
CA ALA B 129 17.75 -6.05 -20.87
C ALA B 129 18.88 -5.08 -20.57
N MET B 130 20.04 -5.60 -20.19
CA MET B 130 21.17 -4.73 -19.89
C MET B 130 21.72 -4.07 -21.15
N ILE B 131 21.73 -4.83 -22.26
CA ILE B 131 22.12 -4.24 -23.54
C ILE B 131 21.17 -3.11 -23.91
N GLY B 132 19.87 -3.33 -23.73
CA GLY B 132 18.90 -2.30 -24.05
C GLY B 132 19.04 -1.10 -23.14
N THR B 133 19.36 -1.32 -21.88
CA THR B 133 19.57 -0.20 -20.96
C THR B 133 20.75 0.65 -21.43
N SER B 134 21.86 0.01 -21.81
CA SER B 134 23.01 0.77 -22.27
C SER B 134 22.66 1.54 -23.55
N ALA B 135 21.98 0.89 -24.49
CA ALA B 135 21.64 1.55 -25.75
C ALA B 135 20.69 2.72 -25.52
N ALA B 136 19.68 2.54 -24.67
CA ALA B 136 18.72 3.61 -24.41
C ALA B 136 19.39 4.78 -23.71
N LEU B 137 20.27 4.51 -22.75
CA LEU B 137 20.99 5.60 -22.10
C LEU B 137 21.94 6.30 -23.05
N ALA B 138 22.49 5.57 -24.03
CA ALA B 138 23.38 6.21 -25.00
C ALA B 138 22.61 7.05 -26.00
N ILE B 139 21.37 6.68 -26.30
CA ILE B 139 20.56 7.45 -27.24
C ILE B 139 19.79 8.58 -26.55
N SER B 140 19.61 8.51 -25.23
CA SER B 140 18.77 9.49 -24.55
C SER B 140 19.39 10.87 -24.58
N GLY B 141 20.71 10.96 -24.45
CA GLY B 141 21.37 12.24 -24.29
C GLY B 141 21.62 12.60 -22.84
N ILE B 142 21.06 11.84 -21.90
CA ILE B 142 21.20 12.15 -20.48
C ILE B 142 22.66 12.01 -20.09
N PRO B 143 23.22 12.89 -19.25
CA PRO B 143 24.62 12.74 -18.88
C PRO B 143 24.92 11.36 -18.34
N PHE B 144 25.79 10.63 -19.03
CA PHE B 144 26.09 9.25 -18.68
C PHE B 144 27.50 8.96 -19.18
N ALA B 145 28.23 8.13 -18.43
CA ALA B 145 29.65 7.92 -18.69
C ALA B 145 29.83 6.60 -19.44
N GLY B 146 29.96 6.68 -20.76
CA GLY B 146 30.34 5.56 -21.56
C GLY B 146 29.21 4.56 -21.69
N PRO B 147 29.15 3.85 -22.81
CA PRO B 147 28.21 2.72 -22.90
C PRO B 147 28.71 1.54 -22.10
N ILE B 148 27.80 0.89 -21.39
CA ILE B 148 28.12 -0.31 -20.65
C ILE B 148 27.82 -1.52 -21.53
N GLY B 149 28.48 -2.63 -21.21
CA GLY B 149 28.21 -3.90 -21.85
C GLY B 149 28.17 -4.98 -20.80
N ALA B 150 27.30 -5.97 -20.99
CA ALA B 150 27.09 -7.04 -20.04
C ALA B 150 27.16 -8.38 -20.74
N ALA B 151 27.57 -9.40 -19.99
CA ALA B 151 27.67 -10.74 -20.54
C ALA B 151 27.56 -11.75 -19.40
N ARG B 152 26.96 -12.90 -19.71
CA ARG B 152 26.89 -14.00 -18.77
C ARG B 152 27.87 -15.08 -19.20
N VAL B 153 28.54 -15.66 -18.21
CA VAL B 153 29.57 -16.67 -18.44
C VAL B 153 29.23 -17.91 -17.64
N GLY B 154 29.24 -19.06 -18.32
CA GLY B 154 29.25 -20.35 -17.68
C GLY B 154 30.60 -21.02 -17.89
N PHE B 155 30.79 -22.15 -17.22
CA PHE B 155 32.06 -22.87 -17.33
C PHE B 155 31.80 -24.36 -17.41
N HIS B 156 32.54 -25.03 -18.29
CA HIS B 156 32.57 -26.48 -18.35
C HIS B 156 34.01 -26.94 -18.46
N PRO B 157 34.41 -28.01 -17.77
CA PRO B 157 35.82 -28.43 -17.83
C PRO B 157 36.27 -28.86 -19.21
N GLU B 158 35.35 -29.22 -20.10
CA GLU B 158 35.71 -29.69 -21.43
C GLU B 158 35.68 -28.58 -22.47
N ILE B 159 34.68 -27.70 -22.41
CA ILE B 159 34.54 -26.64 -23.39
C ILE B 159 35.36 -25.42 -23.01
N GLY B 160 35.42 -25.10 -21.72
CA GLY B 160 36.06 -23.89 -21.25
C GLY B 160 35.03 -22.90 -20.75
N TYR B 161 35.14 -21.65 -21.19
CA TYR B 161 34.18 -20.62 -20.83
C TYR B 161 33.11 -20.54 -21.91
N ILE B 162 31.85 -20.41 -21.47
CA ILE B 162 30.70 -20.36 -22.35
C ILE B 162 30.09 -18.98 -22.23
N LEU B 163 29.93 -18.29 -23.35
CA LEU B 163 29.37 -16.96 -23.37
C LEU B 163 27.85 -17.03 -23.49
N ASN B 164 27.15 -16.34 -22.61
CA ASN B 164 25.69 -16.31 -22.60
C ASN B 164 25.13 -17.72 -22.68
N PRO B 165 25.41 -18.58 -21.71
CA PRO B 165 24.89 -19.95 -21.77
C PRO B 165 23.38 -19.95 -21.66
N THR B 166 22.77 -20.91 -22.35
CA THR B 166 21.34 -21.10 -22.25
C THR B 166 21.02 -21.82 -20.95
N TYR B 167 19.74 -22.06 -20.69
CA TYR B 167 19.36 -22.81 -19.49
C TYR B 167 19.89 -24.23 -19.56
N GLU B 168 19.82 -24.85 -20.74
CA GLU B 168 20.33 -26.21 -20.91
C GLU B 168 21.82 -26.26 -20.64
N GLN B 169 22.58 -25.28 -21.16
CA GLN B 169 24.01 -25.25 -20.89
C GLN B 169 24.28 -24.95 -19.42
N LEU B 170 23.47 -24.09 -18.81
CA LEU B 170 23.65 -23.79 -17.39
C LEU B 170 23.38 -25.01 -16.52
N GLN B 171 22.57 -25.95 -17.00
CA GLN B 171 22.30 -27.15 -16.22
C GLN B 171 23.57 -27.95 -15.98
N SER B 172 24.48 -27.96 -16.96
CA SER B 172 25.74 -28.69 -16.86
C SER B 172 26.91 -27.82 -16.44
N SER B 173 26.73 -26.51 -16.37
CA SER B 173 27.83 -25.60 -16.14
C SER B 173 28.20 -25.52 -14.66
N SER B 174 29.47 -25.26 -14.40
CA SER B 174 29.98 -25.09 -13.05
C SER B 174 30.04 -23.63 -12.62
N LEU B 175 29.57 -22.72 -13.47
CA LEU B 175 29.62 -21.30 -13.16
C LEU B 175 28.40 -20.61 -13.75
N ASP B 176 27.92 -19.59 -13.03
CA ASP B 176 26.85 -18.71 -13.51
C ASP B 176 27.25 -17.30 -13.08
N MET B 177 27.95 -16.59 -13.95
CA MET B 177 28.52 -15.28 -13.63
C MET B 177 27.92 -14.24 -14.57
N VAL B 178 27.52 -13.11 -14.03
CA VAL B 178 27.08 -11.96 -14.83
C VAL B 178 28.08 -10.84 -14.60
N VAL B 179 28.70 -10.39 -15.69
CA VAL B 179 29.69 -9.32 -15.64
C VAL B 179 29.15 -8.14 -16.42
N ALA B 180 29.38 -6.93 -15.89
CA ALA B 180 29.01 -5.70 -16.58
C ALA B 180 30.14 -4.69 -16.40
N GLY B 181 30.41 -3.93 -17.46
CA GLY B 181 31.50 -2.96 -17.39
C GLY B 181 31.55 -2.11 -18.63
N THR B 182 32.48 -1.16 -18.61
CA THR B 182 32.67 -0.24 -19.72
C THR B 182 33.83 -0.70 -20.58
N GLU B 183 34.23 0.14 -21.54
CA GLU B 183 35.31 -0.22 -22.45
C GLU B 183 36.63 -0.38 -21.71
N ASP B 184 36.81 0.31 -20.60
CA ASP B 184 38.09 0.36 -19.91
C ASP B 184 38.10 -0.35 -18.56
N ALA B 185 36.94 -0.63 -17.97
CA ALA B 185 36.90 -1.20 -16.63
C ALA B 185 35.69 -2.09 -16.48
N VAL B 186 35.77 -2.99 -15.51
CA VAL B 186 34.65 -3.83 -15.11
C VAL B 186 33.99 -3.16 -13.91
N LEU B 187 32.66 -3.19 -13.88
CA LEU B 187 31.91 -2.46 -12.86
C LEU B 187 30.98 -3.34 -12.03
N MET B 188 30.78 -4.60 -12.39
CA MET B 188 29.87 -5.45 -11.64
C MET B 188 30.14 -6.89 -11.97
N VAL B 189 30.22 -7.72 -10.93
CA VAL B 189 30.32 -9.17 -11.07
C VAL B 189 29.35 -9.78 -10.08
N GLU B 190 28.48 -10.65 -10.57
CA GLU B 190 27.53 -11.39 -9.73
C GLU B 190 27.66 -12.85 -10.13
N SER B 191 28.36 -13.64 -9.32
CA SER B 191 28.72 -15.00 -9.71
C SER B 191 28.15 -16.02 -8.75
N GLU B 192 28.03 -17.24 -9.26
CA GLU B 192 27.63 -18.42 -8.50
C GLU B 192 28.44 -19.58 -9.06
N ALA B 193 29.39 -20.08 -8.30
CA ALA B 193 30.31 -21.09 -8.79
C ALA B 193 30.20 -22.37 -7.98
N ASP B 194 30.79 -23.43 -8.50
CA ASP B 194 30.87 -24.72 -7.81
C ASP B 194 32.33 -24.99 -7.49
N GLU B 195 32.78 -24.42 -6.37
CA GLU B 195 34.15 -24.60 -5.87
C GLU B 195 35.18 -24.44 -6.99
N LEU B 196 35.17 -23.26 -7.60
CA LEU B 196 36.14 -22.91 -8.63
C LEU B 196 37.25 -22.07 -8.01
N THR B 197 38.48 -22.31 -8.45
CA THR B 197 39.61 -21.55 -7.93
C THR B 197 39.51 -20.08 -8.34
N GLU B 198 40.17 -19.22 -7.57
CA GLU B 198 40.11 -17.79 -7.85
C GLU B 198 40.66 -17.46 -9.23
N ASP B 199 41.64 -18.24 -9.70
CA ASP B 199 42.17 -18.02 -11.04
C ASP B 199 41.09 -18.22 -12.10
N GLN B 200 40.26 -19.24 -11.93
CA GLN B 200 39.19 -19.50 -12.91
C GLN B 200 38.15 -18.40 -12.88
N MET B 201 37.78 -17.91 -11.70
CA MET B 201 36.83 -16.81 -11.62
C MET B 201 37.38 -15.55 -12.27
N LEU B 202 38.65 -15.24 -12.02
CA LEU B 202 39.26 -14.08 -12.66
C LEU B 202 39.31 -14.25 -14.17
N GLY B 203 39.65 -15.45 -14.64
CA GLY B 203 39.63 -15.70 -16.08
C GLY B 203 38.24 -15.52 -16.66
N ALA B 204 37.21 -15.86 -15.89
CA ALA B 204 35.85 -15.67 -16.39
C ALA B 204 35.50 -14.19 -16.46
N VAL B 205 35.99 -13.40 -15.51
CA VAL B 205 35.68 -11.98 -15.52
C VAL B 205 36.38 -11.30 -16.69
N LEU B 206 37.61 -11.73 -17.00
CA LEU B 206 38.30 -11.15 -18.15
C LEU B 206 37.74 -11.65 -19.47
N PHE B 207 37.27 -12.90 -19.51
CA PHE B 207 36.58 -13.39 -20.70
C PHE B 207 35.34 -12.55 -20.99
N ALA B 208 34.53 -12.28 -19.96
CA ALA B 208 33.35 -11.45 -20.16
C ALA B 208 33.72 -10.04 -20.59
N HIS B 209 34.77 -9.47 -19.98
CA HIS B 209 35.17 -8.12 -20.34
C HIS B 209 35.61 -8.05 -21.79
N ASP B 210 36.35 -9.06 -22.25
CA ASP B 210 36.74 -9.08 -23.66
C ASP B 210 35.53 -9.25 -24.56
N GLU B 211 34.54 -10.02 -24.12
CA GLU B 211 33.43 -10.37 -25.00
C GLU B 211 32.48 -9.20 -25.22
N PHE B 212 32.10 -8.49 -24.15
CA PHE B 212 31.06 -7.47 -24.37
C PHE B 212 31.61 -6.16 -24.96
N GLN B 213 32.84 -6.15 -25.45
CA GLN B 213 33.30 -5.01 -26.22
C GLN B 213 32.49 -4.86 -27.49
N ALA B 214 31.98 -5.97 -28.04
CA ALA B 214 31.11 -5.88 -29.20
C ALA B 214 29.86 -5.08 -28.87
N VAL B 215 29.29 -5.33 -27.70
CA VAL B 215 28.11 -4.58 -27.27
C VAL B 215 28.44 -3.10 -27.15
N ILE B 216 29.59 -2.78 -26.56
CA ILE B 216 29.96 -1.38 -26.40
C ILE B 216 30.11 -0.71 -27.77
N ARG B 217 30.78 -1.38 -28.71
CA ARG B 217 30.98 -0.81 -30.04
C ARG B 217 29.65 -0.60 -30.75
N ALA B 218 28.75 -1.59 -30.67
CA ALA B 218 27.47 -1.46 -31.35
C ALA B 218 26.66 -0.31 -30.78
N VAL B 219 26.68 -0.15 -29.45
CA VAL B 219 25.94 0.95 -28.84
C VAL B 219 26.54 2.28 -29.25
N LYS B 220 27.87 2.37 -29.33
CA LYS B 220 28.50 3.62 -29.77
C LYS B 220 28.09 3.96 -31.19
N GLU B 221 28.09 2.97 -32.09
CA GLU B 221 27.69 3.24 -33.47
C GLU B 221 26.23 3.65 -33.56
N LEU B 222 25.36 2.99 -32.79
CA LEU B 222 23.95 3.34 -32.81
C LEU B 222 23.73 4.75 -32.28
N ALA B 223 24.45 5.12 -31.22
CA ALA B 223 24.32 6.48 -30.69
C ALA B 223 24.83 7.51 -31.68
N ALA B 224 25.88 7.18 -32.42
CA ALA B 224 26.36 8.09 -33.46
C ALA B 224 25.31 8.25 -34.55
N GLU B 225 24.63 7.16 -34.92
CA GLU B 225 23.65 7.25 -36.00
C GLU B 225 22.38 7.98 -35.58
N ALA B 226 21.77 7.57 -34.47
CA ALA B 226 20.45 8.04 -34.08
C ALA B 226 20.43 8.51 -32.64
N GLY B 227 21.51 9.15 -32.19
CA GLY B 227 21.57 9.67 -30.84
C GLY B 227 20.96 11.06 -30.76
N LYS B 228 20.23 11.32 -29.67
CA LYS B 228 19.69 12.63 -29.44
C LYS B 228 20.78 13.59 -28.97
N PRO B 229 20.64 14.89 -29.22
CA PRO B 229 21.69 15.82 -28.81
C PRO B 229 21.92 15.74 -27.31
N ALA B 230 23.19 15.89 -26.92
CA ALA B 230 23.55 15.73 -25.52
C ALA B 230 22.92 16.83 -24.67
N TRP B 231 22.67 16.50 -23.41
CA TRP B 231 22.11 17.48 -22.48
C TRP B 231 23.18 18.48 -22.09
N ASP B 232 22.77 19.74 -21.96
CA ASP B 232 23.66 20.79 -21.47
C ASP B 232 23.52 20.81 -19.96
N TRP B 233 24.36 20.03 -19.29
CA TRP B 233 24.39 19.95 -17.84
C TRP B 233 25.68 20.55 -17.32
N LYS B 234 25.58 21.32 -16.24
CA LYS B 234 26.70 22.06 -15.69
C LYS B 234 27.23 21.33 -14.47
N ALA B 235 28.43 20.81 -14.58
CA ALA B 235 29.08 20.17 -13.44
C ALA B 235 29.39 21.22 -12.39
N PRO B 236 28.76 21.17 -11.21
CA PRO B 236 28.95 22.27 -10.24
C PRO B 236 30.41 22.37 -9.80
N ALA B 237 30.86 23.60 -9.60
CA ALA B 237 32.25 23.85 -9.24
C ALA B 237 32.47 23.58 -7.75
N GLU B 238 33.70 23.20 -7.42
CA GLU B 238 34.09 22.96 -6.04
C GLU B 238 34.55 24.26 -5.39
N ASN B 239 34.19 24.43 -4.13
CA ASN B 239 34.54 25.64 -3.37
C ASN B 239 35.94 25.44 -2.78
N THR B 240 36.93 25.55 -3.66
CA THR B 240 38.30 25.29 -3.24
C THR B 240 38.78 26.24 -2.16
N VAL B 241 38.16 27.42 -2.05
CA VAL B 241 38.53 28.33 -0.97
C VAL B 241 38.12 27.74 0.37
N LEU B 242 36.89 27.25 0.46
CA LEU B 242 36.41 26.73 1.73
C LEU B 242 37.06 25.38 2.02
N VAL B 243 37.37 24.62 0.97
CA VAL B 243 38.05 23.35 1.15
C VAL B 243 39.43 23.58 1.76
N ASN B 244 40.23 24.45 1.12
CA ASN B 244 41.56 24.72 1.66
C ASN B 244 41.47 25.35 3.03
N ALA B 245 40.43 26.15 3.27
CA ALA B 245 40.28 26.80 4.56
C ALA B 245 40.13 25.77 5.68
N ILE B 246 39.22 24.81 5.49
CA ILE B 246 39.03 23.83 6.56
C ILE B 246 40.15 22.81 6.58
N LYS B 247 40.85 22.57 5.47
CA LYS B 247 41.91 21.58 5.51
C LYS B 247 43.20 22.19 6.05
N ALA B 248 43.25 23.52 6.15
CA ALA B 248 44.40 24.21 6.72
C ALA B 248 44.18 24.49 8.20
N GLU B 249 43.15 25.30 8.52
CA GLU B 249 42.89 25.63 9.92
C GLU B 249 42.52 24.39 10.72
N LEU B 250 41.58 23.61 10.20
CA LEU B 250 41.02 22.48 10.93
C LEU B 250 41.62 21.14 10.50
N GLY B 251 42.63 21.16 9.64
CA GLY B 251 43.17 19.93 9.10
C GLY B 251 43.51 18.88 10.13
N GLU B 252 44.43 19.18 11.04
CA GLU B 252 44.87 18.16 11.99
C GLU B 252 43.79 17.78 12.99
N ALA B 253 42.79 18.63 13.20
CA ALA B 253 41.70 18.27 14.11
C ALA B 253 40.95 17.04 13.61
N ILE B 254 40.62 17.00 12.31
CA ILE B 254 39.85 15.87 11.80
C ILE B 254 40.66 14.59 11.92
N SER B 255 41.97 14.68 11.68
CA SER B 255 42.80 13.48 11.74
C SER B 255 42.86 12.96 13.17
N GLN B 256 43.15 13.84 14.13
CA GLN B 256 43.15 13.42 15.52
C GLN B 256 41.81 12.80 15.89
N ALA B 257 40.71 13.44 15.48
CA ALA B 257 39.40 12.89 15.76
C ALA B 257 39.28 11.47 15.23
N TYR B 258 39.75 11.24 14.01
CA TYR B 258 39.62 9.91 13.41
C TYR B 258 40.62 8.91 13.95
N THR B 259 41.56 9.35 14.79
CA THR B 259 42.43 8.39 15.47
C THR B 259 41.76 7.81 16.71
N ILE B 260 40.67 8.42 17.18
CA ILE B 260 39.89 7.86 18.29
C ILE B 260 39.24 6.55 17.83
N THR B 261 39.29 5.54 18.71
CA THR B 261 38.72 4.23 18.41
C THR B 261 37.34 4.03 19.01
N ILE B 262 37.02 4.68 20.13
CA ILE B 262 35.69 4.56 20.70
C ILE B 262 34.71 5.27 19.77
N LYS B 263 33.63 4.58 19.40
CA LYS B 263 32.70 5.12 18.42
C LYS B 263 31.99 6.36 18.97
N GLN B 264 31.45 6.25 20.18
CA GLN B 264 30.68 7.37 20.71
C GLN B 264 31.55 8.58 20.98
N ASP B 265 32.76 8.36 21.50
CA ASP B 265 33.67 9.47 21.71
C ASP B 265 34.03 10.15 20.40
N ARG B 266 34.27 9.34 19.35
CA ARG B 266 34.60 9.91 18.05
C ARG B 266 33.44 10.73 17.49
N TYR B 267 32.21 10.21 17.59
CA TYR B 267 31.07 10.97 17.09
C TYR B 267 30.86 12.26 17.87
N ASN B 268 31.08 12.18 19.18
CA ASN B 268 30.95 13.36 20.05
C ASN B 268 32.07 14.33 19.69
N ARG B 269 33.28 13.83 19.43
CA ARG B 269 34.46 14.69 19.16
C ARG B 269 34.33 15.28 17.76
N LEU B 270 33.58 14.63 16.85
CA LEU B 270 33.52 15.09 15.44
C LEU B 270 32.28 15.96 15.27
N GLY B 271 31.23 15.80 16.10
CA GLY B 271 30.13 16.74 16.08
C GLY B 271 30.63 18.09 16.55
N GLU B 272 31.52 18.08 17.55
CA GLU B 272 32.07 19.32 18.06
C GLU B 272 32.85 20.03 16.96
N LEU B 273 33.78 19.30 16.32
CA LEU B 273 34.57 19.90 15.26
C LEU B 273 33.66 20.44 14.17
N ARG B 274 32.57 19.74 13.91
CA ARG B 274 31.61 20.14 12.85
C ARG B 274 30.88 21.42 13.25
N ASP B 275 30.63 21.66 14.55
CA ASP B 275 29.99 22.89 14.99
C ASP B 275 30.98 24.03 14.86
N GLN B 276 32.23 23.78 15.26
CA GLN B 276 33.22 24.84 15.15
C GLN B 276 33.35 25.26 13.69
N ALA B 277 33.35 24.28 12.78
CA ALA B 277 33.52 24.60 11.37
C ALA B 277 32.31 25.39 10.84
N VAL B 278 31.11 25.06 11.33
CA VAL B 278 29.88 25.73 10.93
C VAL B 278 29.77 27.06 11.67
N ALA B 279 30.86 27.44 12.34
CA ALA B 279 30.92 28.73 13.02
C ALA B 279 32.01 29.61 12.44
N LEU B 280 33.25 29.12 12.36
CA LEU B 280 34.37 29.97 11.94
C LEU B 280 34.17 30.43 10.50
N PHE B 281 33.78 29.52 9.61
CA PHE B 281 33.67 29.80 8.18
C PHE B 281 32.23 29.81 7.67
N ALA B 282 31.24 29.71 8.56
CA ALA B 282 29.87 29.65 8.09
C ALA B 282 29.30 31.03 7.79
N GLY B 283 30.10 32.08 8.00
CA GLY B 283 29.70 33.45 7.74
C GLY B 283 30.80 34.19 7.01
N GLU B 284 30.45 34.86 5.92
CA GLU B 284 31.40 35.70 5.20
C GLU B 284 30.73 37.02 4.82
N GLU B 285 29.61 36.93 4.11
CA GLU B 285 28.76 38.08 3.78
C GLU B 285 27.36 37.72 4.26
N GLU B 286 27.08 37.96 5.54
CA GLU B 286 25.82 37.57 6.15
C GLU B 286 25.57 36.08 5.98
N GLY B 287 26.64 35.29 6.02
CA GLY B 287 26.56 33.87 5.76
C GLY B 287 27.44 33.47 4.60
N LYS B 288 28.49 32.69 4.86
CA LYS B 288 29.39 32.29 3.79
C LYS B 288 28.69 31.35 2.83
N PHE B 289 27.98 30.36 3.37
CA PHE B 289 27.19 29.45 2.57
C PHE B 289 26.27 28.67 3.50
N PRO B 290 25.22 28.07 2.95
CA PRO B 290 24.28 27.29 3.77
C PRO B 290 24.93 26.38 4.81
N ALA B 291 24.21 26.10 5.89
CA ALA B 291 24.73 25.19 6.90
C ALA B 291 25.07 23.85 6.26
N SER B 292 24.17 23.36 5.41
CA SER B 292 24.41 22.08 4.77
C SER B 292 25.69 22.13 3.95
N GLU B 293 25.95 23.27 3.28
CA GLU B 293 27.14 23.32 2.43
C GLU B 293 28.38 23.10 3.28
N VAL B 294 28.42 23.72 4.48
CA VAL B 294 29.56 23.54 5.36
C VAL B 294 29.64 22.10 5.82
N LYS B 295 28.48 21.48 6.09
CA LYS B 295 28.54 20.09 6.53
C LYS B 295 28.94 19.18 5.39
N ASP B 296 28.76 19.62 4.15
CA ASP B 296 29.09 18.81 2.99
C ASP B 296 30.58 18.86 2.73
N VAL B 297 31.17 20.05 2.89
CA VAL B 297 32.62 20.14 2.72
C VAL B 297 33.31 19.48 3.90
N PHE B 298 32.68 19.49 5.09
CA PHE B 298 33.25 18.76 6.21
C PHE B 298 33.23 17.26 5.95
N GLY B 299 32.07 16.73 5.55
CA GLY B 299 32.01 15.32 5.19
C GLY B 299 33.06 14.97 4.17
N LEU B 300 33.13 15.73 3.09
CA LEU B 300 34.08 15.44 2.02
C LEU B 300 35.52 15.43 2.55
N LEU B 301 35.89 16.40 3.39
CA LEU B 301 37.24 16.44 3.92
C LEU B 301 37.52 15.24 4.82
N GLU B 302 36.59 14.95 5.72
CA GLU B 302 36.70 13.76 6.57
C GLU B 302 36.98 12.53 5.72
N TYR B 303 36.16 12.33 4.68
CA TYR B 303 36.32 11.23 3.75
C TYR B 303 37.73 11.19 3.18
N ARG B 304 38.18 12.33 2.62
CA ARG B 304 39.50 12.41 2.01
C ARG B 304 40.58 12.00 3.01
N THR B 305 40.37 12.31 4.29
CA THR B 305 41.42 12.09 5.28
C THR B 305 41.41 10.67 5.78
N VAL B 306 40.24 10.05 5.85
CA VAL B 306 40.20 8.68 6.33
C VAL B 306 40.67 7.75 5.23
N ARG B 307 40.58 8.21 3.98
CA ARG B 307 41.10 7.38 2.90
C ARG B 307 42.60 7.59 2.73
N GLU B 308 43.10 8.80 3.03
CA GLU B 308 44.55 8.97 3.03
C GLU B 308 45.17 8.19 4.19
N ASN B 309 44.44 8.06 5.30
CA ASN B 309 44.96 7.30 6.42
C ASN B 309 44.95 5.81 6.10
N ILE B 310 43.85 5.30 5.53
CA ILE B 310 43.81 3.89 5.16
C ILE B 310 44.93 3.57 4.19
N VAL B 311 45.18 4.46 3.21
CA VAL B 311 46.18 4.14 2.19
C VAL B 311 47.59 4.25 2.75
N ASN B 312 47.83 5.21 3.64
CA ASN B 312 49.18 5.45 4.13
C ASN B 312 49.65 4.42 5.16
N GLY B 313 48.77 3.52 5.59
CA GLY B 313 49.18 2.43 6.45
C GLY B 313 48.78 2.57 7.90
N LYS B 314 48.10 3.65 8.26
CA LYS B 314 47.75 3.91 9.67
C LYS B 314 46.68 2.90 10.09
N PRO B 315 46.35 2.75 11.38
CA PRO B 315 45.25 1.86 11.82
C PRO B 315 43.94 2.26 11.19
N ARG B 316 42.94 1.37 11.20
CA ARG B 316 41.60 1.64 10.61
C ARG B 316 40.73 2.26 11.70
N ILE B 317 39.51 2.65 11.38
CA ILE B 317 38.63 3.37 12.35
C ILE B 317 38.54 2.58 13.67
N ASP B 318 38.60 1.25 13.66
CA ASP B 318 38.43 0.42 14.89
C ASP B 318 39.77 -0.04 15.45
N GLY B 319 40.87 0.24 14.77
CA GLY B 319 42.22 -0.09 15.26
C GLY B 319 42.77 -1.30 14.59
N ARG B 320 42.01 -1.93 13.69
CA ARG B 320 42.44 -3.21 13.09
C ARG B 320 43.45 -2.92 11.98
N ASP B 321 44.28 -3.91 11.63
CA ASP B 321 45.20 -3.76 10.47
C ASP B 321 44.36 -4.05 9.24
N THR B 322 44.95 -4.17 8.07
CA THR B 322 44.20 -4.32 6.81
C THR B 322 44.10 -5.78 6.47
N ARG B 323 44.43 -6.68 7.38
CA ARG B 323 44.33 -8.13 7.15
C ARG B 323 43.73 -8.83 8.37
N THR B 324 43.02 -8.14 9.25
CA THR B 324 42.50 -8.71 10.50
C THR B 324 41.02 -8.97 10.40
N VAL B 325 40.60 -10.17 10.71
CA VAL B 325 39.16 -10.50 10.76
C VAL B 325 38.75 -10.29 12.22
N ARG B 326 37.62 -9.65 12.48
CA ARG B 326 37.14 -9.29 13.80
C ARG B 326 36.98 -10.55 14.65
N PRO B 327 36.94 -10.41 15.97
CA PRO B 327 36.83 -11.58 16.84
C PRO B 327 35.52 -12.32 16.62
N LEU B 328 35.60 -13.65 16.55
CA LEU B 328 34.46 -14.49 16.20
C LEU B 328 33.94 -15.26 17.40
N ARG B 329 32.62 -15.29 17.55
CA ARG B 329 31.94 -16.13 18.53
C ARG B 329 30.89 -16.96 17.79
N ILE B 330 31.04 -18.29 17.83
CA ILE B 330 30.16 -19.18 17.10
C ILE B 330 29.48 -20.10 18.09
N GLU B 331 28.17 -20.32 17.88
CA GLU B 331 27.41 -21.23 18.72
C GLU B 331 26.39 -21.96 17.86
N VAL B 332 26.07 -23.20 18.25
CA VAL B 332 25.08 -24.00 17.55
C VAL B 332 24.10 -24.55 18.57
N GLY B 333 22.90 -24.89 18.09
CA GLY B 333 21.86 -25.39 18.97
C GLY B 333 21.41 -24.37 19.99
N VAL B 334 21.33 -23.10 19.59
CA VAL B 334 20.96 -22.06 20.53
C VAL B 334 19.49 -22.17 20.93
N LEU B 335 18.62 -22.44 19.97
CA LEU B 335 17.19 -22.56 20.22
C LEU B 335 16.81 -24.02 20.42
N GLY B 336 15.97 -24.28 21.42
CA GLY B 336 15.73 -25.64 21.85
C GLY B 336 14.90 -26.46 20.88
N LYS B 337 13.84 -25.89 20.34
CA LYS B 337 12.86 -26.65 19.56
C LYS B 337 13.00 -26.49 18.06
N THR B 338 13.94 -25.67 17.59
CA THR B 338 14.19 -25.57 16.15
C THR B 338 14.95 -26.80 15.65
N HIS B 339 14.75 -27.11 14.38
CA HIS B 339 15.46 -28.24 13.78
C HIS B 339 16.96 -28.01 13.78
N GLY B 340 17.38 -26.82 13.35
CA GLY B 340 18.79 -26.46 13.42
C GLY B 340 18.95 -24.99 13.66
N SER B 341 19.94 -24.59 14.46
CA SER B 341 20.10 -23.18 14.77
C SER B 341 21.58 -22.88 14.95
N ALA B 342 21.92 -21.60 14.80
CA ALA B 342 23.29 -21.16 14.94
C ALA B 342 23.31 -19.66 15.17
N LEU B 343 24.17 -19.23 16.09
CA LEU B 343 24.42 -17.82 16.35
C LEU B 343 25.86 -17.53 15.96
N PHE B 344 26.04 -16.80 14.85
CA PHE B 344 27.36 -16.44 14.36
C PHE B 344 27.58 -14.95 14.59
N THR B 345 28.59 -14.62 15.39
CA THR B 345 28.97 -13.25 15.68
C THR B 345 30.37 -12.99 15.15
N ARG B 346 30.52 -11.97 14.32
CA ARG B 346 31.81 -11.48 13.86
C ARG B 346 31.91 -10.02 14.28
N GLY B 347 32.61 -9.77 15.39
CA GLY B 347 32.71 -8.41 15.86
C GLY B 347 31.35 -7.91 16.31
N GLU B 348 30.83 -6.92 15.61
CA GLU B 348 29.54 -6.32 15.91
C GLU B 348 28.49 -6.68 14.87
N THR B 349 28.75 -7.73 14.08
CA THR B 349 27.76 -8.26 13.15
C THR B 349 27.33 -9.63 13.66
N GLN B 350 26.06 -9.76 14.03
CA GLN B 350 25.52 -11.00 14.55
C GLN B 350 24.34 -11.45 13.72
N ALA B 351 24.29 -12.77 13.48
CA ALA B 351 23.23 -13.40 12.71
C ALA B 351 22.78 -14.67 13.42
N LEU B 352 21.49 -14.73 13.72
CA LEU B 352 20.83 -15.93 14.22
C LEU B 352 20.17 -16.64 13.06
N VAL B 353 20.72 -17.77 12.64
CA VAL B 353 20.26 -18.50 11.47
C VAL B 353 19.61 -19.79 11.92
N VAL B 354 18.41 -20.07 11.41
CA VAL B 354 17.65 -21.25 11.77
C VAL B 354 17.30 -22.02 10.50
N ALA B 355 17.54 -23.32 10.52
CA ALA B 355 17.24 -24.21 9.40
C ALA B 355 16.11 -25.15 9.79
N THR B 356 15.14 -25.29 8.89
CA THR B 356 13.96 -26.12 9.10
C THR B 356 13.80 -27.07 7.93
N LEU B 357 13.33 -28.29 8.22
CA LEU B 357 13.14 -29.34 7.24
C LEU B 357 11.66 -29.63 7.06
N GLY B 358 11.23 -29.75 5.81
CA GLY B 358 9.85 -30.10 5.53
C GLY B 358 9.77 -31.19 4.49
N THR B 359 8.56 -31.48 4.02
CA THR B 359 8.35 -32.51 3.01
C THR B 359 8.24 -31.87 1.63
N ALA B 360 8.02 -32.72 0.62
CA ALA B 360 7.91 -32.23 -0.74
C ALA B 360 6.73 -31.29 -0.94
N ARG B 361 5.73 -31.33 -0.06
CA ARG B 361 4.61 -30.41 -0.16
C ARG B 361 5.00 -29.00 0.26
N ASP B 362 6.14 -28.82 0.90
CA ASP B 362 6.55 -27.52 1.42
C ASP B 362 7.46 -26.77 0.48
N ALA B 363 7.69 -27.31 -0.72
CA ALA B 363 8.55 -26.64 -1.68
C ALA B 363 7.80 -25.46 -2.26
N GLN B 364 8.54 -24.41 -2.59
CA GLN B 364 7.90 -23.22 -3.14
C GLN B 364 7.59 -23.45 -4.61
N LEU B 365 6.37 -23.10 -5.01
CA LEU B 365 5.97 -23.21 -6.40
C LEU B 365 6.30 -21.90 -7.10
N LEU B 366 7.44 -21.87 -7.79
CA LEU B 366 7.84 -20.68 -8.50
C LEU B 366 7.18 -20.67 -9.87
N ASP B 367 6.56 -19.54 -10.20
CA ASP B 367 5.96 -19.34 -11.51
C ASP B 367 6.96 -18.52 -12.32
N THR B 368 7.77 -19.21 -13.12
CA THR B 368 8.81 -18.56 -13.89
C THR B 368 8.29 -18.29 -15.29
N LEU B 369 8.82 -17.24 -15.92
CA LEU B 369 8.43 -16.96 -17.30
C LEU B 369 8.58 -18.19 -18.18
N GLU B 370 9.56 -19.03 -17.89
CA GLU B 370 9.86 -20.20 -18.71
C GLU B 370 9.07 -21.44 -18.31
N GLY B 371 8.24 -21.37 -17.29
CA GLY B 371 7.51 -22.54 -16.85
C GLY B 371 7.14 -22.44 -15.38
N GLU B 372 7.10 -23.59 -14.72
CA GLU B 372 6.71 -23.68 -13.31
C GLU B 372 7.64 -24.65 -12.60
N ARG B 373 8.48 -24.14 -11.72
CA ARG B 373 9.47 -24.96 -11.02
C ARG B 373 9.12 -25.05 -9.53
N LYS B 374 9.78 -25.97 -8.84
CA LYS B 374 9.62 -26.16 -7.41
C LYS B 374 10.95 -26.02 -6.70
N ASP B 375 11.01 -25.06 -5.77
CA ASP B 375 12.21 -24.78 -5.00
C ASP B 375 12.18 -25.60 -3.72
N ALA B 376 13.13 -26.52 -3.59
CA ALA B 376 13.27 -27.34 -2.40
C ALA B 376 14.31 -26.77 -1.45
N PHE B 377 14.83 -25.58 -1.74
CA PHE B 377 15.65 -24.83 -0.81
C PHE B 377 15.23 -23.38 -0.86
N MET B 378 15.00 -22.79 0.31
CA MET B 378 14.68 -21.38 0.43
C MET B 378 15.61 -20.78 1.48
N LEU B 379 16.20 -19.63 1.18
CA LEU B 379 16.97 -18.87 2.16
C LEU B 379 16.37 -17.48 2.24
N HIS B 380 15.80 -17.15 3.40
CA HIS B 380 15.19 -15.85 3.63
C HIS B 380 16.04 -15.06 4.60
N TYR B 381 16.36 -13.83 4.22
CA TYR B 381 17.26 -12.96 4.97
C TYR B 381 16.44 -11.79 5.51
N ASN B 382 16.46 -11.62 6.83
CA ASN B 382 15.70 -10.58 7.52
C ASN B 382 16.67 -9.61 8.17
N PHE B 383 16.48 -8.32 7.90
CA PHE B 383 17.32 -7.24 8.41
C PHE B 383 16.43 -6.26 9.17
N PRO B 384 16.18 -6.47 10.45
CA PRO B 384 15.32 -5.57 11.21
C PRO B 384 16.06 -4.30 11.59
N PRO B 385 15.35 -3.18 11.74
CA PRO B 385 16.04 -1.92 12.06
C PRO B 385 16.79 -1.93 13.38
N PHE B 386 16.42 -2.81 14.32
CA PHE B 386 17.12 -2.83 15.59
C PHE B 386 18.50 -3.46 15.50
N SER B 387 18.84 -4.07 14.35
CA SER B 387 20.19 -4.57 14.17
C SER B 387 21.20 -3.44 14.12
N VAL B 388 20.77 -2.25 13.68
CA VAL B 388 21.61 -1.07 13.66
C VAL B 388 21.23 -0.06 14.73
N GLY B 389 20.28 -0.40 15.60
CA GLY B 389 19.90 0.49 16.69
C GLY B 389 18.98 1.61 16.29
N GLU B 390 18.16 1.43 15.26
CA GLU B 390 17.25 2.45 14.78
C GLU B 390 15.81 1.95 14.81
N CYS B 391 14.88 2.89 14.89
CA CYS B 391 13.45 2.58 14.84
C CYS B 391 12.99 2.74 13.40
N GLY B 392 12.77 1.61 12.72
CA GLY B 392 12.33 1.63 11.35
C GLY B 392 10.94 1.04 11.15
N ARG B 393 10.69 0.49 9.96
CA ARG B 393 9.41 -0.12 9.64
C ARG B 393 9.58 -1.63 9.51
N MET B 394 8.60 -2.36 10.03
CA MET B 394 8.57 -3.81 9.91
C MET B 394 7.52 -4.18 8.88
N GLY B 395 7.95 -4.89 7.83
CA GLY B 395 7.03 -5.25 6.78
C GLY B 395 7.62 -6.15 5.71
N SER B 396 7.17 -5.97 4.47
CA SER B 396 7.64 -6.81 3.38
C SER B 396 9.13 -6.60 3.15
N PRO B 397 9.88 -7.65 2.80
CA PRO B 397 11.30 -7.47 2.53
C PRO B 397 11.53 -6.52 1.37
N GLY B 398 12.57 -5.70 1.50
CA GLY B 398 12.94 -4.74 0.48
C GLY B 398 13.88 -5.29 -0.57
N ARG B 399 14.37 -4.40 -1.41
CA ARG B 399 15.35 -4.78 -2.43
C ARG B 399 16.61 -5.35 -1.79
N ARG B 400 17.08 -4.73 -0.72
CA ARG B 400 18.34 -5.14 -0.12
C ARG B 400 18.21 -6.49 0.57
N GLU B 401 17.10 -6.75 1.24
CA GLU B 401 16.94 -8.05 1.90
C GLU B 401 16.87 -9.17 0.88
N ILE B 402 16.14 -8.97 -0.22
CA ILE B 402 16.05 -10.00 -1.25
C ILE B 402 17.43 -10.23 -1.87
N GLY B 403 18.15 -9.14 -2.16
CA GLY B 403 19.47 -9.30 -2.76
C GLY B 403 20.45 -10.00 -1.86
N HIS B 404 20.47 -9.64 -0.57
CA HIS B 404 21.41 -10.27 0.36
C HIS B 404 21.05 -11.74 0.58
N GLY B 405 19.75 -12.05 0.66
CA GLY B 405 19.37 -13.44 0.81
C GLY B 405 19.75 -14.25 -0.41
N ARG B 406 19.60 -13.66 -1.60
CA ARG B 406 20.02 -14.36 -2.81
C ARG B 406 21.53 -14.55 -2.85
N LEU B 407 22.29 -13.56 -2.37
CA LEU B 407 23.74 -13.72 -2.34
C LEU B 407 24.14 -14.85 -1.38
N ALA B 408 23.48 -14.92 -0.22
CA ALA B 408 23.79 -16.02 0.70
C ALA B 408 23.41 -17.36 0.09
N ARG B 409 22.26 -17.42 -0.58
CA ARG B 409 21.87 -18.65 -1.25
C ARG B 409 22.89 -19.03 -2.32
N ARG B 410 23.39 -18.05 -3.05
CA ARG B 410 24.40 -18.34 -4.06
C ARG B 410 25.67 -18.88 -3.42
N GLY B 411 26.02 -18.35 -2.24
CA GLY B 411 27.20 -18.80 -1.54
C GLY B 411 27.07 -20.11 -0.82
N VAL B 412 25.86 -20.64 -0.69
CA VAL B 412 25.66 -21.93 -0.04
C VAL B 412 25.11 -23.01 -0.97
N ALA B 413 24.49 -22.66 -2.09
CA ALA B 413 23.77 -23.63 -2.91
C ALA B 413 24.64 -24.75 -3.43
N ALA B 414 25.95 -24.55 -3.54
CA ALA B 414 26.80 -25.58 -4.10
C ALA B 414 26.93 -26.79 -3.20
N MET B 415 26.70 -26.63 -1.90
CA MET B 415 26.87 -27.71 -0.94
C MET B 415 25.56 -28.43 -0.61
N LEU B 416 24.42 -27.90 -1.05
CA LEU B 416 23.15 -28.52 -0.71
C LEU B 416 23.02 -29.89 -1.38
N PRO B 417 22.54 -30.90 -0.67
CA PRO B 417 22.34 -32.21 -1.30
C PRO B 417 21.18 -32.18 -2.27
N THR B 418 21.25 -33.07 -3.27
CA THR B 418 20.16 -33.20 -4.23
C THR B 418 19.01 -33.99 -3.62
N GLN B 419 17.85 -33.90 -4.26
CA GLN B 419 16.67 -34.58 -3.75
C GLN B 419 16.83 -36.09 -3.75
N ASP B 420 17.70 -36.63 -4.59
CA ASP B 420 17.91 -38.08 -4.60
C ASP B 420 18.49 -38.56 -3.29
N GLU B 421 19.50 -37.86 -2.77
CA GLU B 421 20.11 -38.26 -1.51
C GLU B 421 19.33 -37.72 -0.30
N PHE B 422 18.80 -36.51 -0.41
CA PHE B 422 18.08 -35.85 0.69
C PHE B 422 16.72 -35.38 0.17
N PRO B 423 15.69 -36.23 0.27
CA PRO B 423 14.36 -35.88 -0.28
C PRO B 423 13.50 -35.02 0.64
N TYR B 424 14.10 -33.96 1.17
CA TYR B 424 13.40 -33.04 2.06
C TYR B 424 13.50 -31.62 1.54
N THR B 425 12.59 -30.78 2.02
CA THR B 425 12.60 -29.36 1.71
C THR B 425 13.30 -28.62 2.84
N ILE B 426 14.23 -27.74 2.50
CA ILE B 426 15.05 -27.03 3.47
C ILE B 426 14.73 -25.55 3.36
N ARG B 427 14.37 -24.95 4.49
CA ARG B 427 14.20 -23.50 4.60
C ARG B 427 15.13 -22.98 5.67
N VAL B 428 15.96 -22.02 5.30
CA VAL B 428 16.90 -21.37 6.20
C VAL B 428 16.46 -19.93 6.34
N VAL B 429 16.35 -19.45 7.57
CA VAL B 429 16.00 -18.06 7.84
C VAL B 429 17.14 -17.45 8.64
N SER B 430 17.67 -16.34 8.14
CA SER B 430 18.77 -15.64 8.79
C SER B 430 18.28 -14.29 9.29
N GLU B 431 18.17 -14.16 10.60
CA GLU B 431 17.78 -12.90 11.24
C GLU B 431 19.05 -12.17 11.65
N ILE B 432 19.23 -10.96 11.13
CA ILE B 432 20.42 -10.18 11.45
C ILE B 432 20.11 -9.44 12.74
N THR B 433 20.68 -9.92 13.84
CA THR B 433 20.45 -9.28 15.13
C THR B 433 21.38 -8.10 15.35
N GLU B 434 22.57 -8.11 14.75
CA GLU B 434 23.42 -6.94 14.76
C GLU B 434 24.08 -6.79 13.40
N SER B 435 24.33 -5.55 13.00
CA SER B 435 24.93 -5.29 11.69
C SER B 435 25.91 -4.14 11.83
N ASN B 436 27.19 -4.42 11.59
CA ASN B 436 28.23 -3.41 11.51
C ASN B 436 29.28 -3.90 10.53
N GLY B 437 28.83 -4.37 9.37
CA GLY B 437 29.69 -5.00 8.40
C GLY B 437 28.85 -5.65 7.33
N SER B 438 29.25 -6.81 6.84
CA SER B 438 28.46 -7.55 5.85
C SER B 438 27.67 -8.63 6.58
N SER B 439 26.39 -8.37 6.77
CA SER B 439 25.51 -9.36 7.36
C SER B 439 25.34 -10.58 6.45
N SER B 440 25.36 -10.38 5.13
CA SER B 440 25.14 -11.49 4.21
C SER B 440 26.17 -12.59 4.36
N MET B 441 27.41 -12.24 4.72
CA MET B 441 28.44 -13.27 4.79
C MET B 441 28.43 -13.95 6.16
N ALA B 442 27.84 -13.30 7.15
CA ALA B 442 27.59 -13.97 8.41
C ALA B 442 26.35 -14.82 8.30
N SER B 443 25.49 -14.52 7.32
CA SER B 443 24.34 -15.37 7.05
C SER B 443 24.78 -16.60 6.27
N VAL B 444 25.84 -16.48 5.47
CA VAL B 444 26.39 -17.67 4.82
C VAL B 444 27.05 -18.57 5.84
N CYS B 445 27.88 -17.99 6.73
CA CYS B 445 28.50 -18.81 7.77
C CYS B 445 27.45 -19.44 8.68
N GLY B 446 26.45 -18.65 9.08
CA GLY B 446 25.41 -19.19 9.95
C GLY B 446 24.56 -20.24 9.26
N ALA B 447 24.29 -20.08 7.97
CA ALA B 447 23.53 -21.09 7.25
C ALA B 447 24.31 -22.39 7.19
N SER B 448 25.62 -22.32 6.96
CA SER B 448 26.42 -23.55 6.97
C SER B 448 26.35 -24.22 8.34
N LEU B 449 26.52 -23.44 9.41
CA LEU B 449 26.49 -24.03 10.74
C LEU B 449 25.12 -24.60 11.08
N ALA B 450 24.04 -23.89 10.73
CA ALA B 450 22.71 -24.35 11.04
C ALA B 450 22.36 -25.61 10.25
N LEU B 451 22.75 -25.66 8.98
CA LEU B 451 22.48 -26.84 8.18
C LEU B 451 23.24 -28.05 8.72
N MET B 452 24.48 -27.85 9.16
CA MET B 452 25.19 -28.96 9.78
C MET B 452 24.53 -29.37 11.08
N ASP B 453 24.00 -28.42 11.83
CA ASP B 453 23.39 -28.75 13.12
C ASP B 453 22.09 -29.51 12.93
N ALA B 454 21.33 -29.18 11.89
CA ALA B 454 20.07 -29.88 11.64
C ALA B 454 20.30 -31.33 11.23
N GLY B 455 21.46 -31.64 10.66
CA GLY B 455 21.74 -32.97 10.16
C GLY B 455 21.79 -33.05 8.65
N VAL B 456 21.56 -31.95 7.95
CA VAL B 456 21.53 -31.97 6.49
C VAL B 456 22.91 -32.39 5.97
N PRO B 457 22.99 -33.38 5.08
CA PRO B 457 24.31 -33.84 4.61
C PRO B 457 24.92 -32.89 3.57
N VAL B 458 25.40 -31.75 4.05
CA VAL B 458 26.04 -30.78 3.17
C VAL B 458 27.42 -31.28 2.81
N LYS B 459 27.90 -30.89 1.62
CA LYS B 459 29.15 -31.41 1.11
C LYS B 459 30.33 -30.96 1.96
N ALA B 460 30.38 -29.68 2.31
CA ALA B 460 31.51 -29.14 3.06
C ALA B 460 31.09 -27.80 3.65
N PRO B 461 31.77 -27.35 4.72
CA PRO B 461 31.47 -26.02 5.26
C PRO B 461 31.80 -24.92 4.28
N VAL B 462 31.02 -23.85 4.33
CA VAL B 462 31.25 -22.65 3.53
C VAL B 462 31.35 -21.46 4.47
N ALA B 463 32.21 -20.51 4.11
CA ALA B 463 32.32 -19.25 4.82
C ALA B 463 32.38 -18.12 3.81
N GLY B 464 32.05 -16.93 4.26
CA GLY B 464 32.10 -15.76 3.41
C GLY B 464 32.84 -14.62 4.09
N ILE B 465 33.42 -13.76 3.27
CA ILE B 465 34.15 -12.59 3.75
C ILE B 465 33.83 -11.40 2.85
N ALA B 466 33.50 -10.28 3.49
CA ALA B 466 33.27 -9.01 2.82
C ALA B 466 34.57 -8.20 2.85
N MET B 467 35.03 -7.79 1.68
CA MET B 467 36.34 -7.16 1.52
C MET B 467 36.15 -5.77 0.91
N GLY B 468 37.25 -5.01 0.88
CA GLY B 468 37.21 -3.68 0.28
C GLY B 468 38.57 -3.32 -0.26
N LEU B 469 38.59 -2.35 -1.18
CA LEU B 469 39.85 -1.86 -1.74
C LEU B 469 39.79 -0.36 -1.87
N VAL B 470 40.77 0.34 -1.30
CA VAL B 470 40.91 1.78 -1.45
C VAL B 470 42.16 2.06 -2.28
N LYS B 471 42.01 2.82 -3.36
CA LYS B 471 43.11 3.09 -4.28
C LYS B 471 43.26 4.60 -4.49
N GLU B 472 44.27 5.18 -3.86
CA GLU B 472 44.60 6.59 -4.02
C GLU B 472 45.78 6.70 -4.97
N GLY B 473 45.52 7.22 -6.16
CA GLY B 473 46.59 7.39 -7.14
C GLY B 473 47.16 6.04 -7.53
N GLU B 474 48.47 5.90 -7.38
CA GLU B 474 49.16 4.66 -7.72
C GLU B 474 49.30 3.73 -6.51
N LYS B 475 48.76 4.11 -5.36
CA LYS B 475 48.84 3.31 -4.15
C LYS B 475 47.48 2.70 -3.85
N PHE B 476 47.46 1.47 -3.34
CA PHE B 476 46.21 0.81 -3.02
C PHE B 476 46.38 -0.03 -1.76
N ALA B 477 45.26 -0.23 -1.07
CA ALA B 477 45.21 -1.04 0.14
C ALA B 477 43.95 -1.90 0.11
N VAL B 478 44.11 -3.17 0.46
CA VAL B 478 43.01 -4.11 0.55
C VAL B 478 42.63 -4.28 2.02
N LEU B 479 41.35 -4.10 2.33
CA LEU B 479 40.84 -4.10 3.68
C LEU B 479 40.00 -5.36 3.88
N THR B 480 40.37 -6.16 4.88
CA THR B 480 39.64 -7.38 5.18
C THR B 480 38.54 -7.11 6.18
N ASP B 481 37.37 -7.70 5.95
CA ASP B 481 36.24 -7.60 6.87
C ASP B 481 35.87 -6.13 7.11
N ILE B 482 35.44 -5.48 6.04
CA ILE B 482 35.13 -4.06 6.11
C ILE B 482 33.93 -3.83 7.04
N LEU B 483 33.93 -2.68 7.70
CA LEU B 483 32.86 -2.29 8.61
C LEU B 483 31.73 -1.59 7.86
N GLY B 484 30.65 -1.31 8.58
CA GLY B 484 29.55 -0.55 8.00
C GLY B 484 29.94 0.87 7.66
N ASP B 485 30.93 1.41 8.37
CA ASP B 485 31.39 2.77 8.12
C ASP B 485 32.35 2.84 6.94
N GLU B 486 33.02 1.73 6.62
CA GLU B 486 33.99 1.68 5.53
C GLU B 486 33.36 1.29 4.19
N ASP B 487 32.04 1.16 4.12
CA ASP B 487 31.42 0.70 2.89
C ASP B 487 31.54 1.75 1.79
N HIS B 488 31.20 3.01 2.11
CA HIS B 488 31.29 4.09 1.13
C HIS B 488 32.72 4.59 0.94
N LEU B 489 33.64 4.26 1.84
CA LEU B 489 35.03 4.66 1.64
C LEU B 489 35.72 3.88 0.55
N GLY B 490 35.25 2.69 0.23
CA GLY B 490 35.98 1.83 -0.67
C GLY B 490 35.78 2.21 -2.13
N ASP B 491 36.72 1.77 -2.95
CA ASP B 491 36.63 1.92 -4.39
C ASP B 491 36.14 0.65 -5.06
N MET B 492 36.44 -0.50 -4.48
CA MET B 492 35.89 -1.79 -4.87
C MET B 492 35.36 -2.48 -3.64
N ASP B 493 34.19 -3.09 -3.74
CA ASP B 493 33.58 -3.84 -2.65
C ASP B 493 33.29 -5.24 -3.15
N PHE B 494 34.14 -6.20 -2.78
CA PHE B 494 33.97 -7.58 -3.22
C PHE B 494 33.66 -8.48 -2.03
N LYS B 495 32.74 -9.42 -2.25
CA LYS B 495 32.26 -10.36 -1.26
C LYS B 495 32.49 -11.76 -1.81
N VAL B 496 33.38 -12.51 -1.17
CA VAL B 496 33.76 -13.84 -1.63
C VAL B 496 33.31 -14.87 -0.61
N ALA B 497 32.54 -15.86 -1.07
CA ALA B 497 32.15 -17.00 -0.25
C ALA B 497 32.60 -18.29 -0.91
N GLY B 498 32.78 -19.32 -0.09
CA GLY B 498 33.15 -20.62 -0.59
C GLY B 498 33.75 -21.47 0.51
N THR B 499 34.29 -22.61 0.09
CA THR B 499 34.91 -23.59 0.98
C THR B 499 36.41 -23.40 0.98
N ASP B 500 37.12 -24.32 1.64
CA ASP B 500 38.58 -24.28 1.66
C ASP B 500 39.22 -24.73 0.35
N LYS B 501 38.44 -25.25 -0.59
CA LYS B 501 38.97 -25.72 -1.87
C LYS B 501 38.64 -24.81 -3.04
N GLY B 502 37.54 -24.06 -2.97
CA GLY B 502 37.17 -23.22 -4.10
C GLY B 502 36.18 -22.16 -3.70
N VAL B 503 35.85 -21.31 -4.66
CA VAL B 503 34.95 -20.18 -4.47
C VAL B 503 33.55 -20.62 -4.87
N THR B 504 32.57 -20.36 -4.01
CA THR B 504 31.18 -20.66 -4.30
C THR B 504 30.39 -19.43 -4.74
N ALA B 505 30.82 -18.24 -4.37
CA ALA B 505 30.13 -17.03 -4.79
C ALA B 505 31.10 -15.85 -4.78
N LEU B 506 30.95 -14.97 -5.75
CA LEU B 506 31.78 -13.76 -5.85
C LEU B 506 30.88 -12.62 -6.28
N GLN B 507 30.94 -11.50 -5.56
CA GLN B 507 30.19 -10.30 -5.91
C GLN B 507 31.10 -9.09 -5.84
N MET B 508 31.33 -8.43 -6.97
CA MET B 508 32.21 -7.27 -7.03
C MET B 508 31.44 -6.03 -7.44
N ASP B 509 31.85 -4.88 -6.91
CA ASP B 509 31.24 -3.58 -7.22
C ASP B 509 32.38 -2.55 -7.31
N ILE B 510 32.89 -2.34 -8.51
CA ILE B 510 33.96 -1.40 -8.75
C ILE B 510 33.39 -0.05 -9.15
N LYS B 511 34.09 1.02 -8.79
CA LYS B 511 33.67 2.38 -9.14
C LYS B 511 34.73 3.22 -9.82
N ILE B 512 35.99 2.78 -9.82
CA ILE B 512 37.07 3.54 -10.43
C ILE B 512 37.60 2.79 -11.65
N ASN B 513 38.17 3.55 -12.58
CA ASN B 513 38.74 3.01 -13.80
C ASN B 513 40.25 2.77 -13.67
N GLY B 514 40.68 2.07 -12.63
CA GLY B 514 42.10 1.89 -12.42
C GLY B 514 42.54 0.56 -11.84
N ILE B 515 41.63 -0.40 -11.71
CA ILE B 515 41.93 -1.66 -11.04
C ILE B 515 42.31 -2.70 -12.09
N THR B 516 43.54 -3.18 -12.00
CA THR B 516 44.09 -4.10 -12.98
C THR B 516 43.89 -5.55 -12.50
N GLU B 517 44.40 -6.49 -13.29
CA GLU B 517 44.26 -7.90 -12.93
C GLU B 517 45.11 -8.24 -11.70
N GLU B 518 46.31 -7.66 -11.59
CA GLU B 518 47.15 -7.96 -10.46
C GLU B 518 46.50 -7.51 -9.15
N ILE B 519 45.77 -6.40 -9.20
CA ILE B 519 45.13 -5.90 -7.98
C ILE B 519 44.01 -6.84 -7.58
N MET B 520 43.31 -7.43 -8.55
CA MET B 520 42.25 -8.36 -8.20
C MET B 520 42.78 -9.72 -7.80
N GLU B 521 44.00 -10.07 -8.20
CA GLU B 521 44.59 -11.30 -7.68
C GLU B 521 45.07 -11.11 -6.25
N ILE B 522 45.62 -9.93 -5.94
CA ILE B 522 46.01 -9.68 -4.55
C ILE B 522 44.77 -9.62 -3.67
N ALA B 523 43.70 -9.03 -4.19
CA ALA B 523 42.46 -8.93 -3.43
C ALA B 523 41.87 -10.31 -3.15
N LEU B 524 41.80 -11.16 -4.18
CA LEU B 524 41.21 -12.47 -3.98
C LEU B 524 42.11 -13.37 -3.15
N GLY B 525 43.42 -13.14 -3.15
CA GLY B 525 44.29 -13.91 -2.27
C GLY B 525 44.08 -13.55 -0.82
N GLN B 526 43.96 -12.25 -0.52
CA GLN B 526 43.67 -11.86 0.86
C GLN B 526 42.30 -12.35 1.29
N ALA B 527 41.32 -12.32 0.38
CA ALA B 527 40.00 -12.84 0.69
C ALA B 527 40.05 -14.33 0.98
N LEU B 528 40.90 -15.07 0.25
CA LEU B 528 41.05 -16.49 0.53
C LEU B 528 41.63 -16.69 1.92
N GLU B 529 42.64 -15.90 2.28
CA GLU B 529 43.25 -16.08 3.59
C GLU B 529 42.22 -15.87 4.70
N ALA B 530 41.37 -14.86 4.53
CA ALA B 530 40.36 -14.58 5.54
C ALA B 530 39.32 -15.70 5.58
N ARG B 531 38.88 -16.18 4.42
CA ARG B 531 37.87 -17.22 4.41
C ARG B 531 38.40 -18.52 4.99
N LEU B 532 39.71 -18.73 4.92
CA LEU B 532 40.27 -19.96 5.46
C LEU B 532 40.55 -19.84 6.95
N ASN B 533 40.73 -18.63 7.44
CA ASN B 533 40.84 -18.44 8.88
C ASN B 533 39.48 -18.60 9.52
N ILE B 534 38.44 -18.05 8.88
CA ILE B 534 37.10 -18.16 9.45
C ILE B 534 36.60 -19.61 9.33
N LEU B 535 37.03 -20.35 8.31
CA LEU B 535 36.62 -21.75 8.24
C LEU B 535 37.36 -22.58 9.27
N GLY B 536 38.63 -22.27 9.53
CA GLY B 536 39.32 -22.95 10.61
C GLY B 536 38.63 -22.74 11.95
N GLN B 537 38.15 -21.52 12.20
CA GLN B 537 37.45 -21.28 13.46
C GLN B 537 36.07 -21.91 13.48
N MET B 538 35.38 -21.98 12.33
CA MET B 538 34.07 -22.60 12.28
C MET B 538 34.14 -24.10 12.52
N ASN B 539 35.18 -24.76 11.99
CA ASN B 539 35.25 -26.21 12.12
C ASN B 539 35.54 -26.67 13.55
N GLN B 540 35.91 -25.77 14.45
CA GLN B 540 36.13 -26.16 15.84
C GLN B 540 34.83 -26.42 16.59
N VAL B 541 33.70 -25.88 16.11
CA VAL B 541 32.42 -26.05 16.77
C VAL B 541 31.70 -27.25 16.18
N ILE B 542 31.38 -27.18 14.90
CA ILE B 542 30.77 -28.28 14.16
C ILE B 542 31.53 -28.43 12.85
N ALA B 543 31.99 -29.64 12.56
CA ALA B 543 32.80 -29.89 11.38
C ALA B 543 32.06 -30.63 10.28
N LYS B 544 31.24 -31.61 10.64
CA LYS B 544 30.45 -32.39 9.71
C LYS B 544 29.03 -32.47 10.22
N PRO B 545 28.06 -32.69 9.33
CA PRO B 545 26.66 -32.77 9.78
C PRO B 545 26.47 -33.89 10.78
N ARG B 546 25.55 -33.67 11.73
CA ARG B 546 25.33 -34.63 12.79
C ARG B 546 24.84 -35.95 12.21
N ALA B 547 25.19 -37.04 12.91
CA ALA B 547 24.88 -38.38 12.39
C ALA B 547 23.39 -38.60 12.26
N GLU B 548 22.59 -37.94 13.11
CA GLU B 548 21.15 -38.15 13.16
C GLU B 548 20.43 -36.83 12.96
N LEU B 549 19.28 -36.89 12.30
CA LEU B 549 18.45 -35.72 12.15
C LEU B 549 17.88 -35.30 13.51
N SER B 550 17.38 -34.07 13.56
CA SER B 550 16.87 -33.52 14.81
C SER B 550 15.67 -34.32 15.28
N GLU B 551 15.16 -34.00 16.47
CA GLU B 551 14.07 -34.77 17.04
C GLU B 551 12.89 -34.91 16.06
N ASN B 552 12.63 -33.88 15.27
CA ASN B 552 11.49 -33.85 14.37
C ASN B 552 12.01 -33.73 12.94
N ALA B 553 11.83 -34.80 12.16
CA ALA B 553 12.30 -34.76 10.77
C ALA B 553 11.52 -33.75 9.95
N PRO B 554 10.18 -33.66 10.03
CA PRO B 554 9.45 -32.63 9.30
C PRO B 554 8.85 -31.57 10.21
N ASN C 2 29.36 -10.57 27.20
CA ASN C 2 29.30 -11.05 28.58
C ASN C 2 27.85 -11.29 29.01
N PRO C 3 27.31 -12.45 28.65
CA PRO C 3 25.90 -12.71 28.96
C PRO C 3 25.62 -12.66 30.46
N VAL C 4 24.50 -12.05 30.81
CA VAL C 4 23.96 -12.01 32.16
C VAL C 4 22.65 -12.77 32.14
N THR C 5 22.53 -13.76 33.02
CA THR C 5 21.38 -14.65 33.06
C THR C 5 20.75 -14.57 34.45
N LYS C 6 19.43 -14.40 34.48
CA LYS C 6 18.67 -14.34 35.73
C LYS C 6 17.55 -15.36 35.64
N GLN C 7 17.53 -16.31 36.57
CA GLN C 7 16.48 -17.31 36.65
C GLN C 7 15.56 -16.99 37.81
N PHE C 8 14.27 -17.24 37.62
CA PHE C 8 13.32 -17.07 38.71
C PHE C 8 12.13 -18.00 38.49
N GLN C 9 11.35 -18.19 39.54
CA GLN C 9 10.19 -19.07 39.51
C GLN C 9 8.92 -18.24 39.45
N PHE C 10 8.14 -18.44 38.38
CA PHE C 10 6.87 -17.75 38.18
C PHE C 10 5.77 -18.79 38.32
N GLY C 11 5.38 -19.06 39.55
CA GLY C 11 4.46 -20.16 39.83
C GLY C 11 5.22 -21.48 40.02
N GLN C 12 4.99 -22.42 39.10
CA GLN C 12 5.77 -23.65 39.03
C GLN C 12 6.57 -23.73 37.74
N SER C 13 6.79 -22.59 37.08
CA SER C 13 7.59 -22.51 35.88
C SER C 13 8.88 -21.76 36.19
N THR C 14 9.94 -22.13 35.47
CA THR C 14 11.23 -21.46 35.58
C THR C 14 11.39 -20.53 34.39
N VAL C 15 11.45 -19.23 34.66
CA VAL C 15 11.66 -18.22 33.64
C VAL C 15 13.13 -17.83 33.66
N THR C 16 13.73 -17.77 32.48
CA THR C 16 15.13 -17.41 32.31
C THR C 16 15.19 -16.15 31.45
N LEU C 17 15.85 -15.12 31.97
CA LEU C 17 16.09 -13.87 31.26
C LEU C 17 17.57 -13.79 30.93
N GLU C 18 17.89 -13.64 29.66
CA GLU C 18 19.28 -13.53 29.21
C GLU C 18 19.45 -12.20 28.50
N THR C 19 20.51 -11.48 28.85
CA THR C 19 20.83 -10.23 28.17
C THR C 19 22.34 -10.18 27.94
N GLY C 20 22.75 -9.51 26.87
CA GLY C 20 24.15 -9.26 26.62
C GLY C 20 24.72 -10.02 25.43
N ARG C 21 24.05 -11.07 24.98
CA ARG C 21 24.58 -11.88 23.88
C ARG C 21 23.96 -11.53 22.53
N ILE C 22 22.66 -11.29 22.50
CA ILE C 22 21.93 -11.07 21.26
C ILE C 22 21.49 -9.62 21.18
N ALA C 23 21.49 -9.09 19.96
CA ALA C 23 21.00 -7.74 19.66
C ALA C 23 21.60 -6.72 20.62
N ARG C 24 22.92 -6.55 20.51
CA ARG C 24 23.66 -5.67 21.41
C ARG C 24 23.69 -4.23 20.94
N GLN C 25 23.10 -3.92 19.79
CA GLN C 25 23.00 -2.54 19.31
C GLN C 25 21.64 -1.93 19.58
N ALA C 26 20.65 -2.73 19.99
CA ALA C 26 19.39 -2.16 20.42
C ALA C 26 19.56 -1.54 21.81
N THR C 27 18.67 -0.61 22.13
CA THR C 27 18.77 0.04 23.44
C THR C 27 18.62 -0.98 24.56
N GLY C 28 17.79 -1.99 24.36
CA GLY C 28 17.65 -3.06 25.33
C GLY C 28 17.17 -4.33 24.67
N ALA C 29 17.81 -5.47 24.96
CA ALA C 29 17.43 -6.72 24.35
C ALA C 29 17.50 -7.83 25.38
N VAL C 30 16.43 -8.63 25.46
CA VAL C 30 16.36 -9.73 26.41
C VAL C 30 15.75 -10.94 25.72
N LEU C 31 16.34 -12.10 25.97
CA LEU C 31 15.80 -13.38 25.53
C LEU C 31 15.14 -14.05 26.72
N VAL C 32 13.83 -14.29 26.61
CA VAL C 32 13.04 -14.86 27.69
C VAL C 32 12.68 -16.28 27.32
N THR C 33 13.06 -17.23 28.16
CA THR C 33 12.66 -18.62 28.01
C THR C 33 11.75 -18.99 29.17
N MET C 34 10.50 -19.31 28.86
CA MET C 34 9.50 -19.65 29.87
C MET C 34 8.70 -20.84 29.37
N ASP C 35 8.90 -22.00 29.99
CA ASP C 35 8.17 -23.22 29.64
C ASP C 35 8.42 -23.62 28.20
N ASP C 36 9.70 -23.75 27.85
CA ASP C 36 10.12 -24.18 26.52
C ASP C 36 9.65 -23.23 25.41
N VAL C 37 9.36 -21.98 25.75
CA VAL C 37 9.01 -20.96 24.77
C VAL C 37 10.05 -19.86 24.90
N SER C 38 10.76 -19.59 23.80
CA SER C 38 11.82 -18.59 23.78
C SER C 38 11.39 -17.44 22.87
N VAL C 39 11.42 -16.23 23.43
CA VAL C 39 11.05 -15.00 22.74
C VAL C 39 12.17 -13.98 22.93
N LEU C 40 12.62 -13.38 21.84
CA LEU C 40 13.62 -12.31 21.87
C LEU C 40 12.90 -10.98 21.76
N VAL C 41 13.03 -10.14 22.79
CA VAL C 41 12.36 -8.85 22.84
C VAL C 41 13.41 -7.75 22.84
N THR C 42 13.33 -6.86 21.85
CA THR C 42 14.23 -5.73 21.72
C THR C 42 13.43 -4.44 21.74
N VAL C 43 13.96 -3.43 22.44
CA VAL C 43 13.41 -2.09 22.47
C VAL C 43 14.50 -1.11 22.05
N VAL C 44 14.14 -0.17 21.19
CA VAL C 44 15.05 0.85 20.70
C VAL C 44 14.39 2.21 20.88
N GLY C 45 15.11 3.15 21.46
CA GLY C 45 14.60 4.50 21.66
C GLY C 45 15.43 5.54 20.92
N ALA C 46 14.75 6.41 20.18
CA ALA C 46 15.44 7.47 19.45
C ALA C 46 16.11 8.44 20.41
N LYS C 47 17.34 8.83 20.08
CA LYS C 47 18.13 9.66 21.00
C LYS C 47 17.55 11.05 21.14
N SER C 48 17.08 11.65 20.04
CA SER C 48 16.58 13.01 20.08
C SER C 48 15.16 13.06 19.51
N PRO C 49 14.26 13.82 20.14
CA PRO C 49 12.90 13.92 19.60
C PRO C 49 12.92 14.55 18.20
N ALA C 50 12.03 14.09 17.35
CA ALA C 50 11.89 14.69 16.03
C ALA C 50 11.29 16.08 16.15
N GLU C 51 11.83 17.01 15.37
CA GLU C 51 11.31 18.37 15.37
C GLU C 51 9.90 18.40 14.80
N GLY C 52 9.04 19.22 15.40
CA GLY C 52 7.66 19.30 14.98
C GLY C 52 6.85 18.10 15.37
N ARG C 53 7.25 17.40 16.43
CA ARG C 53 6.55 16.21 16.92
C ARG C 53 5.73 16.60 18.14
N ASP C 54 4.42 16.35 18.07
CA ASP C 54 3.52 16.68 19.17
C ASP C 54 2.99 15.47 19.93
N PHE C 55 3.11 14.28 19.36
CA PHE C 55 2.62 13.05 19.99
C PHE C 55 3.81 12.13 20.24
N PHE C 56 3.60 11.16 21.14
CA PHE C 56 4.64 10.20 21.48
C PHE C 56 4.51 8.99 20.57
N PRO C 57 5.43 8.77 19.61
CA PRO C 57 5.35 7.58 18.76
C PRO C 57 5.86 6.35 19.46
N LEU C 58 4.94 5.46 19.84
CA LEU C 58 5.29 4.17 20.41
C LEU C 58 4.66 3.08 19.55
N SER C 59 5.48 2.14 19.11
CA SER C 59 5.00 1.02 18.31
C SER C 59 5.51 -0.29 18.89
N VAL C 60 4.65 -1.30 18.88
CA VAL C 60 5.01 -2.64 19.33
C VAL C 60 4.67 -3.62 18.21
N HIS C 61 5.63 -4.47 17.86
CA HIS C 61 5.49 -5.43 16.77
C HIS C 61 5.78 -6.81 17.32
N TYR C 62 4.74 -7.64 17.44
CA TYR C 62 4.87 -9.01 17.92
C TYR C 62 4.82 -9.94 16.71
N GLN C 63 5.87 -10.73 16.55
CA GLN C 63 6.01 -11.64 15.41
C GLN C 63 6.13 -13.07 15.92
N GLU C 64 5.43 -13.98 15.25
CA GLU C 64 5.56 -15.42 15.48
C GLU C 64 6.25 -16.01 14.27
N LYS C 65 7.47 -16.52 14.46
CA LYS C 65 8.23 -17.13 13.39
C LYS C 65 7.87 -18.60 13.29
N THR C 66 7.52 -19.05 12.09
CA THR C 66 7.03 -20.41 11.93
C THR C 66 8.11 -21.43 12.26
N TYR C 67 9.38 -21.10 12.04
CA TYR C 67 10.43 -22.04 12.36
C TYR C 67 10.55 -22.30 13.86
N ALA C 68 9.92 -21.46 14.68
CA ALA C 68 9.86 -21.74 16.11
C ALA C 68 9.13 -23.05 16.37
N ALA C 69 8.06 -23.30 15.64
CA ALA C 69 7.30 -24.54 15.76
C ALA C 69 7.87 -25.65 14.92
N GLY C 70 8.93 -25.40 14.17
CA GLY C 70 9.52 -26.42 13.32
C GLY C 70 8.78 -26.67 12.03
N ARG C 71 8.06 -25.67 11.52
CA ARG C 71 7.27 -25.80 10.30
C ARG C 71 7.73 -24.77 9.27
N ILE C 72 7.54 -25.13 8.01
CA ILE C 72 7.72 -24.20 6.90
C ILE C 72 6.38 -23.50 6.68
N PRO C 73 6.33 -22.16 6.63
CA PRO C 73 5.03 -21.49 6.54
C PRO C 73 4.29 -21.84 5.26
N GLY C 74 2.96 -21.88 5.37
CA GLY C 74 2.13 -22.10 4.20
C GLY C 74 1.97 -20.84 3.39
N GLY C 75 1.34 -20.98 2.23
CA GLY C 75 1.15 -19.88 1.31
C GLY C 75 2.01 -20.03 0.07
N PHE C 76 1.76 -19.13 -0.88
CA PHE C 76 2.46 -19.22 -2.15
C PHE C 76 3.93 -18.85 -2.01
N PHE C 77 4.21 -17.84 -1.18
CA PHE C 77 5.55 -17.31 -1.02
C PHE C 77 6.34 -17.98 0.11
N LYS C 78 5.72 -18.91 0.84
CA LYS C 78 6.42 -19.69 1.85
C LYS C 78 7.27 -18.81 2.76
N ARG C 79 6.75 -17.61 3.05
CA ARG C 79 7.43 -16.67 3.93
C ARG C 79 6.40 -15.92 4.76
N GLU C 80 6.74 -15.66 6.01
CA GLU C 80 5.86 -14.91 6.89
C GLU C 80 5.65 -13.52 6.32
N GLY C 81 4.40 -13.07 6.28
CA GLY C 81 4.10 -11.80 5.64
C GLY C 81 3.30 -10.85 6.52
N ARG C 82 2.11 -10.46 6.08
CA ARG C 82 1.35 -9.50 6.85
C ARG C 82 1.05 -10.11 8.22
N PRO C 83 1.06 -9.32 9.30
CA PRO C 83 0.73 -9.89 10.61
C PRO C 83 -0.68 -10.47 10.67
N SER C 84 -0.79 -11.62 11.32
CA SER C 84 -2.07 -12.27 11.52
C SER C 84 -2.86 -11.55 12.62
N GLU C 85 -4.11 -11.99 12.82
CA GLU C 85 -4.94 -11.37 13.84
C GLU C 85 -4.36 -11.59 15.23
N LYS C 86 -3.86 -12.79 15.51
CA LYS C 86 -3.25 -13.04 16.82
C LYS C 86 -2.06 -12.12 17.05
N GLU C 87 -1.27 -11.88 16.01
CA GLU C 87 -0.09 -11.02 16.16
C GLU C 87 -0.48 -9.58 16.44
N THR C 88 -1.48 -9.06 15.72
CA THR C 88 -1.94 -7.70 15.98
C THR C 88 -2.53 -7.60 17.38
N LEU C 89 -3.21 -8.65 17.83
CA LEU C 89 -3.88 -8.57 19.12
C LEU C 89 -2.88 -8.64 20.26
N THR C 90 -1.85 -9.48 20.12
CA THR C 90 -0.75 -9.48 21.08
C THR C 90 -0.02 -8.14 21.06
N SER C 91 0.20 -7.57 19.87
CA SER C 91 0.87 -6.28 19.81
C SER C 91 0.09 -5.23 20.59
N ARG C 92 -1.24 -5.25 20.49
CA ARG C 92 -2.01 -4.25 21.22
C ARG C 92 -2.12 -4.59 22.70
N LEU C 93 -1.95 -5.86 23.04
CA LEU C 93 -1.99 -6.27 24.43
C LEU C 93 -0.69 -5.89 25.14
N ILE C 94 0.42 -5.91 24.41
CA ILE C 94 1.68 -5.42 24.95
C ILE C 94 1.71 -3.90 24.92
N ASP C 95 0.96 -3.27 24.01
CA ASP C 95 1.01 -1.81 23.88
C ASP C 95 0.15 -1.14 24.94
N ARG C 96 -0.94 -1.77 25.35
CA ARG C 96 -1.86 -1.12 26.29
C ARG C 96 -1.20 -0.83 27.64
N PRO C 97 -0.56 -1.78 28.31
CA PRO C 97 -0.04 -1.51 29.66
C PRO C 97 1.15 -0.57 29.71
N ILE C 98 1.90 -0.40 28.62
CA ILE C 98 3.15 0.35 28.69
C ILE C 98 3.05 1.76 28.14
N ARG C 99 2.05 2.07 27.33
CA ARG C 99 1.95 3.43 26.80
C ARG C 99 1.75 4.44 27.92
N PRO C 100 0.84 4.24 28.88
CA PRO C 100 0.66 5.25 29.93
C PRO C 100 1.84 5.39 30.87
N LEU C 101 2.79 4.46 30.85
CA LEU C 101 3.87 4.47 31.84
C LEU C 101 5.04 5.35 31.42
N PHE C 102 5.12 5.72 30.15
CA PHE C 102 6.15 6.67 29.75
C PHE C 102 5.76 8.07 30.25
N PRO C 103 6.70 8.87 30.71
CA PRO C 103 6.34 10.20 31.22
C PRO C 103 5.63 11.00 30.14
N GLU C 104 4.62 11.76 30.54
CA GLU C 104 3.95 12.59 29.55
C GLU C 104 4.85 13.77 29.20
N GLY C 105 4.94 14.05 27.91
CA GLY C 105 5.88 15.02 27.39
C GLY C 105 7.15 14.37 26.86
N PHE C 106 7.27 13.05 26.99
CA PHE C 106 8.33 12.28 26.36
C PHE C 106 7.97 12.02 24.91
N MET C 107 8.77 12.54 23.98
CA MET C 107 8.42 12.51 22.57
C MET C 107 9.39 11.72 21.70
N ASN C 108 10.41 11.10 22.28
CA ASN C 108 11.29 10.24 21.49
C ASN C 108 10.52 9.03 20.99
N GLU C 109 10.91 8.56 19.80
CA GLU C 109 10.27 7.39 19.21
C GLU C 109 10.75 6.13 19.90
N VAL C 110 9.81 5.23 20.18
CA VAL C 110 10.12 3.96 20.85
C VAL C 110 9.48 2.83 20.04
N GLN C 111 10.28 1.81 19.76
CA GLN C 111 9.84 0.63 19.03
C GLN C 111 10.21 -0.62 19.82
N VAL C 112 9.22 -1.46 20.08
CA VAL C 112 9.41 -2.75 20.73
C VAL C 112 9.15 -3.83 19.69
N VAL C 113 10.04 -4.82 19.62
CA VAL C 113 9.89 -5.93 18.70
C VAL C 113 10.02 -7.21 19.51
N CYS C 114 8.99 -8.05 19.48
CA CYS C 114 8.96 -9.30 20.23
C CYS C 114 8.88 -10.44 19.22
N THR C 115 9.98 -11.16 19.05
CA THR C 115 10.05 -12.26 18.09
C THR C 115 9.99 -13.59 18.83
N VAL C 116 9.04 -14.43 18.46
CA VAL C 116 8.93 -15.76 19.04
C VAL C 116 9.88 -16.66 18.25
N VAL C 117 10.93 -17.14 18.90
CA VAL C 117 11.97 -17.90 18.23
C VAL C 117 11.92 -19.38 18.55
N SER C 118 11.19 -19.79 19.57
CA SER C 118 11.06 -21.22 19.83
C SER C 118 9.81 -21.47 20.67
N THR C 119 9.20 -22.63 20.44
CA THR C 119 8.00 -23.00 21.19
C THR C 119 7.80 -24.50 21.10
N ASN C 120 7.21 -25.07 22.14
CA ASN C 120 6.80 -26.47 22.16
C ASN C 120 5.32 -26.62 21.83
N LYS C 121 4.65 -25.53 21.46
CA LYS C 121 3.26 -25.56 21.00
C LYS C 121 2.27 -25.94 22.10
N LYS C 122 2.62 -25.68 23.36
CA LYS C 122 1.74 -26.04 24.47
C LYS C 122 1.25 -24.85 25.28
N SER C 123 1.77 -23.65 25.04
CA SER C 123 1.33 -22.48 25.78
C SER C 123 1.49 -21.25 24.89
N ASP C 124 0.81 -20.19 25.28
CA ASP C 124 0.82 -18.94 24.50
C ASP C 124 2.10 -18.17 24.77
N PRO C 125 2.84 -17.74 23.74
CA PRO C 125 4.08 -17.00 23.99
C PRO C 125 3.87 -15.54 24.40
N ASP C 126 2.63 -15.06 24.48
CA ASP C 126 2.44 -13.62 24.72
C ASP C 126 2.84 -13.21 26.13
N ILE C 127 2.68 -14.09 27.11
CA ILE C 127 3.14 -13.77 28.47
C ILE C 127 4.65 -13.63 28.48
N ALA C 128 5.36 -14.53 27.82
CA ALA C 128 6.81 -14.38 27.68
C ALA C 128 7.15 -13.09 26.96
N ALA C 129 6.34 -12.71 25.97
CA ALA C 129 6.58 -11.45 25.27
C ALA C 129 6.44 -10.26 26.21
N MET C 130 5.44 -10.27 27.09
CA MET C 130 5.28 -9.17 28.03
C MET C 130 6.41 -9.14 29.05
N ILE C 131 6.84 -10.31 29.52
CA ILE C 131 7.98 -10.35 30.44
C ILE C 131 9.23 -9.80 29.76
N GLY C 132 9.46 -10.18 28.51
CA GLY C 132 10.59 -9.65 27.78
C GLY C 132 10.50 -8.16 27.57
N THR C 133 9.30 -7.65 27.29
CA THR C 133 9.14 -6.21 27.14
C THR C 133 9.49 -5.50 28.43
N SER C 134 8.99 -6.01 29.56
CA SER C 134 9.30 -5.40 30.84
C SER C 134 10.80 -5.39 31.10
N ALA C 135 11.45 -6.54 30.90
CA ALA C 135 12.88 -6.62 31.17
C ALA C 135 13.69 -5.73 30.25
N ALA C 136 13.35 -5.72 28.95
CA ALA C 136 14.09 -4.90 28.00
C ALA C 136 13.93 -3.42 28.31
N LEU C 137 12.72 -3.00 28.67
CA LEU C 137 12.52 -1.59 29.01
C LEU C 137 13.21 -1.23 30.31
N ALA C 138 13.30 -2.17 31.26
CA ALA C 138 14.03 -1.91 32.49
C ALA C 138 15.53 -1.81 32.25
N ILE C 139 16.05 -2.59 31.30
CA ILE C 139 17.48 -2.57 31.01
C ILE C 139 17.86 -1.42 30.08
N SER C 140 16.93 -0.92 29.28
CA SER C 140 17.28 0.05 28.25
C SER C 140 17.79 1.35 28.85
N GLY C 141 17.17 1.80 29.93
CA GLY C 141 17.44 3.11 30.48
C GLY C 141 16.43 4.15 30.11
N ILE C 142 15.59 3.87 29.11
CA ILE C 142 14.60 4.84 28.64
C ILE C 142 13.69 5.21 29.81
N PRO C 143 13.31 6.47 29.99
CA PRO C 143 12.43 6.82 31.11
C PRO C 143 11.14 5.99 31.05
N PHE C 144 10.94 5.17 32.07
CA PHE C 144 9.81 4.25 32.12
C PHE C 144 9.42 4.07 33.58
N ALA C 145 8.13 4.21 33.87
CA ALA C 145 7.66 4.31 35.26
C ALA C 145 7.47 2.92 35.86
N GLY C 146 8.59 2.26 36.10
CA GLY C 146 8.61 1.06 36.91
C GLY C 146 8.44 -0.20 36.10
N PRO C 147 9.03 -1.31 36.56
CA PRO C 147 8.79 -2.60 35.89
C PRO C 147 7.33 -2.99 35.97
N ILE C 148 6.83 -3.62 34.91
CA ILE C 148 5.49 -4.16 34.88
C ILE C 148 5.58 -5.68 34.98
N GLY C 149 4.43 -6.31 35.20
CA GLY C 149 4.32 -7.74 35.12
C GLY C 149 3.02 -8.10 34.44
N ALA C 150 2.96 -9.34 33.95
CA ALA C 150 1.76 -9.83 33.30
C ALA C 150 1.56 -11.30 33.65
N ALA C 151 0.31 -11.74 33.54
CA ALA C 151 -0.03 -13.11 33.90
C ALA C 151 -1.36 -13.47 33.25
N ARG C 152 -1.51 -14.74 32.92
CA ARG C 152 -2.77 -15.27 32.43
C ARG C 152 -3.41 -16.13 33.50
N VAL C 153 -4.71 -15.95 33.68
CA VAL C 153 -5.49 -16.67 34.68
C VAL C 153 -6.59 -17.45 33.98
N GLY C 154 -6.67 -18.75 34.29
CA GLY C 154 -7.82 -19.56 33.99
C GLY C 154 -8.55 -19.91 35.28
N PHE C 155 -9.76 -20.43 35.12
CA PHE C 155 -10.57 -20.79 36.28
C PHE C 155 -11.25 -22.12 36.04
N HIS C 156 -11.19 -23.00 37.04
CA HIS C 156 -11.95 -24.24 37.05
C HIS C 156 -12.70 -24.35 38.37
N PRO C 157 -13.94 -24.85 38.37
CA PRO C 157 -14.69 -24.90 39.62
C PRO C 157 -14.03 -25.73 40.72
N GLU C 158 -13.27 -26.75 40.36
CA GLU C 158 -12.63 -27.61 41.36
C GLU C 158 -11.20 -27.17 41.68
N ILE C 159 -10.40 -26.85 40.65
CA ILE C 159 -9.03 -26.44 40.90
C ILE C 159 -8.98 -25.08 41.55
N GLY C 160 -9.83 -24.15 41.10
CA GLY C 160 -9.76 -22.77 41.53
C GLY C 160 -9.21 -21.89 40.43
N TYR C 161 -8.22 -21.07 40.75
CA TYR C 161 -7.53 -20.26 39.75
C TYR C 161 -6.27 -20.98 39.29
N ILE C 162 -6.00 -20.90 37.99
CA ILE C 162 -4.81 -21.48 37.37
C ILE C 162 -3.97 -20.34 36.84
N LEU C 163 -2.70 -20.30 37.24
CA LEU C 163 -1.76 -19.29 36.77
C LEU C 163 -1.10 -19.77 35.48
N ASN C 164 -1.19 -18.95 34.45
CA ASN C 164 -0.58 -19.26 33.15
C ASN C 164 -1.03 -20.64 32.67
N PRO C 165 -2.33 -20.82 32.41
CA PRO C 165 -2.79 -22.13 31.94
C PRO C 165 -2.24 -22.45 30.57
N THR C 166 -2.05 -23.74 30.32
CA THR C 166 -1.59 -24.20 29.02
C THR C 166 -2.77 -24.24 28.05
N TYR C 167 -2.47 -24.55 26.79
CA TYR C 167 -3.55 -24.68 25.81
C TYR C 167 -4.49 -25.81 26.17
N GLU C 168 -3.97 -26.85 26.83
CA GLU C 168 -4.83 -27.94 27.29
C GLU C 168 -5.65 -27.53 28.49
N GLN C 169 -5.06 -26.79 29.42
CA GLN C 169 -5.79 -26.34 30.61
C GLN C 169 -6.85 -25.30 30.26
N LEU C 170 -6.73 -24.63 29.12
CA LEU C 170 -7.71 -23.64 28.72
C LEU C 170 -8.92 -24.24 28.04
N GLN C 171 -8.88 -25.52 27.68
CA GLN C 171 -10.05 -26.16 27.07
C GLN C 171 -11.13 -26.47 28.08
N SER C 172 -10.74 -26.81 29.31
CA SER C 172 -11.67 -27.10 30.38
C SER C 172 -11.81 -25.96 31.36
N SER C 173 -11.34 -24.76 31.01
CA SER C 173 -11.36 -23.61 31.88
C SER C 173 -12.56 -22.73 31.56
N SER C 174 -13.00 -21.97 32.57
CA SER C 174 -14.13 -21.07 32.43
C SER C 174 -13.70 -19.61 32.44
N LEU C 175 -12.41 -19.35 32.30
CA LEU C 175 -11.89 -17.99 32.24
C LEU C 175 -10.64 -17.98 31.37
N ASP C 176 -10.39 -16.84 30.72
CA ASP C 176 -9.16 -16.64 29.95
C ASP C 176 -8.79 -15.16 30.11
N MET C 177 -8.20 -14.84 31.26
CA MET C 177 -7.87 -13.46 31.61
C MET C 177 -6.39 -13.20 31.43
N VAL C 178 -6.06 -11.99 30.98
CA VAL C 178 -4.68 -11.52 30.90
C VAL C 178 -4.62 -10.23 31.70
N VAL C 179 -3.98 -10.29 32.87
CA VAL C 179 -3.82 -9.15 33.76
C VAL C 179 -2.39 -8.63 33.65
N ALA C 180 -2.25 -7.31 33.52
CA ALA C 180 -0.95 -6.66 33.50
C ALA C 180 -0.96 -5.49 34.46
N GLY C 181 0.17 -5.25 35.12
CA GLY C 181 0.20 -4.20 36.11
C GLY C 181 1.59 -3.88 36.58
N THR C 182 1.66 -3.20 37.73
CA THR C 182 2.92 -2.80 38.34
C THR C 182 2.91 -3.22 39.80
N GLU C 183 3.94 -2.84 40.56
CA GLU C 183 4.04 -3.33 41.93
C GLU C 183 2.87 -2.87 42.79
N ASP C 184 2.32 -1.68 42.51
CA ASP C 184 1.27 -1.11 43.33
C ASP C 184 -0.07 -0.94 42.63
N ALA C 185 -0.15 -1.19 41.33
CA ALA C 185 -1.37 -0.95 40.59
C ALA C 185 -1.58 -2.05 39.55
N VAL C 186 -2.79 -2.08 39.00
CA VAL C 186 -3.16 -2.95 37.90
C VAL C 186 -3.50 -2.03 36.73
N LEU C 187 -2.92 -2.30 35.57
CA LEU C 187 -3.04 -1.40 34.43
C LEU C 187 -3.77 -2.00 33.25
N MET C 188 -4.04 -3.30 33.25
CA MET C 188 -4.71 -3.93 32.12
C MET C 188 -5.40 -5.20 32.57
N VAL C 189 -6.57 -5.42 32.00
CA VAL C 189 -7.30 -6.67 32.16
C VAL C 189 -8.00 -6.94 30.84
N GLU C 190 -7.72 -8.09 30.24
CA GLU C 190 -8.40 -8.51 29.02
C GLU C 190 -8.91 -9.92 29.28
N SER C 191 -10.22 -10.05 29.51
CA SER C 191 -10.78 -11.31 29.96
C SER C 191 -11.95 -11.74 29.08
N GLU C 192 -12.16 -13.05 29.09
CA GLU C 192 -13.28 -13.73 28.45
C GLU C 192 -13.68 -14.86 29.38
N ALA C 193 -14.90 -14.82 29.90
CA ALA C 193 -15.36 -15.79 30.87
C ALA C 193 -16.61 -16.50 30.38
N ASP C 194 -16.95 -17.57 31.07
CA ASP C 194 -18.15 -18.36 30.81
C ASP C 194 -19.19 -18.08 31.88
N GLU C 195 -19.72 -16.85 31.85
CA GLU C 195 -20.79 -16.44 32.75
C GLU C 195 -20.35 -16.59 34.22
N LEU C 196 -19.27 -15.89 34.55
CA LEU C 196 -18.75 -15.86 35.90
C LEU C 196 -19.27 -14.61 36.62
N THR C 197 -19.42 -14.72 37.93
CA THR C 197 -19.89 -13.59 38.72
C THR C 197 -18.80 -12.54 38.83
N GLU C 198 -19.22 -11.29 39.08
CA GLU C 198 -18.25 -10.21 39.19
C GLU C 198 -17.25 -10.47 40.31
N ASP C 199 -17.68 -11.13 41.37
CA ASP C 199 -16.77 -11.47 42.45
C ASP C 199 -15.67 -12.41 41.95
N GLN C 200 -16.05 -13.40 41.13
CA GLN C 200 -15.09 -14.36 40.61
C GLN C 200 -14.24 -13.76 39.51
N MET C 201 -14.64 -12.61 38.98
CA MET C 201 -13.90 -11.96 37.91
C MET C 201 -12.89 -10.99 38.50
N LEU C 202 -13.20 -10.44 39.67
CA LEU C 202 -12.29 -9.54 40.36
C LEU C 202 -11.29 -10.32 41.22
N GLY C 203 -11.72 -11.46 41.76
CA GLY C 203 -10.81 -12.30 42.50
C GLY C 203 -9.70 -12.82 41.62
N ALA C 204 -9.93 -12.84 40.30
CA ALA C 204 -8.92 -13.31 39.38
C ALA C 204 -7.97 -12.19 39.00
N VAL C 205 -8.44 -10.93 39.06
CA VAL C 205 -7.55 -9.82 38.79
C VAL C 205 -6.68 -9.59 40.00
N LEU C 206 -7.10 -10.09 41.15
CA LEU C 206 -6.32 -9.91 42.36
C LEU C 206 -5.36 -11.09 42.54
N PHE C 207 -5.82 -12.30 42.26
CA PHE C 207 -4.91 -13.43 42.15
C PHE C 207 -3.80 -13.13 41.15
N ALA C 208 -4.15 -12.53 40.01
CA ALA C 208 -3.14 -12.22 39.01
C ALA C 208 -2.18 -11.14 39.52
N HIS C 209 -2.70 -10.10 40.18
CA HIS C 209 -1.81 -9.07 40.68
C HIS C 209 -0.85 -9.62 41.73
N ASP C 210 -1.33 -10.57 42.54
CA ASP C 210 -0.46 -11.18 43.53
C ASP C 210 0.57 -12.11 42.90
N GLU C 211 0.23 -12.78 41.81
CA GLU C 211 1.14 -13.81 41.31
C GLU C 211 2.26 -13.30 40.41
N PHE C 212 2.13 -12.12 39.78
CA PHE C 212 3.19 -11.68 38.89
C PHE C 212 4.16 -10.72 39.56
N GLN C 213 4.09 -10.56 40.88
CA GLN C 213 5.07 -9.74 41.57
C GLN C 213 6.46 -10.35 41.46
N ALA C 214 6.54 -11.66 41.25
CA ALA C 214 7.84 -12.31 41.02
C ALA C 214 8.51 -11.73 39.79
N VAL C 215 7.73 -11.47 38.73
CA VAL C 215 8.30 -10.91 37.52
C VAL C 215 8.89 -9.54 37.81
N ILE C 216 8.18 -8.72 38.57
CA ILE C 216 8.67 -7.37 38.88
C ILE C 216 9.95 -7.45 39.71
N ARG C 217 10.00 -8.38 40.67
CA ARG C 217 11.20 -8.50 41.49
C ARG C 217 12.39 -8.96 40.64
N ALA C 218 12.16 -9.92 39.75
CA ALA C 218 13.24 -10.40 38.91
C ALA C 218 13.73 -9.31 37.96
N VAL C 219 12.80 -8.54 37.39
CA VAL C 219 13.19 -7.45 36.51
C VAL C 219 13.97 -6.40 37.28
N LYS C 220 13.57 -6.10 38.52
CA LYS C 220 14.33 -5.13 39.31
C LYS C 220 15.73 -5.62 39.58
N GLU C 221 15.90 -6.91 39.87
CA GLU C 221 17.25 -7.41 40.12
C GLU C 221 18.09 -7.42 38.84
N LEU C 222 17.49 -7.83 37.73
CA LEU C 222 18.20 -7.83 36.45
C LEU C 222 18.62 -6.42 36.08
N ALA C 223 17.80 -5.42 36.39
CA ALA C 223 18.14 -4.04 36.07
C ALA C 223 19.18 -3.49 37.02
N ALA C 224 19.11 -3.83 38.31
CA ALA C 224 20.14 -3.45 39.25
C ALA C 224 21.42 -4.24 39.07
N GLU C 225 21.48 -5.14 38.09
CA GLU C 225 22.69 -5.88 37.81
C GLU C 225 23.26 -5.64 36.42
N ALA C 226 22.42 -5.37 35.42
CA ALA C 226 22.90 -5.18 34.05
C ALA C 226 22.24 -4.01 33.34
N GLY C 227 21.53 -3.13 34.04
CA GLY C 227 20.84 -2.04 33.39
C GLY C 227 21.78 -0.92 32.98
N LYS C 228 21.50 -0.32 31.83
CA LYS C 228 22.29 0.79 31.33
C LYS C 228 21.96 2.05 32.14
N PRO C 229 22.86 3.03 32.14
CA PRO C 229 22.57 4.29 32.83
C PRO C 229 21.26 4.90 32.36
N ALA C 230 20.59 5.59 33.28
CA ALA C 230 19.27 6.15 33.01
C ALA C 230 19.40 7.42 32.16
N TRP C 231 18.63 7.48 31.08
CA TRP C 231 18.69 8.63 30.20
C TRP C 231 18.44 9.92 30.97
N ASP C 232 19.17 10.98 30.64
CA ASP C 232 19.00 12.26 31.32
C ASP C 232 17.87 13.02 30.62
N TRP C 233 16.64 12.57 30.83
CA TRP C 233 15.47 13.26 30.31
C TRP C 233 14.78 14.09 31.40
N LYS C 234 14.70 15.40 31.22
CA LYS C 234 14.08 16.27 32.21
C LYS C 234 12.73 16.75 31.69
N ALA C 235 11.69 16.51 32.49
CA ALA C 235 10.33 16.86 32.10
C ALA C 235 10.17 18.37 32.01
N PRO C 236 9.37 18.87 31.05
CA PRO C 236 9.11 20.31 30.97
C PRO C 236 8.23 20.78 32.12
N ALA C 237 8.78 21.64 32.97
CA ALA C 237 8.05 22.07 34.16
C ALA C 237 6.76 22.76 33.76
N GLU C 238 5.78 22.74 34.66
CA GLU C 238 4.48 23.32 34.36
C GLU C 238 4.54 24.84 34.52
N ASN C 239 3.84 25.55 33.64
CA ASN C 239 3.80 27.00 33.64
C ASN C 239 2.77 27.48 34.66
N THR C 240 3.13 27.38 35.95
CA THR C 240 2.18 27.72 37.00
C THR C 240 1.65 29.13 36.84
N VAL C 241 2.47 30.04 36.30
CA VAL C 241 2.05 31.43 36.13
C VAL C 241 0.83 31.48 35.21
N LEU C 242 1.01 31.06 33.96
CA LEU C 242 -0.06 31.15 32.98
C LEU C 242 -1.27 30.37 33.44
N VAL C 243 -1.06 29.20 34.03
CA VAL C 243 -2.18 28.39 34.49
C VAL C 243 -2.99 29.14 35.53
N ASN C 244 -2.31 29.75 36.50
CA ASN C 244 -3.03 30.49 37.53
C ASN C 244 -3.76 31.68 36.94
N ALA C 245 -3.11 32.41 36.02
CA ALA C 245 -3.75 33.59 35.44
C ALA C 245 -5.00 33.22 34.66
N ILE C 246 -4.91 32.18 33.83
CA ILE C 246 -6.07 31.77 33.05
C ILE C 246 -7.14 31.21 33.97
N LYS C 247 -6.75 30.45 34.99
CA LYS C 247 -7.75 29.88 35.88
C LYS C 247 -8.52 30.98 36.58
N ALA C 248 -7.82 32.02 37.05
CA ALA C 248 -8.49 33.10 37.75
C ALA C 248 -9.39 33.89 36.82
N GLU C 249 -8.86 34.27 35.64
CA GLU C 249 -9.65 35.11 34.75
C GLU C 249 -10.85 34.38 34.17
N LEU C 250 -10.70 33.10 33.75
CA LEU C 250 -11.73 32.41 33.00
C LEU C 250 -12.22 31.11 33.67
N GLY C 251 -12.17 31.03 35.00
CA GLY C 251 -12.66 29.84 35.67
C GLY C 251 -14.16 29.69 35.51
N GLU C 252 -14.90 30.76 35.83
CA GLU C 252 -16.34 30.72 35.63
C GLU C 252 -16.67 30.67 34.15
N ALA C 253 -15.79 31.22 33.33
CA ALA C 253 -16.04 31.26 31.89
C ALA C 253 -16.13 29.84 31.36
N ILE C 254 -15.02 29.10 31.47
CA ILE C 254 -15.03 27.74 30.94
C ILE C 254 -16.00 26.86 31.72
N SER C 255 -16.22 27.15 33.01
CA SER C 255 -17.22 26.41 33.77
C SER C 255 -18.56 26.49 33.07
N GLN C 256 -19.06 27.71 32.86
CA GLN C 256 -20.35 27.87 32.21
C GLN C 256 -20.29 27.25 30.82
N ALA C 257 -19.14 27.39 30.15
CA ALA C 257 -19.03 26.88 28.79
C ALA C 257 -19.33 25.40 28.76
N TYR C 258 -19.09 24.70 29.88
CA TYR C 258 -19.33 23.26 29.95
C TYR C 258 -20.65 22.92 30.61
N THR C 259 -21.47 23.91 30.97
CA THR C 259 -22.80 23.67 31.51
C THR C 259 -23.88 23.88 30.45
N ILE C 260 -23.55 23.62 29.20
CA ILE C 260 -24.47 23.67 28.07
C ILE C 260 -24.35 22.37 27.30
N THR C 261 -25.49 21.75 27.00
CA THR C 261 -25.53 20.43 26.40
C THR C 261 -25.66 20.43 24.88
N ILE C 262 -26.11 21.53 24.28
CA ILE C 262 -26.15 21.62 22.83
C ILE C 262 -24.72 21.54 22.30
N LYS C 263 -24.48 20.58 21.41
CA LYS C 263 -23.12 20.25 20.99
C LYS C 263 -22.46 21.46 20.32
N GLN C 264 -23.13 22.01 19.31
CA GLN C 264 -22.53 23.11 18.55
C GLN C 264 -22.38 24.32 19.45
N ASP C 265 -23.43 24.66 20.21
CA ASP C 265 -23.36 25.83 21.07
C ASP C 265 -22.12 25.73 21.95
N ARG C 266 -21.85 24.54 22.49
CA ARG C 266 -20.68 24.34 23.33
C ARG C 266 -19.44 24.70 22.55
N TYR C 267 -19.23 24.01 21.42
CA TYR C 267 -18.05 24.29 20.60
C TYR C 267 -17.90 25.80 20.41
N ASN C 268 -19.00 26.48 20.08
CA ASN C 268 -18.94 27.91 19.81
C ASN C 268 -18.42 28.66 21.01
N ARG C 269 -19.18 28.61 22.11
CA ARG C 269 -18.84 29.33 23.36
C ARG C 269 -17.39 29.05 23.77
N LEU C 270 -16.91 27.82 23.54
CA LEU C 270 -15.57 27.46 23.98
C LEU C 270 -14.53 28.02 23.03
N GLY C 271 -14.77 27.93 21.72
CA GLY C 271 -13.88 28.54 20.77
C GLY C 271 -13.77 30.03 21.01
N GLU C 272 -14.84 30.66 21.51
CA GLU C 272 -14.82 32.09 21.74
C GLU C 272 -13.99 32.43 22.98
N LEU C 273 -14.06 31.56 23.98
CA LEU C 273 -13.27 31.78 25.19
C LEU C 273 -11.82 31.39 24.95
N ARG C 274 -11.58 30.61 23.90
CA ARG C 274 -10.26 30.12 23.56
C ARG C 274 -9.58 31.17 22.69
N ASP C 275 -10.34 31.83 21.83
CA ASP C 275 -9.76 32.83 20.96
C ASP C 275 -9.52 34.10 21.77
N GLN C 276 -10.41 34.39 22.71
CA GLN C 276 -10.14 35.47 23.66
C GLN C 276 -8.90 35.16 24.48
N ALA C 277 -8.75 33.92 24.96
CA ALA C 277 -7.58 33.56 25.74
C ALA C 277 -6.30 33.65 24.91
N VAL C 278 -6.36 33.26 23.63
CA VAL C 278 -5.20 33.33 22.76
C VAL C 278 -4.83 34.78 22.45
N ALA C 279 -5.84 35.64 22.28
CA ALA C 279 -5.56 37.02 21.92
C ALA C 279 -4.69 37.69 22.98
N LEU C 280 -5.04 37.50 24.25
CA LEU C 280 -4.22 37.98 25.35
C LEU C 280 -3.25 36.87 25.75
N PHE C 281 -2.08 37.27 26.25
CA PHE C 281 -1.05 36.38 26.76
C PHE C 281 -0.36 35.58 25.66
N ALA C 282 -0.63 35.88 24.39
CA ALA C 282 0.06 35.22 23.29
C ALA C 282 0.41 36.24 22.22
N GLY C 283 1.41 35.89 21.42
CA GLY C 283 1.92 36.74 20.37
C GLY C 283 3.44 36.71 20.37
N GLU C 284 4.04 37.69 19.69
CA GLU C 284 5.49 37.79 19.60
C GLU C 284 6.09 38.81 20.55
N GLU C 285 5.33 39.84 20.94
CA GLU C 285 5.85 40.83 21.87
C GLU C 285 6.37 40.15 23.12
N GLU C 286 7.44 40.73 23.69
CA GLU C 286 7.97 40.22 24.95
C GLU C 286 6.89 40.22 26.02
N GLY C 287 6.81 39.13 26.77
CA GLY C 287 5.80 38.95 27.78
C GLY C 287 4.61 38.13 27.29
N LYS C 288 4.47 37.98 25.98
CA LYS C 288 3.41 37.15 25.42
C LYS C 288 3.93 35.73 25.32
N PHE C 289 3.20 34.80 25.92
CA PHE C 289 3.65 33.42 25.97
C PHE C 289 3.72 32.83 24.55
N PRO C 290 4.63 31.90 24.32
CA PRO C 290 4.93 31.50 22.93
C PRO C 290 3.79 30.74 22.27
N ALA C 291 3.44 31.18 21.06
CA ALA C 291 2.61 30.44 20.13
C ALA C 291 1.40 29.76 20.79
N SER C 292 1.24 28.46 20.55
CA SER C 292 0.08 27.70 20.99
C SER C 292 0.21 27.16 22.40
N GLU C 293 1.29 27.49 23.14
CA GLU C 293 1.37 27.00 24.50
C GLU C 293 0.17 27.46 25.32
N VAL C 294 -0.24 28.73 25.14
CA VAL C 294 -1.42 29.19 25.84
C VAL C 294 -2.62 28.42 25.35
N LYS C 295 -2.65 28.15 24.05
CA LYS C 295 -3.78 27.46 23.47
C LYS C 295 -3.89 26.07 24.08
N ASP C 296 -2.76 25.43 24.33
CA ASP C 296 -2.86 24.08 24.86
C ASP C 296 -3.07 24.13 26.36
N VAL C 297 -2.62 25.21 26.98
CA VAL C 297 -2.95 25.39 28.38
C VAL C 297 -4.45 25.57 28.50
N PHE C 298 -5.06 26.24 27.52
CA PHE C 298 -6.50 26.39 27.58
C PHE C 298 -7.17 25.03 27.49
N GLY C 299 -6.64 24.14 26.64
CA GLY C 299 -7.18 22.80 26.62
C GLY C 299 -7.09 22.17 27.99
N LEU C 300 -5.94 22.31 28.64
CA LEU C 300 -5.78 21.66 29.93
C LEU C 300 -6.78 22.24 30.92
N LEU C 301 -7.03 23.54 30.81
CA LEU C 301 -7.93 24.18 31.75
C LEU C 301 -9.34 23.65 31.55
N GLU C 302 -9.66 23.24 30.34
CA GLU C 302 -10.94 22.59 30.08
C GLU C 302 -10.98 21.22 30.73
N TYR C 303 -9.94 20.42 30.51
CA TYR C 303 -9.87 19.08 31.08
C TYR C 303 -10.16 19.12 32.57
N ARG C 304 -9.36 19.88 33.32
CA ARG C 304 -9.54 19.93 34.77
C ARG C 304 -10.95 20.35 35.13
N THR C 305 -11.55 21.21 34.31
CA THR C 305 -12.89 21.68 34.63
C THR C 305 -13.89 20.53 34.58
N VAL C 306 -13.92 19.78 33.47
CA VAL C 306 -14.95 18.76 33.33
C VAL C 306 -14.77 17.71 34.39
N ARG C 307 -13.53 17.37 34.71
CA ARG C 307 -13.29 16.32 35.68
C ARG C 307 -13.78 16.78 37.04
N GLU C 308 -13.56 18.05 37.37
CA GLU C 308 -13.96 18.54 38.67
C GLU C 308 -15.48 18.63 38.73
N ASN C 309 -16.12 18.77 37.57
CA ASN C 309 -17.57 18.80 37.53
C ASN C 309 -18.14 17.40 37.74
N ILE C 310 -17.46 16.38 37.21
CA ILE C 310 -17.96 15.02 37.33
C ILE C 310 -17.89 14.55 38.77
N VAL C 311 -16.83 14.93 39.50
CA VAL C 311 -16.61 14.43 40.85
C VAL C 311 -17.38 15.22 41.90
N ASN C 312 -17.92 16.38 41.54
CA ASN C 312 -18.65 17.21 42.48
C ASN C 312 -20.15 16.96 42.46
N GLY C 313 -20.63 16.11 41.55
CA GLY C 313 -22.03 15.75 41.49
C GLY C 313 -22.86 16.59 40.55
N LYS C 314 -22.23 17.42 39.73
CA LYS C 314 -22.95 18.25 38.79
C LYS C 314 -23.21 17.45 37.52
N PRO C 315 -24.12 17.91 36.66
CA PRO C 315 -24.47 17.12 35.49
C PRO C 315 -23.31 16.98 34.51
N ARG C 316 -23.36 15.90 33.75
CA ARG C 316 -22.34 15.59 32.76
C ARG C 316 -22.47 16.54 31.57
N ILE C 317 -21.55 16.41 30.62
CA ILE C 317 -21.53 17.35 29.49
C ILE C 317 -22.82 17.25 28.69
N ASP C 318 -23.37 16.05 28.56
CA ASP C 318 -24.59 15.82 27.80
C ASP C 318 -25.85 16.02 28.63
N GLY C 319 -25.73 16.20 29.94
CA GLY C 319 -26.85 16.44 30.81
C GLY C 319 -27.27 15.25 31.65
N ARG C 320 -26.63 14.11 31.48
CA ARG C 320 -27.00 12.88 32.15
C ARG C 320 -26.38 12.80 33.53
N ASP C 321 -26.96 11.94 34.36
CA ASP C 321 -26.40 11.61 35.66
C ASP C 321 -25.37 10.49 35.47
N THR C 322 -24.70 10.11 36.57
CA THR C 322 -23.66 9.11 36.48
C THR C 322 -24.20 7.70 36.36
N ARG C 323 -25.52 7.52 36.48
CA ARG C 323 -26.14 6.20 36.49
C ARG C 323 -27.22 6.05 35.42
N THR C 324 -27.20 6.89 34.39
CA THR C 324 -28.19 6.84 33.32
C THR C 324 -27.59 6.24 32.06
N VAL C 325 -28.35 5.36 31.41
CA VAL C 325 -27.97 4.76 30.14
C VAL C 325 -28.75 5.45 29.02
N ARG C 326 -28.04 6.00 28.06
CA ARG C 326 -28.63 6.77 26.97
C ARG C 326 -29.80 6.04 26.31
N PRO C 327 -30.76 6.77 25.75
CA PRO C 327 -31.96 6.11 25.20
C PRO C 327 -31.61 5.07 24.13
N LEU C 328 -32.20 3.89 24.26
CA LEU C 328 -31.90 2.78 23.36
C LEU C 328 -33.07 2.58 22.39
N ARG C 329 -32.76 2.42 21.12
CA ARG C 329 -33.75 2.09 20.09
C ARG C 329 -33.24 0.81 19.44
N ILE C 330 -33.95 -0.29 19.67
CA ILE C 330 -33.54 -1.62 19.22
C ILE C 330 -34.47 -2.09 18.11
N GLU C 331 -33.90 -2.67 17.06
CA GLU C 331 -34.69 -3.20 15.95
C GLU C 331 -34.04 -4.47 15.40
N VAL C 332 -34.87 -5.43 15.02
CA VAL C 332 -34.39 -6.71 14.48
C VAL C 332 -35.09 -6.93 13.15
N GLY C 333 -34.35 -7.41 12.16
CA GLY C 333 -34.90 -7.69 10.86
C GLY C 333 -34.96 -6.46 9.98
N VAL C 334 -33.85 -5.72 9.94
CA VAL C 334 -33.82 -4.45 9.22
C VAL C 334 -33.50 -4.62 7.74
N LEU C 335 -32.98 -5.77 7.34
CA LEU C 335 -32.60 -6.05 5.97
C LEU C 335 -33.33 -7.31 5.53
N GLY C 336 -33.76 -7.35 4.27
CA GLY C 336 -34.63 -8.40 3.83
C GLY C 336 -33.97 -9.72 3.49
N LYS C 337 -32.87 -9.69 2.74
CA LYS C 337 -32.25 -10.90 2.23
C LYS C 337 -31.08 -11.38 3.07
N THR C 338 -30.84 -10.74 4.22
CA THR C 338 -29.82 -11.20 5.15
C THR C 338 -30.43 -12.24 6.08
N HIS C 339 -29.60 -13.21 6.48
CA HIS C 339 -30.10 -14.27 7.35
C HIS C 339 -30.54 -13.71 8.70
N GLY C 340 -29.73 -12.83 9.28
CA GLY C 340 -30.12 -12.17 10.52
C GLY C 340 -29.57 -10.76 10.53
N SER C 341 -30.32 -9.84 11.13
CA SER C 341 -29.91 -8.45 11.11
C SER C 341 -30.50 -7.73 12.32
N ALA C 342 -29.81 -6.68 12.75
CA ALA C 342 -30.29 -5.87 13.86
C ALA C 342 -29.65 -4.48 13.77
N LEU C 343 -30.43 -3.48 14.20
CA LEU C 343 -29.96 -2.11 14.33
C LEU C 343 -30.10 -1.74 15.81
N PHE C 344 -28.96 -1.56 16.47
CA PHE C 344 -28.91 -1.20 17.88
C PHE C 344 -28.41 0.23 18.02
N THR C 345 -29.28 1.14 18.43
CA THR C 345 -28.90 2.53 18.68
C THR C 345 -28.88 2.77 20.18
N ARG C 346 -27.79 3.36 20.68
CA ARG C 346 -27.64 3.76 22.08
C ARG C 346 -27.26 5.24 22.06
N GLY C 347 -28.26 6.10 21.97
CA GLY C 347 -27.99 7.52 21.87
C GLY C 347 -27.49 7.83 20.48
N GLU C 348 -26.18 8.05 20.39
CA GLU C 348 -25.50 8.37 19.16
C GLU C 348 -24.49 7.29 18.79
N THR C 349 -24.65 6.08 19.34
CA THR C 349 -23.83 4.94 18.96
C THR C 349 -24.74 3.91 18.30
N GLN C 350 -24.64 3.79 16.99
CA GLN C 350 -25.47 2.86 16.24
C GLN C 350 -24.62 1.74 15.65
N ALA C 351 -25.20 0.54 15.59
CA ALA C 351 -24.53 -0.59 14.99
C ALA C 351 -25.54 -1.40 14.18
N LEU C 352 -25.20 -1.64 12.91
CA LEU C 352 -25.98 -2.50 12.01
C LEU C 352 -25.26 -3.86 11.95
N VAL C 353 -25.68 -4.78 12.81
CA VAL C 353 -25.04 -6.08 12.90
C VAL C 353 -25.81 -7.08 12.04
N VAL C 354 -25.09 -7.80 11.18
CA VAL C 354 -25.68 -8.80 10.30
C VAL C 354 -25.03 -10.15 10.59
N ALA C 355 -25.85 -11.20 10.72
CA ALA C 355 -25.38 -12.56 10.90
C ALA C 355 -25.69 -13.38 9.65
N THR C 356 -24.69 -14.14 9.19
CA THR C 356 -24.81 -15.00 8.02
C THR C 356 -24.38 -16.41 8.38
N LEU C 357 -25.13 -17.40 7.88
CA LEU C 357 -24.88 -18.81 8.12
C LEU C 357 -24.41 -19.46 6.83
N GLY C 358 -23.37 -20.29 6.93
CA GLY C 358 -22.83 -20.99 5.79
C GLY C 358 -22.66 -22.46 6.12
N THR C 359 -21.70 -23.10 5.46
CA THR C 359 -21.47 -24.53 5.63
C THR C 359 -20.06 -24.75 6.18
N ALA C 360 -19.70 -26.02 6.33
CA ALA C 360 -18.37 -26.35 6.86
C ALA C 360 -17.25 -25.87 5.94
N ARG C 361 -17.49 -25.83 4.63
CA ARG C 361 -16.46 -25.37 3.71
C ARG C 361 -16.10 -23.90 3.94
N ASP C 362 -17.05 -23.12 4.46
CA ASP C 362 -16.86 -21.69 4.66
C ASP C 362 -16.12 -21.36 5.96
N ALA C 363 -15.76 -22.36 6.76
CA ALA C 363 -15.02 -22.10 7.99
C ALA C 363 -13.62 -21.58 7.67
N GLN C 364 -13.16 -20.61 8.46
CA GLN C 364 -11.87 -19.99 8.21
C GLN C 364 -10.73 -20.93 8.59
N LEU C 365 -9.72 -21.00 7.73
CA LEU C 365 -8.49 -21.73 8.01
C LEU C 365 -7.47 -20.80 8.62
N LEU C 366 -7.21 -20.94 9.91
CA LEU C 366 -6.19 -20.18 10.61
C LEU C 366 -4.93 -21.01 10.67
N ASP C 367 -3.83 -20.45 10.15
CA ASP C 367 -2.53 -21.10 10.19
C ASP C 367 -1.78 -20.55 11.41
N THR C 368 -2.21 -21.04 12.58
CA THR C 368 -1.61 -20.59 13.82
C THR C 368 -0.25 -21.26 14.03
N LEU C 369 0.53 -20.68 14.95
CA LEU C 369 1.87 -21.19 15.19
C LEU C 369 1.86 -22.64 15.64
N GLU C 370 0.77 -23.07 16.26
CA GLU C 370 0.65 -24.43 16.78
C GLU C 370 0.02 -25.40 15.79
N GLY C 371 -0.34 -24.95 14.60
CA GLY C 371 -0.96 -25.84 13.64
C GLY C 371 -1.97 -25.09 12.78
N GLU C 372 -2.96 -25.83 12.29
CA GLU C 372 -4.05 -25.27 11.51
C GLU C 372 -5.36 -25.55 12.22
N ARG C 373 -6.15 -24.50 12.42
CA ARG C 373 -7.42 -24.59 13.11
C ARG C 373 -8.54 -24.04 12.24
N LYS C 374 -9.66 -24.74 12.19
CA LYS C 374 -10.83 -24.27 11.46
C LYS C 374 -11.72 -23.50 12.42
N ASP C 375 -12.07 -22.28 12.04
CA ASP C 375 -12.92 -21.41 12.84
C ASP C 375 -14.31 -21.36 12.24
N ALA C 376 -15.31 -21.87 12.96
CA ALA C 376 -16.68 -21.87 12.53
C ALA C 376 -17.48 -20.69 13.05
N PHE C 377 -16.83 -19.75 13.72
CA PHE C 377 -17.44 -18.47 14.09
C PHE C 377 -16.44 -17.37 13.86
N MET C 378 -16.87 -16.31 13.18
CA MET C 378 -16.02 -15.14 12.99
C MET C 378 -16.85 -13.89 13.14
N LEU C 379 -16.26 -12.85 13.72
CA LEU C 379 -16.92 -11.56 13.91
C LEU C 379 -16.02 -10.47 13.38
N HIS C 380 -16.54 -9.68 12.45
CA HIS C 380 -15.79 -8.63 11.75
C HIS C 380 -16.44 -7.29 12.06
N TYR C 381 -15.69 -6.42 12.73
CA TYR C 381 -16.16 -5.11 13.14
C TYR C 381 -15.59 -4.06 12.20
N ASN C 382 -16.47 -3.27 11.57
CA ASN C 382 -16.07 -2.20 10.66
C ASN C 382 -16.41 -0.85 11.25
N PHE C 383 -15.43 0.07 11.25
CA PHE C 383 -15.61 1.43 11.77
C PHE C 383 -15.35 2.41 10.63
N PRO C 384 -16.35 2.70 9.80
CA PRO C 384 -16.16 3.65 8.70
C PRO C 384 -16.04 5.07 9.21
N PRO C 385 -15.21 5.91 8.57
CA PRO C 385 -15.06 7.30 9.04
C PRO C 385 -16.36 8.09 9.08
N PHE C 386 -17.35 7.74 8.25
CA PHE C 386 -18.62 8.46 8.28
C PHE C 386 -19.32 8.23 9.61
N SER C 387 -18.95 7.18 10.33
CA SER C 387 -19.54 6.92 11.64
C SER C 387 -19.35 8.12 12.54
N VAL C 388 -18.31 8.92 12.31
CA VAL C 388 -17.98 10.05 13.17
C VAL C 388 -18.06 11.37 12.43
N GLY C 389 -18.58 11.36 11.21
CA GLY C 389 -18.75 12.58 10.45
C GLY C 389 -17.49 13.08 9.78
N GLU C 390 -16.51 12.21 9.55
CA GLU C 390 -15.22 12.60 9.02
C GLU C 390 -14.94 11.86 7.71
N CYS C 391 -13.98 12.39 6.96
CA CYS C 391 -13.50 11.78 5.74
C CYS C 391 -12.16 11.12 6.03
N GLY C 392 -11.94 9.95 5.47
CA GLY C 392 -10.72 9.22 5.77
C GLY C 392 -10.63 7.94 4.97
N ARG C 393 -9.41 7.40 4.94
CA ARG C 393 -9.10 6.19 4.18
C ARG C 393 -10.17 5.14 4.34
N MET C 394 -10.44 4.41 3.26
CA MET C 394 -11.43 3.33 3.19
C MET C 394 -10.73 2.08 2.68
N GLY C 395 -9.98 1.43 3.57
CA GLY C 395 -9.22 0.26 3.18
C GLY C 395 -9.30 -0.90 4.16
N SER C 396 -8.15 -1.56 4.37
CA SER C 396 -8.11 -2.74 5.22
C SER C 396 -8.47 -2.40 6.66
N PRO C 397 -8.91 -3.39 7.43
CA PRO C 397 -9.15 -3.15 8.85
C PRO C 397 -7.86 -2.86 9.60
N GLY C 398 -7.90 -1.85 10.45
CA GLY C 398 -6.76 -1.47 11.26
C GLY C 398 -6.76 -2.14 12.62
N ARG C 399 -5.67 -1.90 13.36
CA ARG C 399 -5.51 -2.50 14.67
C ARG C 399 -6.73 -2.28 15.54
N ARG C 400 -7.23 -1.03 15.51
CA ARG C 400 -8.41 -0.63 16.31
C ARG C 400 -9.58 -1.57 15.99
N GLU C 401 -9.86 -1.86 14.72
CA GLU C 401 -10.99 -2.70 14.34
C GLU C 401 -10.77 -4.15 14.72
N ILE C 402 -9.56 -4.66 14.55
CA ILE C 402 -9.29 -6.04 14.96
C ILE C 402 -9.51 -6.19 16.45
N GLY C 403 -9.06 -5.20 17.23
CA GLY C 403 -9.19 -5.32 18.68
C GLY C 403 -10.63 -5.17 19.14
N HIS C 404 -11.39 -4.27 18.51
CA HIS C 404 -12.77 -4.09 18.93
C HIS C 404 -13.63 -5.27 18.50
N GLY C 405 -13.24 -5.94 17.41
CA GLY C 405 -14.01 -7.09 16.99
C GLY C 405 -13.63 -8.35 17.74
N ARG C 406 -12.41 -8.39 18.29
CA ARG C 406 -12.09 -9.51 19.17
C ARG C 406 -12.71 -9.30 20.55
N LEU C 407 -12.94 -8.04 20.93
CA LEU C 407 -13.64 -7.81 22.19
C LEU C 407 -15.12 -8.16 22.06
N ALA C 408 -15.74 -7.82 20.93
CA ALA C 408 -17.15 -8.20 20.77
C ALA C 408 -17.26 -9.72 20.60
N ARG C 409 -16.28 -10.33 19.95
CA ARG C 409 -16.26 -11.78 19.83
C ARG C 409 -16.18 -12.42 21.21
N ARG C 410 -15.33 -11.87 22.07
CA ARG C 410 -15.17 -12.42 23.41
C ARG C 410 -16.47 -12.26 24.19
N GLY C 411 -17.15 -11.14 24.00
CA GLY C 411 -18.41 -10.91 24.68
C GLY C 411 -19.48 -11.91 24.30
N VAL C 412 -19.56 -12.25 23.01
CA VAL C 412 -20.64 -13.15 22.56
C VAL C 412 -20.20 -14.61 22.47
N ALA C 413 -18.94 -14.93 22.75
CA ALA C 413 -18.43 -16.27 22.51
C ALA C 413 -19.11 -17.32 23.39
N ALA C 414 -19.39 -16.97 24.65
CA ALA C 414 -19.85 -17.98 25.59
C ALA C 414 -21.23 -18.53 25.25
N MET C 415 -22.03 -17.77 24.50
CA MET C 415 -23.40 -18.16 24.21
C MET C 415 -23.54 -18.92 22.90
N LEU C 416 -22.48 -19.12 22.15
CA LEU C 416 -22.63 -19.73 20.85
C LEU C 416 -22.73 -21.25 20.97
N PRO C 417 -23.50 -21.89 20.09
CA PRO C 417 -23.58 -23.36 20.12
C PRO C 417 -22.29 -23.99 19.60
N THR C 418 -22.19 -25.29 19.79
CA THR C 418 -21.08 -26.08 19.29
C THR C 418 -21.48 -26.77 17.99
N GLN C 419 -20.49 -27.36 17.32
CA GLN C 419 -20.74 -27.97 16.02
C GLN C 419 -21.58 -29.24 16.11
N ASP C 420 -21.98 -29.65 17.32
CA ASP C 420 -22.86 -30.79 17.48
C ASP C 420 -24.32 -30.38 17.67
N GLU C 421 -24.57 -29.17 18.15
CA GLU C 421 -25.92 -28.63 18.24
C GLU C 421 -26.27 -27.73 17.07
N PHE C 422 -25.28 -27.20 16.36
CA PHE C 422 -25.52 -26.30 15.23
C PHE C 422 -24.37 -26.45 14.25
N PRO C 423 -24.46 -27.39 13.31
CA PRO C 423 -23.35 -27.65 12.37
C PRO C 423 -23.29 -26.66 11.22
N TYR C 424 -23.07 -25.39 11.55
CA TYR C 424 -22.97 -24.34 10.55
C TYR C 424 -21.85 -23.37 10.92
N THR C 425 -21.40 -22.61 9.92
CA THR C 425 -20.42 -21.57 10.11
C THR C 425 -21.15 -20.23 10.21
N ILE C 426 -20.81 -19.44 11.22
CA ILE C 426 -21.47 -18.18 11.50
C ILE C 426 -20.48 -17.04 11.26
N ARG C 427 -20.91 -16.04 10.51
CA ARG C 427 -20.15 -14.82 10.28
C ARG C 427 -21.01 -13.64 10.71
N VAL C 428 -20.52 -12.86 11.64
CA VAL C 428 -21.24 -11.69 12.15
C VAL C 428 -20.43 -10.46 11.76
N VAL C 429 -21.06 -9.54 11.03
CA VAL C 429 -20.43 -8.31 10.58
C VAL C 429 -21.13 -7.15 11.24
N SER C 430 -20.42 -6.39 12.05
CA SER C 430 -20.96 -5.25 12.78
C SER C 430 -20.50 -3.97 12.10
N GLU C 431 -21.43 -3.24 11.47
CA GLU C 431 -21.12 -2.00 10.78
C GLU C 431 -21.49 -0.84 11.70
N ILE C 432 -20.48 -0.10 12.16
CA ILE C 432 -20.69 1.02 13.06
C ILE C 432 -21.12 2.22 12.22
N THR C 433 -22.43 2.48 12.15
CA THR C 433 -22.93 3.56 11.32
C THR C 433 -22.84 4.91 12.01
N GLU C 434 -22.79 4.92 13.34
CA GLU C 434 -22.56 6.14 14.12
C GLU C 434 -21.75 5.74 15.34
N SER C 435 -20.90 6.66 15.81
CA SER C 435 -20.10 6.39 17.00
C SER C 435 -20.02 7.63 17.86
N ASN C 436 -20.49 7.51 19.11
CA ASN C 436 -20.30 8.53 20.12
C ASN C 436 -20.13 7.88 21.48
N GLY C 437 -19.50 6.71 21.52
CA GLY C 437 -19.34 5.94 22.73
C GLY C 437 -18.66 4.63 22.41
N SER C 438 -18.88 3.60 23.21
CA SER C 438 -18.23 2.31 23.01
C SER C 438 -19.00 1.54 21.94
N SER C 439 -18.52 1.63 20.69
CA SER C 439 -19.16 0.91 19.61
C SER C 439 -19.05 -0.60 19.79
N SER C 440 -18.02 -1.08 20.49
CA SER C 440 -17.84 -2.52 20.65
C SER C 440 -18.95 -3.13 21.49
N MET C 441 -19.58 -2.37 22.37
CA MET C 441 -20.61 -2.93 23.21
C MET C 441 -21.97 -2.86 22.52
N ALA C 442 -22.14 -1.88 21.63
CA ALA C 442 -23.30 -1.91 20.76
C ALA C 442 -23.15 -3.00 19.72
N SER C 443 -21.92 -3.44 19.45
CA SER C 443 -21.73 -4.57 18.56
C SER C 443 -21.95 -5.89 19.29
N VAL C 444 -21.68 -5.94 20.59
CA VAL C 444 -22.06 -7.14 21.34
C VAL C 444 -23.58 -7.27 21.39
N CYS C 445 -24.29 -6.16 21.58
CA CYS C 445 -25.74 -6.26 21.67
C CYS C 445 -26.37 -6.51 20.31
N GLY C 446 -25.83 -5.89 19.26
CA GLY C 446 -26.31 -6.20 17.92
C GLY C 446 -25.98 -7.60 17.49
N ALA C 447 -24.87 -8.16 18.00
CA ALA C 447 -24.53 -9.54 17.66
C ALA C 447 -25.52 -10.49 18.32
N SER C 448 -25.84 -10.26 19.59
CA SER C 448 -26.83 -11.11 20.24
C SER C 448 -28.16 -11.04 19.49
N LEU C 449 -28.61 -9.82 19.17
CA LEU C 449 -29.93 -9.67 18.55
C LEU C 449 -29.95 -10.26 17.14
N ALA C 450 -28.85 -10.14 16.39
CA ALA C 450 -28.81 -10.71 15.05
C ALA C 450 -28.73 -12.23 15.10
N LEU C 451 -28.00 -12.76 16.08
CA LEU C 451 -27.86 -14.21 16.19
C LEU C 451 -29.18 -14.87 16.58
N MET C 452 -30.00 -14.18 17.37
CA MET C 452 -31.32 -14.74 17.67
C MET C 452 -32.34 -14.43 16.58
N ASP C 453 -32.16 -13.33 15.85
CA ASP C 453 -33.05 -13.09 14.72
C ASP C 453 -32.81 -14.07 13.59
N ALA C 454 -31.62 -14.66 13.51
CA ALA C 454 -31.30 -15.61 12.46
C ALA C 454 -31.70 -17.03 12.81
N GLY C 455 -31.99 -17.29 14.09
CA GLY C 455 -32.37 -18.61 14.55
C GLY C 455 -31.24 -19.44 15.12
N VAL C 456 -30.07 -18.85 15.32
CA VAL C 456 -28.96 -19.57 15.94
C VAL C 456 -29.33 -19.91 17.38
N PRO C 457 -29.18 -21.17 17.82
CA PRO C 457 -29.58 -21.49 19.21
C PRO C 457 -28.57 -21.01 20.24
N VAL C 458 -28.49 -19.69 20.41
CA VAL C 458 -27.61 -19.12 21.42
C VAL C 458 -28.21 -19.35 22.79
N LYS C 459 -27.35 -19.58 23.78
CA LYS C 459 -27.84 -19.99 25.09
C LYS C 459 -28.71 -18.92 25.74
N ALA C 460 -28.31 -17.66 25.65
CA ALA C 460 -29.06 -16.60 26.33
C ALA C 460 -28.68 -15.26 25.71
N PRO C 461 -29.48 -14.23 25.93
CA PRO C 461 -29.12 -12.88 25.47
C PRO C 461 -27.92 -12.33 26.23
N VAL C 462 -27.03 -11.66 25.50
CA VAL C 462 -25.83 -11.06 26.06
C VAL C 462 -25.80 -9.60 25.64
N ALA C 463 -25.53 -8.71 26.61
CA ALA C 463 -25.38 -7.28 26.35
C ALA C 463 -24.11 -6.79 27.00
N GLY C 464 -23.66 -5.61 26.61
CA GLY C 464 -22.43 -5.05 27.14
C GLY C 464 -22.59 -3.58 27.44
N ILE C 465 -21.80 -3.11 28.41
CA ILE C 465 -21.81 -1.71 28.80
C ILE C 465 -20.37 -1.22 28.96
N ALA C 466 -20.12 0.00 28.49
CA ALA C 466 -18.84 0.66 28.66
C ALA C 466 -18.95 1.70 29.77
N MET C 467 -18.01 1.66 30.70
CA MET C 467 -18.05 2.46 31.91
C MET C 467 -16.75 3.24 32.05
N GLY C 468 -16.76 4.15 33.03
CA GLY C 468 -15.59 4.95 33.32
C GLY C 468 -15.53 5.27 34.80
N LEU C 469 -14.37 5.78 35.22
CA LEU C 469 -14.18 6.18 36.61
C LEU C 469 -13.20 7.34 36.66
N VAL C 470 -13.67 8.46 37.20
CA VAL C 470 -12.90 9.68 37.42
C VAL C 470 -12.58 9.80 38.90
N LYS C 471 -11.31 9.58 39.26
CA LYS C 471 -10.84 9.76 40.64
C LYS C 471 -10.10 11.08 40.78
N GLU C 472 -10.67 12.01 41.55
CA GLU C 472 -10.06 13.30 41.83
C GLU C 472 -9.64 13.33 43.30
N GLY C 473 -8.48 12.76 43.60
CA GLY C 473 -7.98 12.70 44.96
C GLY C 473 -8.58 11.54 45.73
N GLU C 474 -9.33 11.83 46.79
CA GLU C 474 -9.97 10.79 47.58
C GLU C 474 -11.41 10.55 47.17
N LYS C 475 -11.96 11.40 46.31
CA LYS C 475 -13.30 11.28 45.80
C LYS C 475 -13.25 10.66 44.41
N PHE C 476 -14.24 9.85 44.09
CA PHE C 476 -14.30 9.18 42.80
C PHE C 476 -15.72 9.24 42.27
N ALA C 477 -15.87 8.90 40.99
CA ALA C 477 -17.18 8.91 40.35
C ALA C 477 -17.18 7.90 39.21
N VAL C 478 -18.04 6.89 39.32
CA VAL C 478 -18.23 5.90 38.27
C VAL C 478 -19.28 6.41 37.31
N LEU C 479 -18.91 6.52 36.04
CA LEU C 479 -19.77 7.05 34.99
C LEU C 479 -20.27 5.92 34.11
N THR C 480 -21.59 5.83 33.96
CA THR C 480 -22.23 4.79 33.16
C THR C 480 -22.38 5.26 31.72
N ASP C 481 -22.09 4.36 30.78
CA ASP C 481 -22.27 4.64 29.36
C ASP C 481 -21.44 5.86 28.96
N ILE C 482 -20.11 5.70 29.10
CA ILE C 482 -19.21 6.80 28.81
C ILE C 482 -19.38 7.26 27.37
N LEU C 483 -19.30 8.58 27.16
CA LEU C 483 -19.34 9.16 25.83
C LEU C 483 -17.95 9.15 25.20
N GLY C 484 -17.91 9.47 23.91
CA GLY C 484 -16.64 9.55 23.23
C GLY C 484 -15.78 10.69 23.75
N ASP C 485 -16.42 11.82 24.08
CA ASP C 485 -15.69 12.94 24.65
C ASP C 485 -15.13 12.58 26.02
N GLU C 486 -15.91 11.87 26.84
CA GLU C 486 -15.51 11.49 28.17
C GLU C 486 -14.49 10.37 28.21
N ASP C 487 -14.18 9.76 27.06
CA ASP C 487 -13.25 8.64 27.06
C ASP C 487 -11.86 9.05 27.53
N HIS C 488 -11.42 10.26 27.21
CA HIS C 488 -10.08 10.71 27.59
C HIS C 488 -10.04 11.32 28.99
N LEU C 489 -11.15 11.87 29.47
CA LEU C 489 -11.14 12.50 30.80
C LEU C 489 -11.01 11.47 31.91
N GLY C 490 -11.52 10.27 31.71
CA GLY C 490 -11.55 9.29 32.77
C GLY C 490 -10.17 8.88 33.24
N ASP C 491 -10.16 8.19 34.37
CA ASP C 491 -8.95 7.65 34.95
C ASP C 491 -8.99 6.13 34.93
N MET C 492 -10.11 5.56 34.50
CA MET C 492 -10.25 4.12 34.32
C MET C 492 -11.42 3.89 33.40
N ASP C 493 -11.20 3.28 32.24
CA ASP C 493 -12.29 2.91 31.35
C ASP C 493 -12.39 1.39 31.28
N PHE C 494 -13.54 0.86 31.65
CA PHE C 494 -13.76 -0.59 31.60
C PHE C 494 -14.93 -0.91 30.69
N LYS C 495 -15.04 -2.17 30.28
CA LYS C 495 -16.09 -2.62 29.38
C LYS C 495 -16.54 -4.00 29.83
N VAL C 496 -17.76 -4.09 30.36
CA VAL C 496 -18.28 -5.32 30.94
C VAL C 496 -19.40 -5.86 30.07
N ALA C 497 -19.11 -6.93 29.34
CA ALA C 497 -20.10 -7.68 28.58
C ALA C 497 -20.60 -8.85 29.43
N GLY C 498 -21.81 -9.30 29.15
CA GLY C 498 -22.35 -10.44 29.86
C GLY C 498 -23.84 -10.54 29.75
N THR C 499 -24.35 -11.66 30.25
CA THR C 499 -25.78 -11.92 30.33
C THR C 499 -26.29 -11.52 31.71
N ASP C 500 -27.50 -11.94 32.05
CA ASP C 500 -28.08 -11.64 33.36
C ASP C 500 -27.57 -12.58 34.44
N LYS C 501 -26.80 -13.60 34.08
CA LYS C 501 -26.28 -14.56 35.05
C LYS C 501 -24.83 -14.32 35.41
N GLY C 502 -24.04 -13.74 34.52
CA GLY C 502 -22.64 -13.50 34.82
C GLY C 502 -21.97 -12.74 33.70
N VAL C 503 -20.69 -12.47 33.90
CA VAL C 503 -19.87 -11.69 32.98
C VAL C 503 -19.25 -12.63 31.96
N THR C 504 -19.27 -12.21 30.69
CA THR C 504 -18.69 -13.00 29.61
C THR C 504 -17.45 -12.34 28.99
N ALA C 505 -17.17 -11.09 29.31
CA ALA C 505 -15.97 -10.41 28.86
C ALA C 505 -15.71 -9.23 29.77
N LEU C 506 -14.43 -8.90 29.96
CA LEU C 506 -14.09 -7.75 30.80
C LEU C 506 -12.78 -7.14 30.31
N GLN C 507 -12.82 -5.86 29.93
CA GLN C 507 -11.64 -5.14 29.51
C GLN C 507 -11.47 -3.89 30.37
N MET C 508 -10.41 -3.86 31.17
CA MET C 508 -10.08 -2.71 32.01
C MET C 508 -8.75 -2.12 31.56
N ASP C 509 -8.68 -0.78 31.53
CA ASP C 509 -7.44 -0.05 31.24
C ASP C 509 -7.28 1.06 32.29
N ILE C 510 -6.85 0.67 33.48
CA ILE C 510 -6.58 1.65 34.54
C ILE C 510 -5.37 2.47 34.17
N LYS C 511 -5.40 3.76 34.50
CA LYS C 511 -4.37 4.69 34.09
C LYS C 511 -3.68 5.39 35.26
N ILE C 512 -4.15 5.18 36.50
CA ILE C 512 -3.61 5.84 37.68
C ILE C 512 -3.43 4.80 38.78
N ASN C 513 -2.81 5.23 39.87
CA ASN C 513 -2.69 4.42 41.08
C ASN C 513 -3.70 4.91 42.11
N GLY C 514 -4.30 3.96 42.83
CA GLY C 514 -5.22 4.31 43.90
C GLY C 514 -6.56 3.62 43.83
N ILE C 515 -6.86 2.96 42.72
CA ILE C 515 -8.09 2.21 42.57
C ILE C 515 -7.97 0.90 43.35
N THR C 516 -8.64 0.84 44.49
CA THR C 516 -8.56 -0.32 45.37
C THR C 516 -9.57 -1.38 44.91
N GLU C 517 -9.75 -2.42 45.73
CA GLU C 517 -10.77 -3.42 45.42
C GLU C 517 -12.17 -2.89 45.65
N GLU C 518 -12.34 -1.94 46.57
CA GLU C 518 -13.67 -1.42 46.84
C GLU C 518 -14.18 -0.60 45.68
N ILE C 519 -13.29 0.20 45.06
CA ILE C 519 -13.71 1.02 43.95
C ILE C 519 -14.00 0.15 42.73
N MET C 520 -13.38 -1.03 42.65
CA MET C 520 -13.61 -1.95 41.54
C MET C 520 -14.75 -2.91 41.84
N GLU C 521 -15.30 -2.83 43.05
CA GLU C 521 -16.50 -3.57 43.38
C GLU C 521 -17.71 -2.68 43.15
N ILE C 522 -17.59 -1.41 43.57
CA ILE C 522 -18.64 -0.44 43.29
C ILE C 522 -18.78 -0.22 41.79
N ALA C 523 -17.66 -0.23 41.06
CA ALA C 523 -17.74 0.05 39.63
C ALA C 523 -18.39 -1.12 38.90
N LEU C 524 -18.09 -2.35 39.32
CA LEU C 524 -18.65 -3.49 38.63
C LEU C 524 -20.07 -3.78 39.10
N GLY C 525 -20.49 -3.19 40.22
CA GLY C 525 -21.84 -3.37 40.67
C GLY C 525 -22.71 -2.31 40.06
N GLN C 526 -22.10 -1.23 39.57
CA GLN C 526 -22.86 -0.28 38.77
C GLN C 526 -22.93 -0.73 37.32
N ALA C 527 -21.93 -1.48 36.87
CA ALA C 527 -21.99 -1.99 35.51
C ALA C 527 -22.92 -3.18 35.41
N LEU C 528 -23.15 -3.88 36.53
CA LEU C 528 -24.15 -4.94 36.50
C LEU C 528 -25.54 -4.33 36.33
N GLU C 529 -25.80 -3.23 37.05
CA GLU C 529 -27.11 -2.58 36.94
C GLU C 529 -27.35 -2.07 35.53
N ALA C 530 -26.32 -1.46 34.93
CA ALA C 530 -26.49 -0.94 33.57
C ALA C 530 -26.73 -2.07 32.58
N ARG C 531 -25.95 -3.15 32.70
CA ARG C 531 -26.10 -4.27 31.78
C ARG C 531 -27.46 -4.93 31.93
N LEU C 532 -27.99 -5.00 33.15
CA LEU C 532 -29.28 -5.62 33.35
C LEU C 532 -30.41 -4.74 32.82
N ASN C 533 -30.23 -3.42 32.88
CA ASN C 533 -31.23 -2.54 32.28
C ASN C 533 -31.23 -2.67 30.76
N ILE C 534 -30.04 -2.79 30.16
CA ILE C 534 -29.99 -2.92 28.71
C ILE C 534 -30.53 -4.27 28.28
N LEU C 535 -30.27 -5.32 29.05
CA LEU C 535 -30.85 -6.63 28.73
C LEU C 535 -32.36 -6.62 28.86
N GLY C 536 -32.88 -5.92 29.87
CA GLY C 536 -34.33 -5.83 30.01
C GLY C 536 -34.96 -5.13 28.83
N GLN C 537 -34.34 -4.05 28.36
CA GLN C 537 -34.88 -3.37 27.17
C GLN C 537 -34.75 -4.25 25.92
N MET C 538 -33.65 -5.00 25.82
CA MET C 538 -33.45 -5.85 24.64
C MET C 538 -34.48 -6.97 24.58
N ASN C 539 -34.82 -7.56 25.73
CA ASN C 539 -35.71 -8.72 25.73
C ASN C 539 -37.14 -8.37 25.32
N GLN C 540 -37.48 -7.10 25.24
CA GLN C 540 -38.81 -6.68 24.83
C GLN C 540 -38.98 -6.72 23.31
N VAL C 541 -37.92 -7.02 22.56
CA VAL C 541 -37.96 -7.09 21.11
C VAL C 541 -37.86 -8.53 20.64
N ILE C 542 -36.73 -9.19 20.91
CA ILE C 542 -36.57 -10.61 20.62
C ILE C 542 -35.90 -11.23 21.83
N ALA C 543 -36.57 -12.18 22.47
CA ALA C 543 -36.04 -12.81 23.68
C ALA C 543 -35.30 -14.10 23.36
N LYS C 544 -35.94 -15.02 22.66
CA LYS C 544 -35.38 -16.33 22.36
C LYS C 544 -35.09 -16.45 20.87
N PRO C 545 -34.18 -17.33 20.47
CA PRO C 545 -33.93 -17.54 19.04
C PRO C 545 -35.22 -17.88 18.29
N ARG C 546 -35.25 -17.47 17.02
CA ARG C 546 -36.44 -17.70 16.21
C ARG C 546 -36.79 -19.18 16.14
N ALA C 547 -38.08 -19.44 15.89
CA ALA C 547 -38.60 -20.80 15.92
C ALA C 547 -37.79 -21.73 15.02
N GLU C 548 -37.46 -21.28 13.80
CA GLU C 548 -36.76 -22.13 12.86
C GLU C 548 -35.73 -21.30 12.11
N LEU C 549 -34.74 -22.00 11.55
CA LEU C 549 -33.69 -21.36 10.79
C LEU C 549 -34.30 -20.54 9.66
N SER C 550 -33.71 -19.36 9.40
CA SER C 550 -34.27 -18.44 8.42
C SER C 550 -34.60 -19.19 7.12
N GLU C 551 -35.72 -18.82 6.50
CA GLU C 551 -36.18 -19.59 5.35
C GLU C 551 -35.15 -19.58 4.23
N ASN C 552 -34.51 -18.42 3.99
CA ASN C 552 -33.53 -18.32 2.93
C ASN C 552 -32.21 -18.99 3.31
N ALA C 553 -31.93 -19.13 4.60
CA ALA C 553 -30.69 -19.73 5.05
C ALA C 553 -30.66 -21.22 4.72
N PRO C 554 -29.48 -21.84 4.70
CA PRO C 554 -29.40 -23.28 4.42
C PRO C 554 -29.88 -24.14 5.59
N VAL D 1 -35.37 -9.92 -38.42
CA VAL D 1 -34.17 -9.11 -38.79
C VAL D 1 -33.30 -8.93 -37.54
N PRO D 2 -32.00 -8.60 -37.66
CA PRO D 2 -31.11 -8.33 -36.48
C PRO D 2 -31.48 -7.01 -35.84
N ALA D 3 -30.92 -6.71 -34.67
CA ALA D 3 -31.18 -5.43 -33.97
C ALA D 3 -30.76 -4.27 -34.87
N ASN D 4 -29.60 -4.35 -35.53
CA ASN D 4 -29.10 -3.26 -36.37
C ASN D 4 -30.12 -2.91 -37.44
N ALA D 5 -30.83 -3.91 -37.95
CA ALA D 5 -31.83 -3.66 -38.99
C ALA D 5 -33.02 -2.88 -38.46
N THR D 6 -33.63 -3.37 -37.37
CA THR D 6 -34.81 -2.72 -36.79
C THR D 6 -34.60 -1.22 -36.69
N GLY D 7 -35.70 -0.47 -36.86
CA GLY D 7 -35.67 0.97 -36.89
C GLY D 7 -35.98 1.58 -35.53
N ARG D 8 -36.65 2.73 -35.56
CA ARG D 8 -36.95 3.44 -34.33
C ARG D 8 -37.98 2.68 -33.50
N ALA D 9 -37.59 2.30 -32.28
CA ALA D 9 -38.48 1.56 -31.39
C ALA D 9 -39.71 2.39 -31.03
N LEU D 10 -40.77 1.70 -30.59
CA LEU D 10 -42.02 2.40 -30.32
C LEU D 10 -41.96 3.21 -29.04
N ASN D 11 -41.10 2.87 -28.08
CA ASN D 11 -41.01 3.64 -26.86
C ASN D 11 -39.99 4.77 -26.98
N ASP D 12 -39.22 4.78 -28.06
CA ASP D 12 -38.31 5.86 -28.38
C ASP D 12 -39.02 7.20 -28.21
N PRO D 13 -38.51 8.11 -27.37
CA PRO D 13 -39.26 9.34 -27.13
C PRO D 13 -39.53 10.11 -28.41
N ARG D 14 -38.64 10.02 -29.39
CA ARG D 14 -38.81 10.80 -30.61
C ARG D 14 -39.95 10.23 -31.44
N GLU D 15 -40.16 8.92 -31.36
CA GLU D 15 -41.24 8.31 -32.11
C GLU D 15 -42.57 8.70 -31.49
N LYS D 16 -42.61 8.75 -30.16
CA LYS D 16 -43.83 9.15 -29.48
C LYS D 16 -44.16 10.60 -29.81
N ARG D 17 -43.14 11.46 -29.85
CA ARG D 17 -43.41 12.84 -30.20
C ARG D 17 -43.93 12.97 -31.61
N ARG D 18 -43.32 12.27 -32.58
CA ARG D 18 -43.86 12.32 -33.94
C ARG D 18 -45.31 11.84 -33.97
N LEU D 19 -45.60 10.74 -33.28
CA LEU D 19 -46.96 10.22 -33.27
C LEU D 19 -47.95 11.24 -32.73
N GLN D 20 -47.62 11.86 -31.59
CA GLN D 20 -48.56 12.83 -31.03
C GLN D 20 -48.64 14.06 -31.91
N ARG D 21 -47.59 14.35 -32.69
CA ARG D 21 -47.63 15.48 -33.63
C ARG D 21 -48.56 15.19 -34.78
N GLU D 22 -48.68 13.91 -35.15
CA GLU D 22 -49.62 13.55 -36.21
C GLU D 22 -51.03 13.49 -35.69
N ALA D 23 -51.25 12.91 -34.51
CA ALA D 23 -52.60 12.85 -33.97
C ALA D 23 -53.14 14.23 -33.62
N GLU D 24 -52.30 15.10 -33.07
CA GLU D 24 -52.74 16.45 -32.73
C GLU D 24 -53.03 17.28 -33.98
N ARG D 25 -52.11 17.28 -34.93
CA ARG D 25 -52.25 18.04 -36.17
C ARG D 25 -53.48 17.58 -36.93
#